data_3G5W
#
_entry.id   3G5W
#
_cell.length_a   76.140
_cell.length_b   76.254
_cell.length_c   105.145
_cell.angle_alpha   81.480
_cell.angle_beta   73.380
_cell.angle_gamma   61.840
#
_symmetry.space_group_name_H-M   'P 1'
#
loop_
_entity.id
_entity.type
_entity.pdbx_description
1 polymer 'Multicopper oxidase type 1'
2 non-polymer 'COPPER (II) ION'
3 non-polymer 'CU-O LINKAGE'
4 non-polymer GLYCEROL
5 non-polymer 'CU-O-CU LINKAGE'
6 water water
#
_entity_poly.entity_id   1
_entity_poly.type   'polypeptide(L)'
_entity_poly.pdbx_seq_one_letter_code
;EKREFDLSIEDTRIVLVGKRDFHTFAFNGQVPAPLIHVMEGDDVTVNVTNMTTLPHTIHWHGMLQRGTWQSDGVPHATQH
AIEPGDTFTYKFKAEPAGTMWYHCHVNVNEHVTMRGMWGPLIVEPKNPLPIEKTVTKDYILMLSDWVSSWANKPGEGGIP
GDVFDYYTINAKSFPETQPIRVKKGDVIRLRLIGAGDHVHAIHTHGHISQIAFKDGFPLDKPIKGDTVLIGPGERYDVIL
NMDNPGLWMIHDHVDTHTTNGDKPDGGIMTTIEYEEVGIDHPFYVWKDKKFVPDFYYEESLKKDLGMHNSKVFKGEPI
;
_entity_poly.pdbx_strand_id   A,B,C,D,E,F
#
# COMPACT_ATOMS: atom_id res chain seq x y z
N GLU A 1 22.31 13.32 22.62
CA GLU A 1 23.66 13.54 23.21
C GLU A 1 24.46 14.57 22.41
N LYS A 2 25.32 15.32 23.10
CA LYS A 2 26.18 16.29 22.43
C LYS A 2 27.45 15.61 21.92
N ARG A 3 27.74 15.82 20.64
CA ARG A 3 28.93 15.24 20.02
C ARG A 3 29.70 16.31 19.28
N GLU A 4 31.01 16.38 19.52
CA GLU A 4 31.86 17.38 18.88
C GLU A 4 33.05 16.75 18.17
N PHE A 5 33.17 17.05 16.88
CA PHE A 5 34.22 16.48 16.05
C PHE A 5 35.04 17.59 15.39
N ASP A 6 36.26 17.24 14.99
CA ASP A 6 37.15 18.13 14.26
C ASP A 6 37.48 17.52 12.90
N LEU A 7 37.45 18.36 11.86
CA LEU A 7 37.95 17.96 10.54
C LEU A 7 38.94 18.98 10.00
N SER A 8 40.02 18.48 9.40
CA SER A 8 40.90 19.32 8.60
C SER A 8 40.65 19.00 7.14
N ILE A 9 40.94 19.95 6.25
CA ILE A 9 40.91 19.69 4.81
C ILE A 9 42.35 19.80 4.34
N GLU A 10 42.88 18.70 3.77
CA GLU A 10 44.30 18.64 3.42
C GLU A 10 44.52 18.22 1.97
N ASP A 11 45.51 18.84 1.32
CA ASP A 11 45.99 18.39 0.01
C ASP A 11 46.60 17.00 0.18
N THR A 12 46.04 16.03 -0.54
CA THR A 12 46.30 14.61 -0.29
C THR A 12 46.39 13.81 -1.58
N ARG A 13 47.39 12.94 -1.67
CA ARG A 13 47.53 12.04 -2.81
C ARG A 13 46.89 10.69 -2.49
N ILE A 14 45.99 10.23 -3.35
CA ILE A 14 45.42 8.89 -3.25
C ILE A 14 45.70 8.12 -4.53
N VAL A 15 45.58 6.80 -4.48
CA VAL A 15 45.76 5.93 -5.63
C VAL A 15 44.48 5.14 -5.87
N LEU A 16 43.88 5.30 -7.04
CA LEU A 16 42.62 4.63 -7.36
C LEU A 16 42.84 3.14 -7.63
N VAL A 17 43.75 2.86 -8.57
CA VAL A 17 44.15 1.50 -8.95
C VAL A 17 45.54 1.61 -9.56
N GLY A 18 46.29 0.50 -9.49
CA GLY A 18 47.61 0.43 -10.13
C GLY A 18 48.43 1.66 -9.86
N LYS A 19 48.83 2.34 -10.92
CA LYS A 19 49.64 3.56 -10.84
C LYS A 19 48.81 4.84 -11.01
N ARG A 20 47.49 4.70 -11.09
CA ARG A 20 46.62 5.86 -11.25
C ARG A 20 46.39 6.59 -9.92
N ASP A 21 47.15 7.67 -9.73
CA ASP A 21 47.01 8.51 -8.55
C ASP A 21 46.12 9.72 -8.83
N PHE A 22 45.68 10.39 -7.76
CA PHE A 22 44.86 11.58 -7.89
C PHE A 22 45.15 12.57 -6.78
N HIS A 23 45.12 13.86 -7.11
CA HIS A 23 45.27 14.94 -6.14
C HIS A 23 43.88 15.24 -5.56
N THR A 24 43.77 15.17 -4.23
CA THR A 24 42.49 15.37 -3.55
C THR A 24 42.60 16.42 -2.45
N PHE A 25 41.45 17.01 -2.12
CA PHE A 25 41.32 17.89 -0.96
C PHE A 25 40.54 17.12 0.09
N ALA A 26 41.27 16.35 0.89
CA ALA A 26 40.67 15.29 1.69
C ALA A 26 40.39 15.71 3.13
N PHE A 27 39.18 15.39 3.58
CA PHE A 27 38.84 15.59 4.99
C PHE A 27 39.66 14.61 5.85
N ASN A 28 40.39 15.18 6.81
CA ASN A 28 41.35 14.44 7.66
C ASN A 28 42.34 13.60 6.85
N GLY A 29 42.70 14.09 5.66
CA GLY A 29 43.66 13.42 4.79
C GLY A 29 43.27 12.03 4.30
N GLN A 30 41.97 11.73 4.27
CA GLN A 30 41.47 10.44 3.80
C GLN A 30 40.31 10.57 2.82
N VAL A 31 40.20 9.60 1.91
CA VAL A 31 39.09 9.54 0.93
C VAL A 31 38.61 8.08 0.83
N PRO A 32 37.33 7.81 1.14
CA PRO A 32 36.29 8.71 1.65
C PRO A 32 36.67 9.35 2.98
N ALA A 33 36.01 10.45 3.30
CA ALA A 33 36.20 11.17 4.55
C ALA A 33 35.79 10.30 5.74
N PRO A 34 36.15 10.71 6.97
CA PRO A 34 35.78 9.97 8.18
C PRO A 34 34.28 9.65 8.32
N LEU A 35 34.00 8.43 8.76
CA LEU A 35 32.64 8.04 9.06
C LEU A 35 32.14 8.82 10.27
N ILE A 36 31.02 9.51 10.09
CA ILE A 36 30.31 10.11 11.20
C ILE A 36 29.09 9.24 11.49
N HIS A 37 29.09 8.65 12.69
CA HIS A 37 28.08 7.69 13.06
C HIS A 37 27.47 8.11 14.40
N VAL A 38 26.23 8.58 14.32
CA VAL A 38 25.54 9.23 15.43
C VAL A 38 24.10 8.74 15.57
N MET A 39 23.50 9.04 16.72
CA MET A 39 22.10 8.70 16.97
C MET A 39 21.18 9.84 16.51
N GLU A 40 20.03 9.48 15.95
CA GLU A 40 18.96 10.43 15.67
C GLU A 40 18.69 11.32 16.88
N GLY A 41 18.68 12.63 16.67
CA GLY A 41 18.45 13.59 17.74
C GLY A 41 19.72 14.10 18.43
N ASP A 42 20.87 13.50 18.12
CA ASP A 42 22.14 13.98 18.68
C ASP A 42 22.41 15.40 18.21
N ASP A 43 23.02 16.20 19.08
CA ASP A 43 23.42 17.55 18.74
C ASP A 43 24.87 17.53 18.32
N VAL A 44 25.09 17.73 17.03
CA VAL A 44 26.40 17.57 16.41
C VAL A 44 27.05 18.92 16.23
N THR A 45 28.34 19.00 16.59
CA THR A 45 29.18 20.16 16.32
C THR A 45 30.42 19.70 15.54
N VAL A 46 30.67 20.33 14.39
CA VAL A 46 31.84 19.98 13.60
C VAL A 46 32.69 21.20 13.32
N ASN A 47 33.93 21.19 13.82
CA ASN A 47 34.89 22.26 13.57
C ASN A 47 35.73 21.90 12.36
N VAL A 48 35.63 22.72 11.31
CA VAL A 48 36.28 22.44 10.03
C VAL A 48 37.39 23.45 9.72
N THR A 49 38.63 22.98 9.69
CA THR A 49 39.80 23.82 9.40
C THR A 49 40.35 23.58 8.00
N ASN A 50 40.40 24.64 7.21
CA ASN A 50 40.83 24.54 5.82
C ASN A 50 42.35 24.70 5.69
N MET A 51 43.04 23.59 5.43
CA MET A 51 44.50 23.60 5.32
C MET A 51 44.99 23.52 3.86
N THR A 52 44.10 23.82 2.92
CA THR A 52 44.44 23.87 1.51
C THR A 52 44.57 25.33 1.07
N THR A 53 44.70 25.55 -0.24
CA THR A 53 44.85 26.90 -0.78
C THR A 53 43.62 27.36 -1.57
N LEU A 54 42.54 26.60 -1.48
CA LEU A 54 41.28 26.94 -2.12
C LEU A 54 40.15 26.98 -1.07
N PRO A 55 39.06 27.72 -1.35
CA PRO A 55 37.94 27.76 -0.41
C PRO A 55 37.07 26.52 -0.50
N HIS A 56 36.45 26.15 0.62
CA HIS A 56 35.62 24.96 0.72
C HIS A 56 34.47 25.22 1.69
N THR A 57 33.53 24.28 1.73
CA THR A 57 32.50 24.21 2.78
C THR A 57 32.23 22.74 3.07
N ILE A 58 31.35 22.47 4.02
CA ILE A 58 30.76 21.14 4.13
C ILE A 58 29.25 21.24 4.18
N HIS A 59 28.62 20.60 3.21
CA HIS A 59 27.19 20.49 3.20
C HIS A 59 26.79 19.11 3.72
N TRP A 60 25.79 19.07 4.58
CA TRP A 60 25.35 17.84 5.22
C TRP A 60 24.09 17.35 4.50
N HIS A 61 24.33 16.54 3.47
CA HIS A 61 23.27 16.11 2.54
C HIS A 61 22.31 15.14 3.20
N GLY A 62 21.08 15.59 3.37
CA GLY A 62 20.05 14.79 4.06
C GLY A 62 19.69 15.35 5.42
N MET A 63 20.54 16.22 5.95
CA MET A 63 20.24 16.90 7.20
C MET A 63 19.25 18.04 6.91
N LEU A 64 18.11 18.00 7.58
CA LEU A 64 17.03 18.98 7.41
C LEU A 64 17.43 20.38 7.86
N GLN A 65 18.37 20.47 8.80
CA GLN A 65 18.84 21.76 9.34
C GLN A 65 17.66 22.62 9.84
N ARG A 66 16.82 22.03 10.69
CA ARG A 66 15.64 22.72 11.20
C ARG A 66 16.05 23.86 12.13
N GLY A 67 15.80 25.09 11.68
CA GLY A 67 16.24 26.28 12.39
C GLY A 67 17.74 26.54 12.35
N THR A 68 18.48 25.73 11.59
CA THR A 68 19.94 25.84 11.56
C THR A 68 20.49 26.03 10.13
N TRP A 69 19.74 26.78 9.31
CA TRP A 69 20.12 26.98 7.90
C TRP A 69 21.53 27.53 7.68
N GLN A 70 22.04 28.31 8.61
CA GLN A 70 23.40 28.84 8.47
C GLN A 70 24.50 27.81 8.70
N SER A 71 24.09 26.56 8.97
CA SER A 71 25.01 25.42 9.01
C SER A 71 24.81 24.46 7.82
N ASP A 72 24.05 24.89 6.82
CA ASP A 72 23.76 24.05 5.64
C ASP A 72 24.96 23.90 4.68
N GLY A 73 25.93 24.80 4.79
CA GLY A 73 27.19 24.65 4.08
C GLY A 73 27.21 24.98 2.59
N VAL A 74 26.43 25.98 2.19
CA VAL A 74 26.40 26.40 0.80
C VAL A 74 27.04 27.78 0.69
N PRO A 75 28.15 27.87 -0.07
CA PRO A 75 28.80 29.16 -0.21
C PRO A 75 27.91 30.08 -1.01
N HIS A 76 27.89 31.37 -0.66
CA HIS A 76 27.09 32.39 -1.34
C HIS A 76 25.57 32.20 -1.17
N ALA A 77 25.18 31.36 -0.20
CA ALA A 77 23.77 31.17 0.16
C ALA A 77 23.53 31.07 1.67
N THR A 78 24.39 30.33 2.38
CA THR A 78 24.21 30.16 3.82
C THR A 78 25.45 30.57 4.63
N GLN A 79 26.55 30.80 3.92
CA GLN A 79 27.80 31.26 4.53
C GLN A 79 28.74 31.82 3.48
N HIS A 80 29.76 32.55 3.95
CA HIS A 80 30.96 32.77 3.15
C HIS A 80 31.73 31.45 3.18
N ALA A 81 32.35 31.08 2.07
CA ALA A 81 33.20 29.88 2.00
C ALA A 81 34.30 29.93 3.06
N ILE A 82 34.77 28.77 3.49
CA ILE A 82 35.88 28.69 4.44
C ILE A 82 37.19 28.95 3.70
N GLU A 83 37.80 30.10 3.97
CA GLU A 83 39.03 30.48 3.29
C GLU A 83 40.22 29.71 3.86
N PRO A 84 41.30 29.57 3.07
CA PRO A 84 42.48 28.84 3.54
C PRO A 84 42.96 29.34 4.89
N GLY A 85 43.21 28.41 5.82
CA GLY A 85 43.71 28.73 7.14
C GLY A 85 42.63 28.98 8.19
N ASP A 86 41.39 29.19 7.74
CA ASP A 86 40.29 29.52 8.66
C ASP A 86 39.56 28.28 9.16
N THR A 87 38.87 28.44 10.29
CA THR A 87 38.07 27.37 10.89
C THR A 87 36.61 27.82 10.99
N PHE A 88 35.70 26.97 10.51
CA PHE A 88 34.27 27.25 10.55
C PHE A 88 33.58 26.12 11.32
N THR A 89 32.62 26.48 12.16
CA THR A 89 31.93 25.49 12.98
C THR A 89 30.49 25.28 12.53
N TYR A 90 30.15 24.02 12.24
CA TYR A 90 28.78 23.61 11.92
C TYR A 90 28.10 23.02 13.15
N LYS A 91 26.85 23.44 13.38
CA LYS A 91 26.05 22.96 14.50
C LYS A 91 24.67 22.56 14.01
N PHE A 92 24.33 21.29 14.16
CA PHE A 92 23.03 20.79 13.71
C PHE A 92 22.57 19.61 14.53
N LYS A 93 21.26 19.40 14.58
CA LYS A 93 20.68 18.19 15.16
C LYS A 93 20.71 17.10 14.08
N ALA A 94 21.08 15.88 14.48
CA ALA A 94 21.14 14.77 13.52
C ALA A 94 19.73 14.26 13.25
N GLU A 95 19.17 14.70 12.13
CA GLU A 95 17.81 14.33 11.74
C GLU A 95 17.56 14.69 10.26
N PRO A 96 16.81 13.82 9.55
CA PRO A 96 16.22 12.56 10.02
C PRO A 96 17.25 11.43 10.10
N ALA A 97 16.80 10.24 10.48
CA ALA A 97 17.66 9.06 10.50
C ALA A 97 17.92 8.54 9.09
N GLY A 98 18.99 7.78 8.91
CA GLY A 98 19.23 7.11 7.63
C GLY A 98 20.64 7.27 7.09
N THR A 99 20.84 6.76 5.88
CA THR A 99 22.10 6.88 5.16
C THR A 99 22.18 8.26 4.55
N MET A 100 22.99 9.11 5.18
CA MET A 100 23.22 10.45 4.66
C MET A 100 24.70 10.57 4.30
N TRP A 101 25.09 11.73 3.80
CA TRP A 101 26.50 11.96 3.49
C TRP A 101 26.84 13.43 3.55
N TYR A 102 28.13 13.72 3.47
CA TYR A 102 28.59 15.09 3.50
C TYR A 102 29.63 15.31 2.43
N HIS A 103 29.65 16.53 1.90
CA HIS A 103 30.56 16.88 0.83
C HIS A 103 30.73 18.38 0.76
N CYS A 104 31.80 18.80 0.09
CA CYS A 104 32.01 20.21 -0.17
C CYS A 104 30.93 20.69 -1.12
N HIS A 105 30.57 21.97 -1.03
CA HIS A 105 29.60 22.56 -1.96
C HIS A 105 30.19 23.73 -2.77
N VAL A 106 31.53 23.82 -2.79
CA VAL A 106 32.24 24.79 -3.63
C VAL A 106 32.63 24.10 -4.94
N ASN A 107 32.39 24.77 -6.07
CA ASN A 107 32.85 24.25 -7.37
C ASN A 107 32.71 22.73 -7.49
N VAL A 108 31.50 22.23 -7.24
CA VAL A 108 31.29 20.79 -7.07
C VAL A 108 31.68 19.96 -8.29
N ASN A 109 31.50 20.52 -9.49
CA ASN A 109 31.93 19.89 -10.73
C ASN A 109 33.39 19.42 -10.71
N GLU A 110 34.22 20.09 -9.89
CA GLU A 110 35.58 19.63 -9.61
C GLU A 110 35.74 18.99 -8.22
N HIS A 111 35.34 19.73 -7.19
CA HIS A 111 35.66 19.35 -5.79
C HIS A 111 35.04 18.03 -5.34
N VAL A 112 33.76 17.84 -5.66
CA VAL A 112 33.05 16.60 -5.29
C VAL A 112 33.37 15.50 -6.31
N THR A 113 33.16 15.79 -7.59
CA THR A 113 33.39 14.82 -8.66
C THR A 113 34.79 14.19 -8.64
N MET A 114 35.84 15.00 -8.49
CA MET A 114 37.20 14.48 -8.64
C MET A 114 38.25 14.91 -7.60
N ARG A 115 37.83 15.51 -6.49
CA ARG A 115 38.81 15.85 -5.43
C ARG A 115 38.53 15.13 -4.12
N GLY A 116 37.64 14.13 -4.17
CA GLY A 116 37.36 13.25 -3.03
C GLY A 116 36.79 13.91 -1.78
N MET A 117 36.05 15.01 -1.96
CA MET A 117 35.53 15.77 -0.82
C MET A 117 34.16 15.26 -0.39
N TRP A 118 34.13 14.05 0.15
CA TRP A 118 32.88 13.38 0.54
C TRP A 118 33.13 12.23 1.51
N GLY A 119 32.15 11.99 2.37
CA GLY A 119 32.19 10.90 3.32
C GLY A 119 30.79 10.59 3.78
N PRO A 120 30.62 9.48 4.54
CA PRO A 120 29.29 9.05 4.97
C PRO A 120 28.84 9.60 6.32
N LEU A 121 27.56 9.92 6.42
CA LEU A 121 26.98 10.36 7.69
C LEU A 121 25.84 9.39 8.01
N ILE A 122 26.10 8.47 8.92
CA ILE A 122 25.11 7.45 9.25
C ILE A 122 24.38 7.82 10.54
N VAL A 123 23.09 8.09 10.41
CA VAL A 123 22.26 8.48 11.54
C VAL A 123 21.37 7.31 11.91
N GLU A 124 21.64 6.72 13.07
CA GLU A 124 20.88 5.57 13.56
C GLU A 124 19.52 6.03 14.06
N PRO A 125 18.45 5.31 13.67
CA PRO A 125 17.12 5.66 14.20
C PRO A 125 17.00 5.24 15.66
N LYS A 126 16.26 6.01 16.46
CA LYS A 126 16.03 5.64 17.86
C LYS A 126 15.21 4.35 17.98
N ASN A 127 14.28 4.19 17.04
CA ASN A 127 13.48 2.97 16.93
C ASN A 127 13.56 2.37 15.51
N PRO A 128 14.55 1.49 15.29
CA PRO A 128 14.72 0.87 13.97
C PRO A 128 13.53 -0.02 13.61
N LEU A 129 13.22 -0.09 12.32
CA LEU A 129 12.15 -0.94 11.81
C LEU A 129 12.54 -2.42 11.91
N PRO A 130 11.55 -3.32 11.96
CA PRO A 130 11.85 -4.77 12.04
C PRO A 130 12.88 -5.26 11.01
N ILE A 131 12.76 -4.83 9.75
CA ILE A 131 13.74 -5.22 8.72
C ILE A 131 15.18 -4.84 9.08
N GLU A 132 15.37 -3.64 9.64
CA GLU A 132 16.70 -3.18 10.08
C GLU A 132 17.29 -4.06 11.18
N LYS A 133 16.44 -4.60 12.05
CA LYS A 133 16.89 -5.44 13.15
C LYS A 133 17.38 -6.82 12.70
N THR A 134 16.97 -7.25 11.50
CA THR A 134 17.44 -8.52 10.93
C THR A 134 18.87 -8.44 10.38
N VAL A 135 19.35 -7.22 10.14
CA VAL A 135 20.67 -7.00 9.54
C VAL A 135 21.79 -7.45 10.47
N THR A 136 22.70 -8.27 9.94
CA THR A 136 23.84 -8.74 10.73
C THR A 136 25.15 -8.01 10.39
N LYS A 137 25.25 -7.47 9.18
CA LYS A 137 26.45 -6.74 8.72
C LYS A 137 26.05 -5.53 7.84
N ASP A 138 26.73 -4.40 8.05
CA ASP A 138 26.35 -3.14 7.46
C ASP A 138 27.55 -2.59 6.66
N TYR A 139 27.31 -2.23 5.41
CA TYR A 139 28.37 -1.83 4.45
C TYR A 139 28.05 -0.49 3.77
N ILE A 140 29.05 0.36 3.63
CA ILE A 140 28.90 1.65 2.95
C ILE A 140 29.67 1.57 1.63
N LEU A 141 28.98 1.78 0.51
CA LEU A 141 29.62 1.84 -0.81
C LEU A 141 29.36 3.18 -1.47
N MET A 142 30.39 4.02 -1.53
CA MET A 142 30.29 5.33 -2.16
C MET A 142 30.84 5.26 -3.59
N LEU A 143 30.00 5.61 -4.55
CA LEU A 143 30.31 5.43 -5.97
C LEU A 143 30.75 6.75 -6.59
N SER A 144 31.90 6.72 -7.27
CA SER A 144 32.49 7.94 -7.84
C SER A 144 33.01 7.71 -9.24
N ASP A 145 33.02 8.79 -10.04
CA ASP A 145 33.50 8.77 -11.43
C ASP A 145 34.59 9.84 -11.58
N TRP A 146 35.72 9.46 -12.20
CA TRP A 146 36.90 10.32 -12.21
C TRP A 146 37.37 10.63 -13.63
N VAL A 147 37.94 11.82 -13.82
CA VAL A 147 38.53 12.26 -15.09
C VAL A 147 40.05 12.38 -14.92
N SER A 148 40.79 11.38 -15.40
CA SER A 148 42.23 11.29 -15.10
C SER A 148 43.09 12.42 -15.69
N SER A 149 42.59 13.09 -16.72
CA SER A 149 43.32 14.22 -17.33
C SER A 149 43.52 15.37 -16.33
N TRP A 150 42.71 15.41 -15.27
CA TRP A 150 42.84 16.45 -14.24
C TRP A 150 43.46 15.93 -12.94
N ALA A 151 43.93 14.69 -12.94
CA ALA A 151 44.42 14.02 -11.74
C ALA A 151 45.35 14.91 -10.93
N ASN A 152 46.33 15.50 -11.61
CA ASN A 152 47.33 16.30 -10.93
C ASN A 152 47.25 17.78 -11.25
N LYS A 153 46.03 18.26 -11.46
CA LYS A 153 45.77 19.66 -11.76
C LYS A 153 44.71 20.26 -10.83
N PRO A 154 45.03 20.40 -9.53
CA PRO A 154 44.08 20.94 -8.55
C PRO A 154 43.63 22.35 -8.91
N GLY A 155 42.34 22.63 -8.75
CA GLY A 155 41.78 23.91 -9.14
C GLY A 155 41.28 23.92 -10.58
N GLU A 156 41.47 22.80 -11.28
CA GLU A 156 41.00 22.65 -12.65
C GLU A 156 40.17 21.37 -12.81
N GLY A 157 39.29 21.37 -13.81
CA GLY A 157 38.52 20.17 -14.15
C GLY A 157 37.02 20.27 -13.99
N GLY A 158 36.30 19.29 -14.54
CA GLY A 158 34.86 19.24 -14.42
C GLY A 158 34.17 20.16 -15.42
N ILE A 159 34.64 20.11 -16.66
CA ILE A 159 34.16 21.01 -17.72
C ILE A 159 33.81 20.23 -18.99
N PRO A 160 33.00 20.85 -19.90
CA PRO A 160 32.66 20.20 -21.16
C PRO A 160 33.88 19.71 -21.93
N GLY A 161 33.80 18.48 -22.43
CA GLY A 161 34.89 17.83 -23.14
C GLY A 161 35.64 16.80 -22.29
N ASP A 162 35.40 16.82 -20.98
CA ASP A 162 36.04 15.87 -20.08
C ASP A 162 35.75 14.42 -20.47
N VAL A 163 36.75 13.57 -20.31
CA VAL A 163 36.59 12.16 -20.60
C VAL A 163 36.73 11.37 -19.30
N PHE A 164 35.62 10.81 -18.84
CA PHE A 164 35.63 10.01 -17.61
C PHE A 164 36.29 8.68 -17.94
N ASP A 165 37.18 8.20 -17.06
CA ASP A 165 37.90 6.98 -17.36
C ASP A 165 38.24 6.08 -16.16
N TYR A 166 37.93 6.53 -14.94
CA TYR A 166 38.06 5.68 -13.75
C TYR A 166 36.81 5.75 -12.89
N TYR A 167 36.45 4.60 -12.31
CA TYR A 167 35.21 4.46 -11.55
C TYR A 167 35.52 3.68 -10.28
N THR A 168 35.04 4.17 -9.15
CA THR A 168 35.48 3.62 -7.86
C THR A 168 34.33 3.32 -6.88
N ILE A 169 34.56 2.32 -6.02
CA ILE A 169 33.79 2.16 -4.77
C ILE A 169 34.73 2.58 -3.65
N ASN A 170 34.34 3.59 -2.88
CA ASN A 170 35.19 4.14 -1.80
C ASN A 170 36.61 4.44 -2.28
N ALA A 171 36.69 5.08 -3.44
CA ALA A 171 37.95 5.56 -4.03
C ALA A 171 38.95 4.48 -4.47
N LYS A 172 38.50 3.23 -4.60
CA LYS A 172 39.28 2.20 -5.30
C LYS A 172 38.54 1.57 -6.46
N SER A 173 39.28 1.24 -7.52
CA SER A 173 38.73 0.44 -8.61
C SER A 173 39.12 -1.02 -8.42
N PHE A 174 38.25 -1.92 -8.87
CA PHE A 174 38.59 -3.31 -9.02
C PHE A 174 39.84 -3.39 -9.92
N PRO A 175 40.79 -4.30 -9.63
CA PRO A 175 40.78 -5.33 -8.57
C PRO A 175 41.29 -4.92 -7.19
N GLU A 176 41.32 -3.62 -6.90
CA GLU A 176 41.81 -3.16 -5.60
C GLU A 176 40.71 -2.80 -4.59
N THR A 177 39.47 -3.13 -4.95
CA THR A 177 38.36 -3.17 -4.00
C THR A 177 38.52 -4.39 -3.09
N GLN A 178 37.60 -4.57 -2.14
CA GLN A 178 37.67 -5.69 -1.21
C GLN A 178 36.43 -6.58 -1.29
N PRO A 179 36.61 -7.91 -1.13
CA PRO A 179 35.43 -8.77 -1.13
C PRO A 179 34.57 -8.51 0.09
N ILE A 180 33.26 -8.70 -0.06
CA ILE A 180 32.32 -8.66 1.06
C ILE A 180 32.23 -10.09 1.56
N ARG A 181 32.68 -10.34 2.79
CA ARG A 181 32.79 -11.71 3.29
C ARG A 181 31.66 -12.04 4.25
N VAL A 182 30.95 -13.12 3.95
CA VAL A 182 29.74 -13.50 4.68
C VAL A 182 29.69 -14.99 4.97
N LYS A 183 28.69 -15.40 5.75
CA LYS A 183 28.36 -16.82 5.89
C LYS A 183 26.85 -16.99 5.73
N LYS A 184 26.42 -18.22 5.49
CA LYS A 184 24.99 -18.51 5.32
C LYS A 184 24.21 -18.08 6.56
N GLY A 185 23.07 -17.43 6.35
CA GLY A 185 22.27 -16.89 7.44
C GLY A 185 22.48 -15.42 7.73
N ASP A 186 23.57 -14.85 7.21
CA ASP A 186 23.83 -13.41 7.34
C ASP A 186 22.77 -12.62 6.59
N VAL A 187 22.55 -11.39 7.02
CA VAL A 187 21.69 -10.46 6.30
C VAL A 187 22.49 -9.18 6.21
N ILE A 188 22.81 -8.77 4.99
CA ILE A 188 23.65 -7.58 4.82
C ILE A 188 22.85 -6.38 4.32
N ARG A 189 23.28 -5.20 4.74
CA ARG A 189 22.71 -3.95 4.32
C ARG A 189 23.80 -3.22 3.56
N LEU A 190 23.58 -3.02 2.26
CA LEU A 190 24.48 -2.21 1.45
C LEU A 190 23.93 -0.79 1.32
N ARG A 191 24.68 0.16 1.89
CA ARG A 191 24.28 1.56 1.82
C ARG A 191 24.97 2.20 0.61
N LEU A 192 24.24 2.31 -0.50
CA LEU A 192 24.80 2.83 -1.75
C LEU A 192 24.63 4.33 -1.78
N ILE A 193 25.73 5.05 -2.04
CA ILE A 193 25.70 6.50 -2.10
C ILE A 193 26.22 6.96 -3.47
N GLY A 194 25.39 7.71 -4.18
CA GLY A 194 25.75 8.23 -5.50
C GLY A 194 26.56 9.50 -5.37
N ALA A 195 27.85 9.35 -5.10
CA ALA A 195 28.74 10.48 -4.89
C ALA A 195 29.23 11.07 -6.21
N GLY A 196 29.00 10.34 -7.30
CA GLY A 196 29.56 10.70 -8.60
C GLY A 196 28.65 11.48 -9.51
N ASP A 197 29.13 11.70 -10.73
CA ASP A 197 28.44 12.51 -11.73
C ASP A 197 27.49 11.68 -12.60
N HIS A 198 27.71 10.37 -12.61
CA HIS A 198 26.98 9.44 -13.47
C HIS A 198 25.94 8.65 -12.68
N VAL A 199 24.93 8.17 -13.40
CA VAL A 199 24.02 7.15 -12.90
C VAL A 199 24.78 5.81 -12.87
N HIS A 200 24.56 5.02 -11.82
CA HIS A 200 25.14 3.70 -11.71
C HIS A 200 24.01 2.69 -11.60
N ALA A 201 24.23 1.49 -12.13
CA ALA A 201 23.24 0.40 -12.09
C ALA A 201 23.83 -0.80 -11.34
N ILE A 202 23.63 -0.84 -10.03
CA ILE A 202 24.33 -1.82 -9.20
C ILE A 202 23.60 -3.15 -9.21
N HIS A 203 24.27 -4.14 -9.78
CA HIS A 203 23.71 -5.47 -9.95
C HIS A 203 24.43 -6.50 -9.06
N THR A 204 23.66 -7.29 -8.31
CA THR A 204 24.21 -8.34 -7.45
C THR A 204 23.76 -9.74 -7.91
N HIS A 205 24.74 -10.60 -8.19
CA HIS A 205 24.48 -11.99 -8.61
C HIS A 205 24.01 -12.86 -7.45
N GLY A 206 23.17 -13.86 -7.77
CA GLY A 206 22.82 -14.93 -6.84
C GLY A 206 21.86 -14.62 -5.70
N HIS A 207 21.39 -13.38 -5.62
CA HIS A 207 20.57 -12.92 -4.51
C HIS A 207 19.47 -11.99 -4.96
N ILE A 208 18.44 -11.86 -4.13
CA ILE A 208 17.39 -10.87 -4.36
C ILE A 208 17.75 -9.56 -3.65
N SER A 209 17.90 -8.49 -4.43
CA SER A 209 18.06 -7.15 -3.86
C SER A 209 16.74 -6.64 -3.34
N GLN A 210 16.67 -6.36 -2.04
CA GLN A 210 15.51 -5.71 -1.45
C GLN A 210 15.85 -4.23 -1.28
N ILE A 211 15.32 -3.40 -2.17
CA ILE A 211 15.55 -1.96 -2.11
C ILE A 211 14.63 -1.41 -1.03
N ALA A 212 15.18 -1.14 0.14
CA ALA A 212 14.37 -0.88 1.35
C ALA A 212 14.29 0.58 1.81
N PHE A 213 15.30 1.38 1.45
CA PHE A 213 15.33 2.79 1.82
C PHE A 213 15.81 3.64 0.64
N LYS A 214 15.21 4.82 0.47
CA LYS A 214 15.69 5.83 -0.47
C LYS A 214 15.93 7.11 0.29
N ASP A 215 17.10 7.71 0.07
CA ASP A 215 17.50 8.97 0.71
C ASP A 215 17.26 8.95 2.23
N GLY A 216 17.48 7.80 2.85
CA GLY A 216 17.32 7.66 4.29
C GLY A 216 15.96 7.18 4.72
N PHE A 217 14.93 7.42 3.90
CA PHE A 217 13.54 7.10 4.26
C PHE A 217 13.12 5.71 3.83
N PRO A 218 12.43 4.97 4.72
CA PRO A 218 11.96 3.64 4.36
C PRO A 218 10.87 3.69 3.30
N LEU A 219 11.01 2.85 2.27
CA LEU A 219 9.96 2.71 1.29
C LEU A 219 8.81 1.97 1.96
N ASP A 220 7.57 2.28 1.57
CA ASP A 220 6.40 1.61 2.17
C ASP A 220 6.54 0.08 2.22
N LYS A 221 6.99 -0.50 1.11
CA LYS A 221 7.39 -1.90 1.04
C LYS A 221 8.67 -1.98 0.18
N PRO A 222 9.68 -2.79 0.60
CA PRO A 222 10.88 -2.90 -0.23
C PRO A 222 10.58 -3.37 -1.66
N ILE A 223 11.30 -2.81 -2.63
CA ILE A 223 11.17 -3.23 -4.02
C ILE A 223 12.16 -4.35 -4.30
N LYS A 224 11.66 -5.47 -4.80
CA LYS A 224 12.50 -6.62 -5.11
C LYS A 224 13.05 -6.54 -6.54
N GLY A 225 14.31 -6.90 -6.68
CA GLY A 225 14.93 -7.00 -8.00
C GLY A 225 16.35 -7.47 -7.92
N ASP A 226 17.15 -7.13 -8.93
CA ASP A 226 18.55 -7.51 -8.94
C ASP A 226 19.50 -6.39 -9.37
N THR A 227 18.93 -5.30 -9.90
CA THR A 227 19.71 -4.15 -10.37
C THR A 227 19.08 -2.85 -9.86
N VAL A 228 19.90 -2.05 -9.18
CA VAL A 228 19.47 -0.81 -8.56
C VAL A 228 20.04 0.38 -9.34
N LEU A 229 19.16 1.13 -10.01
CA LEU A 229 19.58 2.33 -10.72
C LEU A 229 19.67 3.49 -9.74
N ILE A 230 20.87 4.02 -9.55
CA ILE A 230 21.13 5.06 -8.56
C ILE A 230 21.83 6.29 -9.18
N GLY A 231 21.22 7.46 -8.99
CA GLY A 231 21.69 8.70 -9.61
C GLY A 231 22.42 9.58 -8.63
N PRO A 232 23.14 10.61 -9.13
CA PRO A 232 23.91 11.52 -8.28
C PRO A 232 23.09 12.11 -7.13
N GLY A 233 23.61 12.02 -5.92
CA GLY A 233 22.92 12.58 -4.74
C GLY A 233 22.00 11.61 -4.03
N GLU A 234 21.49 10.61 -4.76
CA GLU A 234 20.59 9.60 -4.16
C GLU A 234 21.35 8.63 -3.26
N ARG A 235 20.64 8.08 -2.28
CA ARG A 235 21.13 6.94 -1.53
C ARG A 235 20.07 5.86 -1.55
N TYR A 236 20.51 4.62 -1.69
CA TYR A 236 19.64 3.46 -1.55
C TYR A 236 20.25 2.47 -0.58
N ASP A 237 19.46 2.01 0.39
CA ASP A 237 19.86 0.90 1.24
C ASP A 237 19.26 -0.38 0.68
N VAL A 238 20.15 -1.32 0.35
CA VAL A 238 19.74 -2.59 -0.22
C VAL A 238 20.02 -3.69 0.79
N ILE A 239 18.97 -4.42 1.16
CA ILE A 239 19.12 -5.53 2.09
C ILE A 239 19.12 -6.87 1.33
N LEU A 240 20.11 -7.71 1.62
CA LEU A 240 20.27 -9.00 0.96
C LEU A 240 20.33 -10.11 2.00
N ASN A 241 19.49 -11.12 1.84
CA ASN A 241 19.54 -12.31 2.70
C ASN A 241 20.59 -13.24 2.12
N MET A 242 21.60 -13.57 2.93
CA MET A 242 22.71 -14.40 2.48
C MET A 242 22.39 -15.89 2.62
N ASP A 243 21.58 -16.41 1.71
CA ASP A 243 21.07 -17.79 1.82
C ASP A 243 21.56 -18.71 0.71
N ASN A 244 22.61 -18.30 0.00
CA ASN A 244 23.01 -18.98 -1.24
C ASN A 244 24.52 -19.01 -1.39
N PRO A 245 25.21 -19.91 -0.65
CA PRO A 245 26.67 -19.99 -0.70
C PRO A 245 27.28 -20.13 -2.09
N GLY A 246 28.25 -19.25 -2.35
CA GLY A 246 29.01 -19.23 -3.60
C GLY A 246 29.94 -18.03 -3.64
N LEU A 247 30.51 -17.76 -4.81
CA LEU A 247 31.27 -16.54 -5.07
C LEU A 247 30.46 -15.74 -6.07
N TRP A 248 30.11 -14.51 -5.69
CA TRP A 248 29.09 -13.74 -6.40
C TRP A 248 29.55 -12.33 -6.74
N MET A 249 29.43 -11.97 -8.01
CA MET A 249 29.78 -10.62 -8.45
C MET A 249 28.76 -9.61 -7.96
N ILE A 250 29.25 -8.45 -7.57
CA ILE A 250 28.45 -7.24 -7.49
C ILE A 250 29.19 -6.17 -8.27
N HIS A 251 28.49 -5.52 -9.20
CA HIS A 251 29.12 -4.58 -10.11
C HIS A 251 28.13 -3.62 -10.75
N ASP A 252 28.65 -2.50 -11.24
CA ASP A 252 27.87 -1.57 -12.04
C ASP A 252 27.59 -2.27 -13.36
N HIS A 253 26.31 -2.27 -13.76
CA HIS A 253 25.92 -2.90 -15.02
C HIS A 253 26.02 -1.95 -16.21
N VAL A 254 26.39 -0.69 -15.98
CA VAL A 254 26.83 0.12 -17.12
C VAL A 254 28.27 -0.26 -17.45
N ASP A 255 28.41 -0.87 -18.61
CA ASP A 255 29.61 -1.62 -18.97
C ASP A 255 30.84 -0.75 -19.06
N THR A 256 30.64 0.53 -19.39
CA THR A 256 31.74 1.48 -19.48
C THR A 256 32.26 1.92 -18.10
N HIS A 257 31.58 1.48 -17.02
CA HIS A 257 32.03 1.72 -15.64
C HIS A 257 32.81 0.55 -15.06
N THR A 258 33.09 -0.47 -15.88
CA THR A 258 33.87 -1.63 -15.45
C THR A 258 35.23 -1.68 -16.16
N THR A 259 35.71 -0.51 -16.56
CA THR A 259 37.03 -0.40 -17.20
C THR A 259 37.95 0.50 -16.37
N ASN A 260 39.24 0.16 -16.37
CA ASN A 260 40.31 1.00 -15.82
C ASN A 260 41.05 1.62 -17.00
N GLY A 261 40.84 2.91 -17.25
CA GLY A 261 41.36 3.53 -18.47
C GLY A 261 40.78 2.81 -19.66
N ASP A 262 41.62 2.27 -20.55
CA ASP A 262 41.07 1.47 -21.65
C ASP A 262 41.20 -0.06 -21.48
N LYS A 263 41.46 -0.50 -20.26
CA LYS A 263 41.54 -1.93 -19.95
C LYS A 263 40.23 -2.43 -19.34
N PRO A 264 39.74 -3.61 -19.78
CA PRO A 264 38.55 -4.21 -19.19
C PRO A 264 38.83 -4.80 -17.81
N ASP A 265 37.79 -5.29 -17.14
CA ASP A 265 37.90 -5.96 -15.83
C ASP A 265 38.39 -5.02 -14.72
N GLY A 266 37.71 -3.88 -14.59
CA GLY A 266 38.06 -2.91 -13.56
C GLY A 266 36.86 -2.15 -13.04
N GLY A 267 37.09 -0.92 -12.59
CA GLY A 267 36.02 -0.02 -12.19
C GLY A 267 35.21 -0.48 -10.99
N ILE A 268 33.89 -0.25 -11.07
CA ILE A 268 32.96 -0.49 -9.96
C ILE A 268 32.55 -1.96 -9.93
N MET A 269 33.27 -2.73 -9.13
CA MET A 269 33.15 -4.18 -9.12
C MET A 269 33.78 -4.76 -7.86
N THR A 270 33.09 -5.69 -7.22
CA THR A 270 33.69 -6.55 -6.19
C THR A 270 32.99 -7.92 -6.19
N THR A 271 33.29 -8.75 -5.20
CA THR A 271 32.61 -10.03 -5.04
C THR A 271 32.06 -10.19 -3.62
N ILE A 272 31.07 -11.07 -3.49
CA ILE A 272 30.62 -11.57 -2.21
C ILE A 272 31.18 -12.99 -2.05
N GLU A 273 31.92 -13.21 -0.96
CA GLU A 273 32.54 -14.53 -0.67
C GLU A 273 31.88 -15.18 0.55
N TYR A 274 31.28 -16.35 0.37
CA TYR A 274 30.76 -17.13 1.50
C TYR A 274 31.87 -18.01 2.07
N GLU A 275 31.97 -18.05 3.39
CA GLU A 275 33.01 -18.88 4.00
C GLU A 275 32.80 -20.37 3.74
N GLU A 276 31.54 -20.76 3.50
CA GLU A 276 31.20 -22.16 3.20
C GLU A 276 31.88 -22.72 1.95
N VAL A 277 32.02 -21.90 0.90
CA VAL A 277 32.64 -22.37 -0.35
C VAL A 277 34.15 -22.11 -0.45
N GLY A 278 34.66 -21.20 0.38
CA GLY A 278 36.08 -20.88 0.38
C GLY A 278 36.53 -20.13 -0.86
N ILE A 279 37.80 -19.76 -0.89
CA ILE A 279 38.33 -19.00 -2.03
C ILE A 279 39.39 -19.76 -2.81
N ASP A 280 39.64 -21.02 -2.44
CA ASP A 280 40.68 -21.83 -3.06
C ASP A 280 40.17 -22.47 -4.35
N HIS A 281 40.02 -21.64 -5.37
CA HIS A 281 39.57 -22.09 -6.68
C HIS A 281 40.55 -21.60 -7.73
N PRO A 282 40.98 -22.49 -8.64
CA PRO A 282 42.05 -22.14 -9.60
C PRO A 282 41.67 -20.98 -10.51
N PHE A 283 40.38 -20.83 -10.78
CA PHE A 283 39.89 -19.76 -11.64
C PHE A 283 39.70 -18.43 -10.92
N TYR A 284 39.68 -18.44 -9.59
CA TYR A 284 39.26 -17.24 -8.83
C TYR A 284 40.33 -16.15 -8.73
N VAL A 285 39.99 -14.98 -9.27
CA VAL A 285 40.89 -13.82 -9.33
C VAL A 285 41.47 -13.43 -7.96
N TRP A 286 40.69 -13.68 -6.92
CA TRP A 286 41.05 -13.25 -5.58
C TRP A 286 41.41 -14.39 -4.64
N LYS A 287 41.87 -15.51 -5.21
CA LYS A 287 42.27 -16.66 -4.39
C LYS A 287 43.42 -16.31 -3.43
N ASP A 288 44.27 -15.38 -3.84
CA ASP A 288 45.45 -14.97 -3.06
C ASP A 288 45.41 -13.52 -2.56
N LYS A 289 44.21 -12.94 -2.51
CA LYS A 289 44.04 -11.55 -2.13
C LYS A 289 44.33 -11.31 -0.66
N LYS A 290 45.09 -10.25 -0.39
CA LYS A 290 45.33 -9.75 0.96
C LYS A 290 44.09 -8.97 1.41
N PHE A 291 43.31 -9.56 2.32
CA PHE A 291 42.07 -8.94 2.77
C PHE A 291 42.32 -7.70 3.63
N VAL A 292 41.59 -6.63 3.35
CA VAL A 292 41.65 -5.42 4.17
C VAL A 292 40.30 -5.20 4.87
N PRO A 293 40.24 -5.42 6.20
CA PRO A 293 39.01 -5.12 6.94
C PRO A 293 38.70 -3.62 6.99
N ASP A 294 37.41 -3.30 7.12
CA ASP A 294 36.90 -1.92 7.23
C ASP A 294 36.94 -1.08 5.95
N PHE A 295 37.10 -1.72 4.79
CA PHE A 295 37.09 -1.01 3.50
C PHE A 295 35.70 -0.45 3.14
N TYR A 296 34.66 -1.00 3.77
CA TYR A 296 33.30 -0.48 3.62
C TYR A 296 32.81 0.09 4.95
N TYR A 297 33.76 0.41 5.84
CA TYR A 297 33.46 0.89 7.19
C TYR A 297 32.65 -0.14 7.98
N GLU A 298 32.71 -1.41 7.57
CA GLU A 298 31.89 -2.45 8.19
C GLU A 298 32.35 -2.77 9.62
N GLU A 299 33.63 -2.56 9.92
CA GLU A 299 34.13 -2.73 11.29
C GLU A 299 33.90 -1.49 12.14
N SER A 300 34.13 -0.30 11.57
CA SER A 300 33.91 0.95 12.31
C SER A 300 32.45 1.17 12.70
N LEU A 301 31.51 0.74 11.84
CA LEU A 301 30.08 0.87 12.15
C LEU A 301 29.63 0.06 13.38
N LYS A 302 30.45 -0.93 13.77
CA LYS A 302 30.17 -1.75 14.96
C LYS A 302 30.72 -1.14 16.25
N LYS A 303 31.55 -0.12 16.13
CA LYS A 303 32.15 0.53 17.29
C LYS A 303 31.21 1.57 17.92
N ASP A 304 31.60 2.09 19.08
CA ASP A 304 30.86 3.17 19.74
C ASP A 304 30.62 4.33 18.79
N LEU A 305 29.45 4.95 18.90
CA LEU A 305 29.07 6.08 18.05
C LEU A 305 30.08 7.21 18.16
N GLY A 306 30.20 7.99 17.08
CA GLY A 306 31.15 9.10 17.01
C GLY A 306 31.74 9.20 15.62
N MET A 307 32.93 9.81 15.54
CA MET A 307 33.63 9.93 14.26
C MET A 307 34.75 8.91 14.18
N HIS A 308 34.86 8.23 13.04
CA HIS A 308 35.89 7.22 12.85
C HIS A 308 36.79 7.53 11.67
N ASN A 309 38.05 7.84 11.97
CA ASN A 309 39.08 7.94 10.94
C ASN A 309 39.56 6.54 10.61
N SER A 310 40.18 6.38 9.44
CA SER A 310 40.71 5.07 9.08
C SER A 310 41.97 5.16 8.26
N LYS A 311 42.99 4.40 8.65
CA LYS A 311 44.24 4.30 7.91
C LYS A 311 44.04 3.61 6.55
N VAL A 312 42.95 2.85 6.43
CA VAL A 312 42.58 2.23 5.15
C VAL A 312 42.37 3.27 4.04
N PHE A 313 41.75 4.40 4.40
CA PHE A 313 41.40 5.45 3.43
C PHE A 313 42.39 6.62 3.38
N LYS A 314 43.36 6.62 4.28
CA LYS A 314 44.31 7.73 4.38
C LYS A 314 45.26 7.78 3.19
N GLY A 315 45.46 8.98 2.65
CA GLY A 315 46.40 9.17 1.55
C GLY A 315 47.74 9.68 2.06
N GLU A 316 48.54 10.21 1.14
CA GLU A 316 49.83 10.81 1.48
C GLU A 316 49.74 12.33 1.33
N PRO A 317 50.21 13.07 2.34
CA PRO A 317 50.21 14.54 2.29
C PRO A 317 50.96 15.05 1.06
N ILE A 318 50.45 16.10 0.45
CA ILE A 318 51.12 16.75 -0.68
C ILE A 318 51.69 18.08 -0.22
N GLU B 1 -15.85 22.13 -21.34
CA GLU B 1 -16.02 23.45 -22.02
C GLU B 1 -15.16 23.48 -23.28
N LYS B 2 -15.70 24.09 -24.34
CA LYS B 2 -14.96 24.24 -25.59
C LYS B 2 -13.99 25.41 -25.49
N ARG B 3 -12.74 25.19 -25.89
CA ARG B 3 -11.70 26.23 -25.86
C ARG B 3 -10.91 26.21 -27.15
N GLU B 4 -10.63 27.40 -27.70
CA GLU B 4 -9.89 27.51 -28.95
C GLU B 4 -8.71 28.47 -28.82
N PHE B 5 -7.52 27.97 -29.15
CA PHE B 5 -6.29 28.74 -29.06
C PHE B 5 -5.57 28.82 -30.40
N ASP B 6 -4.84 29.92 -30.62
CA ASP B 6 -4.02 30.10 -31.81
C ASP B 6 -2.54 30.19 -31.41
N LEU B 7 -1.69 29.42 -32.10
CA LEU B 7 -0.24 29.47 -31.90
C LEU B 7 0.47 29.73 -33.22
N SER B 8 1.50 30.57 -33.19
CA SER B 8 2.39 30.72 -34.34
C SER B 8 3.74 30.11 -33.99
N ILE B 9 4.51 29.74 -35.01
CA ILE B 9 5.87 29.27 -34.80
C ILE B 9 6.78 30.27 -35.47
N GLU B 10 7.66 30.90 -34.69
CA GLU B 10 8.46 32.03 -35.16
C GLU B 10 9.95 31.84 -34.91
N ASP B 11 10.79 32.25 -35.87
CA ASP B 11 12.25 32.30 -35.63
C ASP B 11 12.52 33.35 -34.57
N THR B 12 13.16 32.94 -33.48
CA THR B 12 13.23 33.75 -32.27
C THR B 12 14.57 33.60 -31.59
N ARG B 13 15.15 34.72 -31.19
CA ARG B 13 16.39 34.74 -30.44
C ARG B 13 16.09 34.81 -28.95
N ILE B 14 16.69 33.90 -28.18
CA ILE B 14 16.61 33.95 -26.72
C ILE B 14 18.01 34.00 -26.13
N VAL B 15 18.10 34.37 -24.86
CA VAL B 15 19.38 34.39 -24.12
C VAL B 15 19.29 33.50 -22.88
N LEU B 16 20.13 32.47 -22.82
CA LEU B 16 20.12 31.51 -21.71
C LEU B 16 20.75 32.10 -20.45
N VAL B 17 21.93 32.69 -20.62
CA VAL B 17 22.69 33.37 -19.56
C VAL B 17 23.74 34.25 -20.22
N GLY B 18 24.16 35.30 -19.53
CA GLY B 18 25.24 36.17 -20.01
C GLY B 18 25.01 36.58 -21.44
N LYS B 19 25.95 36.23 -22.31
CA LYS B 19 25.87 36.56 -23.73
C LYS B 19 25.58 35.33 -24.58
N ARG B 20 25.22 34.23 -23.91
CA ARG B 20 24.90 32.99 -24.61
C ARG B 20 23.47 33.06 -25.16
N ASP B 21 23.37 33.42 -26.43
CA ASP B 21 22.08 33.43 -27.11
C ASP B 21 21.87 32.15 -27.91
N PHE B 22 20.65 31.96 -28.43
CA PHE B 22 20.31 30.76 -29.16
C PHE B 22 19.18 31.07 -30.14
N HIS B 23 19.26 30.47 -31.34
CA HIS B 23 18.20 30.57 -32.35
C HIS B 23 17.18 29.49 -32.04
N THR B 24 15.92 29.90 -31.88
CA THR B 24 14.84 28.98 -31.54
C THR B 24 13.68 29.09 -32.53
N PHE B 25 12.87 28.04 -32.61
CA PHE B 25 11.65 28.06 -33.39
C PHE B 25 10.52 28.11 -32.37
N ALA B 26 10.19 29.32 -31.91
CA ALA B 26 9.39 29.50 -30.70
C ALA B 26 7.89 29.63 -30.94
N PHE B 27 7.10 28.91 -30.16
CA PHE B 27 5.64 29.03 -30.20
C PHE B 27 5.26 30.38 -29.60
N ASN B 28 4.49 31.16 -30.35
CA ASN B 28 4.18 32.56 -30.02
C ASN B 28 5.41 33.41 -29.64
N GLY B 29 6.57 33.05 -30.20
CA GLY B 29 7.80 33.81 -30.01
C GLY B 29 8.36 33.78 -28.60
N GLN B 30 7.99 32.77 -27.81
CA GLN B 30 8.50 32.63 -26.44
C GLN B 30 8.98 31.20 -26.14
N VAL B 31 9.92 31.10 -25.20
CA VAL B 31 10.48 29.81 -24.75
C VAL B 31 10.65 29.90 -23.23
N PRO B 32 9.96 29.03 -22.46
CA PRO B 32 9.00 28.02 -22.92
C PRO B 32 7.78 28.61 -23.62
N ALA B 33 7.08 27.75 -24.35
CA ALA B 33 5.87 28.11 -25.07
C ALA B 33 4.74 28.51 -24.11
N PRO B 34 3.68 29.13 -24.63
CA PRO B 34 2.58 29.56 -23.77
C PRO B 34 2.02 28.44 -22.90
N LEU B 35 1.65 28.79 -21.67
CA LEU B 35 1.01 27.86 -20.76
C LEU B 35 -0.40 27.58 -21.25
N ILE B 36 -0.73 26.29 -21.37
CA ILE B 36 -2.11 25.90 -21.65
C ILE B 36 -2.64 25.22 -20.39
N HIS B 37 -3.61 25.87 -19.77
CA HIS B 37 -4.14 25.51 -18.46
C HIS B 37 -5.64 25.32 -18.63
N VAL B 38 -6.07 24.06 -18.61
CA VAL B 38 -7.47 23.72 -18.88
C VAL B 38 -7.99 22.72 -17.86
N MET B 39 -9.29 22.46 -17.91
CA MET B 39 -9.94 21.49 -17.02
C MET B 39 -10.02 20.15 -17.73
N GLU B 40 -9.76 19.08 -16.98
CA GLU B 40 -10.02 17.71 -17.43
C GLU B 40 -11.38 17.66 -18.12
N GLY B 41 -11.40 17.19 -19.36
CA GLY B 41 -12.64 17.06 -20.11
C GLY B 41 -12.93 18.16 -21.12
N ASP B 42 -12.20 19.28 -21.02
CA ASP B 42 -12.37 20.39 -21.98
C ASP B 42 -12.09 19.92 -23.41
N ASP B 43 -12.84 20.44 -24.37
CA ASP B 43 -12.61 20.16 -25.79
C ASP B 43 -11.78 21.28 -26.38
N VAL B 44 -10.55 20.95 -26.70
CA VAL B 44 -9.54 21.93 -27.09
C VAL B 44 -9.31 21.92 -28.60
N THR B 45 -9.30 23.11 -29.19
CA THR B 45 -8.89 23.30 -30.57
C THR B 45 -7.64 24.20 -30.57
N VAL B 46 -6.58 23.76 -31.25
CA VAL B 46 -5.39 24.59 -31.42
C VAL B 46 -5.07 24.76 -32.89
N ASN B 47 -4.98 26.02 -33.34
CA ASN B 47 -4.60 26.33 -34.71
C ASN B 47 -3.17 26.82 -34.72
N VAL B 48 -2.32 26.12 -35.47
CA VAL B 48 -0.89 26.33 -35.44
C VAL B 48 -0.42 26.80 -36.81
N THR B 49 0.10 28.03 -36.88
CA THR B 49 0.62 28.59 -38.14
C THR B 49 2.14 28.61 -38.14
N ASN B 50 2.73 27.94 -39.14
CA ASN B 50 4.18 27.83 -39.27
C ASN B 50 4.77 29.04 -39.99
N MET B 51 5.42 29.92 -39.24
CA MET B 51 6.03 31.11 -39.84
C MET B 51 7.56 31.02 -39.97
N THR B 52 8.08 29.79 -39.93
CA THR B 52 9.53 29.54 -40.09
C THR B 52 9.78 28.92 -41.48
N THR B 53 11.02 28.55 -41.76
CA THR B 53 11.36 27.94 -43.05
C THR B 53 11.58 26.44 -42.96
N LEU B 54 11.18 25.85 -41.82
CA LEU B 54 11.29 24.40 -41.63
C LEU B 54 9.95 23.81 -41.22
N PRO B 55 9.72 22.51 -41.52
CA PRO B 55 8.49 21.84 -41.09
C PRO B 55 8.44 21.56 -39.59
N HIS B 56 7.22 21.56 -39.04
CA HIS B 56 7.00 21.30 -37.61
C HIS B 56 5.68 20.58 -37.40
N THR B 57 5.47 20.10 -36.17
CA THR B 57 4.17 19.63 -35.69
C THR B 57 4.05 20.07 -34.22
N ILE B 58 2.91 19.78 -33.62
CA ILE B 58 2.83 19.80 -32.16
C ILE B 58 2.28 18.49 -31.68
N HIS B 59 3.05 17.81 -30.84
CA HIS B 59 2.58 16.64 -30.15
C HIS B 59 2.21 17.02 -28.71
N TRP B 60 1.10 16.49 -28.24
CA TRP B 60 0.58 16.81 -26.92
C TRP B 60 0.88 15.64 -25.98
N HIS B 61 2.04 15.72 -25.34
CA HIS B 61 2.61 14.61 -24.58
C HIS B 61 1.84 14.36 -23.29
N GLY B 62 1.18 13.21 -23.21
CA GLY B 62 0.38 12.87 -22.05
C GLY B 62 -1.11 12.86 -22.38
N MET B 63 -1.48 13.40 -23.54
CA MET B 63 -2.85 13.36 -24.01
C MET B 63 -3.13 12.01 -24.65
N LEU B 64 -4.13 11.29 -24.12
CA LEU B 64 -4.50 9.98 -24.65
C LEU B 64 -4.99 10.01 -26.11
N GLN B 65 -5.59 11.14 -26.51
CA GLN B 65 -6.15 11.30 -27.86
C GLN B 65 -7.16 10.19 -28.21
N ARG B 66 -8.11 9.96 -27.31
CA ARG B 66 -9.09 8.87 -27.50
C ARG B 66 -10.00 9.17 -28.69
N GLY B 67 -9.83 8.39 -29.75
CA GLY B 67 -10.57 8.58 -30.99
C GLY B 67 -10.07 9.75 -31.82
N THR B 68 -8.95 10.34 -31.42
CA THR B 68 -8.44 11.54 -32.09
C THR B 68 -6.96 11.42 -32.47
N TRP B 69 -6.54 10.23 -32.91
CA TRP B 69 -5.14 9.98 -33.27
C TRP B 69 -4.59 10.92 -34.34
N GLN B 70 -5.45 11.43 -35.22
CA GLN B 70 -4.97 12.34 -36.26
C GLN B 70 -4.61 13.76 -35.75
N SER B 71 -4.78 13.96 -34.45
CA SER B 71 -4.29 15.18 -33.77
C SER B 71 -3.13 14.90 -32.81
N ASP B 72 -2.53 13.70 -32.91
CA ASP B 72 -1.41 13.32 -32.03
C ASP B 72 -0.11 14.05 -32.37
N GLY B 73 -0.01 14.55 -33.60
CA GLY B 73 1.07 15.46 -33.99
C GLY B 73 2.40 14.82 -34.32
N VAL B 74 2.36 13.65 -34.95
CA VAL B 74 3.58 12.95 -35.33
C VAL B 74 3.73 12.95 -36.85
N PRO B 75 4.78 13.61 -37.37
CA PRO B 75 4.89 13.65 -38.84
C PRO B 75 5.18 12.24 -39.35
N HIS B 76 4.65 11.91 -40.54
CA HIS B 76 4.84 10.59 -41.16
C HIS B 76 4.19 9.44 -40.41
N ALA B 77 3.34 9.76 -39.43
CA ALA B 77 2.62 8.74 -38.67
C ALA B 77 1.16 9.10 -38.49
N THR B 78 0.88 10.35 -38.11
CA THR B 78 -0.50 10.79 -37.91
C THR B 78 -0.89 12.01 -38.76
N GLN B 79 0.10 12.65 -39.39
CA GLN B 79 -0.13 13.79 -40.29
C GLN B 79 1.05 14.03 -41.22
N HIS B 80 0.81 14.80 -42.27
CA HIS B 80 1.89 15.48 -42.98
C HIS B 80 2.37 16.60 -42.07
N ALA B 81 3.68 16.80 -41.98
CA ALA B 81 4.22 17.91 -41.18
C ALA B 81 3.65 19.24 -41.67
N ILE B 82 3.58 20.22 -40.77
CA ILE B 82 3.10 21.56 -41.14
C ILE B 82 4.21 22.28 -41.91
N GLU B 83 4.00 22.47 -43.21
CA GLU B 83 4.99 23.13 -44.06
C GLU B 83 5.05 24.63 -43.76
N PRO B 84 6.20 25.27 -44.05
CA PRO B 84 6.30 26.73 -43.90
C PRO B 84 5.12 27.44 -44.55
N GLY B 85 4.51 28.37 -43.81
CA GLY B 85 3.39 29.16 -44.32
C GLY B 85 2.04 28.56 -44.02
N ASP B 86 2.00 27.26 -43.73
CA ASP B 86 0.75 26.53 -43.56
C ASP B 86 0.20 26.59 -42.12
N THR B 87 -1.10 26.32 -42.00
CA THR B 87 -1.80 26.24 -40.72
C THR B 87 -2.42 24.85 -40.55
N PHE B 88 -2.27 24.28 -39.35
CA PHE B 88 -2.83 22.96 -39.03
C PHE B 88 -3.69 23.08 -37.79
N THR B 89 -4.81 22.36 -37.77
CA THR B 89 -5.72 22.40 -36.63
C THR B 89 -5.69 21.08 -35.87
N TYR B 90 -5.40 21.17 -34.57
CA TYR B 90 -5.49 20.05 -33.63
C TYR B 90 -6.77 20.14 -32.83
N LYS B 91 -7.46 19.01 -32.67
CA LYS B 91 -8.68 18.93 -31.88
C LYS B 91 -8.70 17.68 -31.00
N PHE B 92 -8.81 17.89 -29.70
CA PHE B 92 -8.75 16.80 -28.72
C PHE B 92 -9.41 17.17 -27.41
N LYS B 93 -9.81 16.15 -26.66
CA LYS B 93 -10.30 16.31 -25.30
C LYS B 93 -9.09 16.30 -24.36
N ALA B 94 -9.08 17.21 -23.39
CA ALA B 94 -8.04 17.28 -22.38
C ALA B 94 -8.19 16.16 -21.36
N GLU B 95 -7.46 15.07 -21.56
CA GLU B 95 -7.46 13.92 -20.64
C GLU B 95 -6.22 13.05 -20.88
N PRO B 96 -5.67 12.45 -19.81
CA PRO B 96 -6.12 12.59 -18.43
C PRO B 96 -5.63 13.90 -17.80
N ALA B 97 -5.93 14.10 -16.53
CA ALA B 97 -5.48 15.28 -15.78
C ALA B 97 -4.00 15.13 -15.41
N GLY B 98 -3.36 16.25 -15.09
CA GLY B 98 -1.99 16.23 -14.58
C GLY B 98 -1.02 17.15 -15.32
N THR B 99 0.25 17.07 -14.92
CA THR B 99 1.33 17.83 -15.56
C THR B 99 1.71 17.18 -16.89
N MET B 100 1.18 17.75 -17.96
CA MET B 100 1.49 17.29 -19.30
C MET B 100 2.35 18.36 -19.98
N TRP B 101 2.73 18.14 -21.23
CA TRP B 101 3.48 19.13 -21.97
C TRP B 101 3.30 18.95 -23.46
N TYR B 102 3.76 19.92 -24.24
CA TYR B 102 3.67 19.79 -25.67
C TYR B 102 4.95 20.22 -26.32
N HIS B 103 5.25 19.61 -27.47
CA HIS B 103 6.51 19.86 -28.16
C HIS B 103 6.39 19.46 -29.62
N CYS B 104 7.24 20.04 -30.46
CA CYS B 104 7.35 19.62 -31.85
C CYS B 104 7.82 18.17 -31.91
N HIS B 105 7.36 17.43 -32.92
CA HIS B 105 7.79 16.04 -33.08
C HIS B 105 8.57 15.81 -34.37
N VAL B 106 9.06 16.90 -34.98
CA VAL B 106 9.93 16.85 -36.15
C VAL B 106 11.40 16.95 -35.71
N ASN B 107 12.27 16.11 -36.27
CA ASN B 107 13.72 16.19 -36.01
C ASN B 107 14.02 16.53 -34.56
N VAL B 108 13.46 15.75 -33.64
CA VAL B 108 13.44 16.10 -32.23
C VAL B 108 14.82 16.32 -31.61
N ASN B 109 15.81 15.56 -32.10
CA ASN B 109 17.21 15.71 -31.69
C ASN B 109 17.74 17.14 -31.86
N GLU B 110 17.11 17.91 -32.76
CA GLU B 110 17.39 19.35 -32.88
C GLU B 110 16.27 20.22 -32.32
N HIS B 111 15.04 20.02 -32.80
CA HIS B 111 13.94 20.95 -32.53
C HIS B 111 13.54 21.03 -31.05
N VAL B 112 13.42 19.89 -30.39
CA VAL B 112 13.05 19.89 -28.98
C VAL B 112 14.29 20.12 -28.10
N THR B 113 15.37 19.42 -28.40
CA THR B 113 16.61 19.51 -27.60
C THR B 113 17.17 20.93 -27.54
N MET B 114 17.24 21.61 -28.69
CA MET B 114 17.94 22.89 -28.75
C MET B 114 17.26 24.02 -29.57
N ARG B 115 15.97 23.87 -29.87
CA ARG B 115 15.24 24.96 -30.55
C ARG B 115 14.01 25.44 -29.80
N GLY B 116 13.90 25.05 -28.53
CA GLY B 116 12.89 25.58 -27.61
C GLY B 116 11.43 25.29 -27.95
N MET B 117 11.19 24.21 -28.68
CA MET B 117 9.83 23.91 -29.15
C MET B 117 9.08 23.07 -28.12
N TRP B 118 8.80 23.68 -26.97
CA TRP B 118 8.13 22.99 -25.86
C TRP B 118 7.46 23.99 -24.92
N GLY B 119 6.36 23.57 -24.31
CA GLY B 119 5.70 24.34 -23.27
C GLY B 119 4.90 23.42 -22.36
N PRO B 120 4.36 23.96 -21.25
CA PRO B 120 3.58 23.14 -20.32
C PRO B 120 2.09 23.06 -20.67
N LEU B 121 1.50 21.88 -20.47
CA LEU B 121 0.08 21.67 -20.64
C LEU B 121 -0.45 21.14 -19.32
N ILE B 122 -1.07 22.01 -18.54
CA ILE B 122 -1.55 21.65 -17.21
C ILE B 122 -3.05 21.40 -17.28
N VAL B 123 -3.43 20.16 -16.99
CA VAL B 123 -4.82 19.76 -17.00
C VAL B 123 -5.28 19.56 -15.56
N GLU B 124 -6.19 20.42 -15.11
CA GLU B 124 -6.74 20.36 -13.75
C GLU B 124 -7.69 19.18 -13.59
N PRO B 125 -7.52 18.39 -12.50
CA PRO B 125 -8.48 17.31 -12.25
C PRO B 125 -9.81 17.88 -11.81
N LYS B 126 -10.91 17.21 -12.16
CA LYS B 126 -12.23 17.65 -11.70
C LYS B 126 -12.32 17.47 -10.19
N ASN B 127 -11.74 16.38 -9.70
CA ASN B 127 -11.68 16.09 -8.27
C ASN B 127 -10.24 15.89 -7.81
N PRO B 128 -9.58 16.98 -7.37
CA PRO B 128 -8.20 16.94 -6.92
C PRO B 128 -8.05 16.13 -5.64
N LEU B 129 -6.90 15.48 -5.47
CA LEU B 129 -6.61 14.72 -4.25
C LEU B 129 -6.35 15.66 -3.07
N PRO B 130 -6.54 15.17 -1.83
CA PRO B 130 -6.25 15.98 -0.63
C PRO B 130 -4.88 16.65 -0.65
N ILE B 131 -3.85 15.95 -1.10
CA ILE B 131 -2.50 16.52 -1.15
C ILE B 131 -2.45 17.73 -2.11
N GLU B 132 -3.15 17.63 -3.24
CA GLU B 132 -3.25 18.72 -4.20
C GLU B 132 -3.92 19.95 -3.59
N LYS B 133 -4.91 19.71 -2.73
CA LYS B 133 -5.68 20.80 -2.12
C LYS B 133 -4.92 21.55 -1.04
N THR B 134 -3.82 20.99 -0.54
CA THR B 134 -2.96 21.67 0.44
C THR B 134 -1.98 22.65 -0.20
N VAL B 135 -1.79 22.53 -1.50
CA VAL B 135 -0.82 23.35 -2.23
C VAL B 135 -1.24 24.82 -2.19
N THR B 136 -0.31 25.68 -1.80
CA THR B 136 -0.56 27.13 -1.77
C THR B 136 0.07 27.87 -2.97
N LYS B 137 1.12 27.29 -3.54
CA LYS B 137 1.85 27.89 -4.67
C LYS B 137 2.33 26.78 -5.61
N ASP B 138 2.09 26.99 -6.92
CA ASP B 138 2.27 25.96 -7.93
C ASP B 138 3.32 26.45 -8.94
N TYR B 139 4.38 25.68 -9.13
CA TYR B 139 5.53 26.06 -9.98
C TYR B 139 5.78 25.06 -11.10
N ILE B 140 6.10 25.56 -12.30
CA ILE B 140 6.49 24.70 -13.42
C ILE B 140 7.97 24.89 -13.70
N LEU B 141 8.73 23.79 -13.67
CA LEU B 141 10.15 23.82 -14.02
C LEU B 141 10.46 22.87 -15.16
N MET B 142 10.74 23.44 -16.33
CA MET B 142 11.11 22.68 -17.52
C MET B 142 12.63 22.66 -17.68
N LEU B 143 13.19 21.44 -17.66
CA LEU B 143 14.63 21.23 -17.64
C LEU B 143 15.16 20.92 -19.02
N SER B 144 16.15 21.68 -19.47
CA SER B 144 16.69 21.53 -20.83
C SER B 144 18.21 21.52 -20.86
N ASP B 145 18.76 20.87 -21.88
CA ASP B 145 20.20 20.72 -22.07
C ASP B 145 20.53 21.21 -23.49
N TRP B 146 21.51 22.12 -23.60
CA TRP B 146 21.79 22.81 -24.87
C TRP B 146 23.23 22.57 -25.36
N VAL B 147 23.40 22.54 -26.68
CA VAL B 147 24.71 22.41 -27.33
C VAL B 147 25.05 23.73 -28.02
N SER B 148 25.93 24.52 -27.42
CA SER B 148 26.14 25.90 -27.87
C SER B 148 26.80 26.02 -29.25
N SER B 149 27.47 24.95 -29.70
CA SER B 149 28.09 24.96 -31.03
C SER B 149 27.04 25.14 -32.15
N TRP B 150 25.78 24.83 -31.86
CA TRP B 150 24.72 24.96 -32.85
C TRP B 150 23.79 26.15 -32.59
N ALA B 151 24.20 27.04 -31.68
CA ALA B 151 23.34 28.16 -31.24
C ALA B 151 22.73 28.93 -32.42
N ASN B 152 23.57 29.28 -33.39
CA ASN B 152 23.09 30.08 -34.51
C ASN B 152 23.13 29.35 -35.85
N LYS B 153 22.89 28.04 -35.80
CA LYS B 153 22.85 27.20 -36.99
C LYS B 153 21.52 26.42 -37.09
N PRO B 154 20.39 27.14 -37.29
CA PRO B 154 19.09 26.47 -37.42
C PRO B 154 19.08 25.49 -38.59
N GLY B 155 18.43 24.35 -38.40
CA GLY B 155 18.42 23.29 -39.40
C GLY B 155 19.54 22.29 -39.22
N GLU B 156 20.38 22.51 -38.21
CA GLU B 156 21.51 21.63 -37.90
C GLU B 156 21.62 21.34 -36.40
N GLY B 157 22.24 20.21 -36.05
CA GLY B 157 22.56 19.89 -34.66
C GLY B 157 21.86 18.66 -34.13
N GLY B 158 22.28 18.22 -32.95
CA GLY B 158 21.70 17.05 -32.29
C GLY B 158 22.26 15.75 -32.85
N ILE B 159 23.58 15.73 -33.04
CA ILE B 159 24.27 14.63 -33.73
C ILE B 159 25.44 14.12 -32.89
N PRO B 160 25.91 12.88 -33.15
CA PRO B 160 27.04 12.38 -32.37
C PRO B 160 28.23 13.34 -32.38
N GLY B 161 28.93 13.43 -31.25
CA GLY B 161 30.04 14.36 -31.11
C GLY B 161 29.67 15.69 -30.48
N ASP B 162 28.37 15.97 -30.38
CA ASP B 162 27.87 17.19 -29.74
C ASP B 162 28.36 17.30 -28.30
N VAL B 163 28.75 18.50 -27.91
CA VAL B 163 29.20 18.76 -26.55
C VAL B 163 28.17 19.65 -25.85
N PHE B 164 27.39 19.05 -24.96
CA PHE B 164 26.44 19.81 -24.15
C PHE B 164 27.19 20.72 -23.20
N ASP B 165 26.78 21.99 -23.12
CA ASP B 165 27.49 22.96 -22.27
C ASP B 165 26.63 23.97 -21.51
N TYR B 166 25.32 23.99 -21.78
CA TYR B 166 24.38 24.83 -21.03
C TYR B 166 23.13 24.07 -20.59
N TYR B 167 22.64 24.41 -19.41
CA TYR B 167 21.57 23.66 -18.73
C TYR B 167 20.64 24.68 -18.11
N THR B 168 19.33 24.51 -18.34
CA THR B 168 18.37 25.56 -17.99
C THR B 168 17.12 25.06 -17.27
N ILE B 169 16.54 25.95 -16.47
CA ILE B 169 15.17 25.82 -15.98
C ILE B 169 14.41 26.90 -16.74
N ASN B 170 13.36 26.51 -17.46
CA ASN B 170 12.58 27.45 -18.26
C ASN B 170 13.46 28.39 -19.11
N ALA B 171 14.44 27.77 -19.77
CA ALA B 171 15.38 28.43 -20.71
C ALA B 171 16.30 29.52 -20.12
N LYS B 172 16.48 29.53 -18.80
CA LYS B 172 17.53 30.33 -18.16
C LYS B 172 18.44 29.48 -17.29
N SER B 173 19.74 29.79 -17.29
CA SER B 173 20.67 29.17 -16.34
C SER B 173 20.90 30.09 -15.14
N PHE B 174 21.21 29.48 -13.98
CA PHE B 174 21.69 30.25 -12.82
C PHE B 174 22.95 31.02 -13.27
N PRO B 175 23.13 32.28 -12.81
CA PRO B 175 22.36 33.06 -11.83
C PRO B 175 21.16 33.86 -12.37
N GLU B 176 20.67 33.50 -13.55
CA GLU B 176 19.58 34.24 -14.17
C GLU B 176 18.21 33.54 -14.07
N THR B 177 18.17 32.49 -13.24
CA THR B 177 16.90 31.93 -12.80
C THR B 177 16.30 32.89 -11.76
N GLN B 178 15.15 32.54 -11.22
CA GLN B 178 14.50 33.35 -10.20
C GLN B 178 14.34 32.56 -8.92
N PRO B 179 14.42 33.23 -7.75
CA PRO B 179 14.19 32.53 -6.51
C PRO B 179 12.72 32.16 -6.34
N ILE B 180 12.47 31.06 -5.64
CA ILE B 180 11.14 30.68 -5.22
C ILE B 180 10.93 31.25 -3.82
N ARG B 181 9.95 32.14 -3.71
CA ARG B 181 9.74 32.93 -2.51
C ARG B 181 8.53 32.44 -1.75
N VAL B 182 8.74 32.11 -0.48
CA VAL B 182 7.71 31.49 0.35
C VAL B 182 7.65 32.10 1.75
N LYS B 183 6.64 31.70 2.51
CA LYS B 183 6.60 31.95 3.94
C LYS B 183 6.30 30.64 4.67
N LYS B 184 6.68 30.57 5.95
CA LYS B 184 6.42 29.38 6.74
C LYS B 184 4.94 29.04 6.71
N GLY B 185 4.63 27.79 6.37
CA GLY B 185 3.24 27.35 6.27
C GLY B 185 2.76 27.18 4.84
N ASP B 186 3.52 27.71 3.89
CA ASP B 186 3.27 27.46 2.46
C ASP B 186 3.46 25.98 2.14
N VAL B 187 2.77 25.51 1.10
CA VAL B 187 2.99 24.17 0.55
C VAL B 187 3.20 24.38 -0.94
N ILE B 188 4.36 24.02 -1.44
CA ILE B 188 4.66 24.27 -2.85
C ILE B 188 4.61 22.98 -3.66
N ARG B 189 4.15 23.11 -4.91
CA ARG B 189 4.17 22.03 -5.88
C ARG B 189 5.18 22.37 -6.98
N LEU B 190 6.24 21.58 -7.08
CA LEU B 190 7.20 21.73 -8.17
C LEU B 190 6.87 20.72 -9.27
N ARG B 191 6.35 21.22 -10.37
CA ARG B 191 6.05 20.38 -11.51
C ARG B 191 7.30 20.28 -12.40
N LEU B 192 8.06 19.20 -12.22
CA LEU B 192 9.31 19.01 -12.95
C LEU B 192 9.04 18.33 -14.29
N ILE B 193 9.54 18.93 -15.36
CA ILE B 193 9.32 18.37 -16.69
C ILE B 193 10.67 18.08 -17.36
N GLY B 194 10.88 16.81 -17.72
CA GLY B 194 12.11 16.37 -18.39
C GLY B 194 12.05 16.70 -19.86
N ALA B 195 12.36 17.95 -20.18
CA ALA B 195 12.24 18.45 -21.56
C ALA B 195 13.52 18.24 -22.35
N GLY B 196 14.60 17.88 -21.65
CA GLY B 196 15.93 17.78 -22.25
C GLY B 196 16.36 16.37 -22.64
N ASP B 197 17.62 16.24 -23.02
CA ASP B 197 18.16 14.97 -23.51
C ASP B 197 18.78 14.13 -22.40
N HIS B 198 19.09 14.79 -21.28
CA HIS B 198 19.77 14.18 -20.15
C HIS B 198 18.81 13.85 -19.01
N VAL B 199 19.25 12.92 -18.16
CA VAL B 199 18.66 12.71 -16.86
C VAL B 199 19.11 13.86 -15.94
N HIS B 200 18.21 14.29 -15.05
CA HIS B 200 18.53 15.31 -14.06
C HIS B 200 18.20 14.74 -12.68
N ALA B 201 19.00 15.11 -11.69
CA ALA B 201 18.80 14.70 -10.30
C ALA B 201 18.49 15.91 -9.44
N ILE B 202 17.21 16.28 -9.34
CA ILE B 202 16.80 17.51 -8.68
C ILE B 202 16.76 17.36 -7.16
N HIS B 203 17.63 18.12 -6.50
CA HIS B 203 17.83 18.03 -5.07
C HIS B 203 17.42 19.33 -4.36
N THR B 204 16.60 19.23 -3.32
CA THR B 204 16.18 20.40 -2.55
C THR B 204 16.71 20.31 -1.11
N HIS B 205 17.39 21.37 -0.66
CA HIS B 205 17.93 21.44 0.71
C HIS B 205 16.86 21.76 1.74
N GLY B 206 17.07 21.30 2.97
CA GLY B 206 16.26 21.71 4.11
C GLY B 206 14.83 21.24 4.21
N HIS B 207 14.41 20.41 3.26
CA HIS B 207 13.01 19.99 3.18
C HIS B 207 12.90 18.54 2.75
N ILE B 208 11.74 17.95 3.02
CA ILE B 208 11.45 16.60 2.56
C ILE B 208 10.72 16.71 1.22
N SER B 209 11.32 16.14 0.17
CA SER B 209 10.66 16.07 -1.12
C SER B 209 9.63 14.96 -1.11
N GLN B 210 8.37 15.28 -1.39
CA GLN B 210 7.35 14.26 -1.50
C GLN B 210 7.00 14.09 -2.96
N ILE B 211 7.55 13.04 -3.57
CA ILE B 211 7.26 12.75 -4.99
C ILE B 211 5.86 12.15 -5.05
N ALA B 212 4.90 12.95 -5.52
CA ALA B 212 3.49 12.59 -5.38
C ALA B 212 2.80 12.17 -6.69
N PHE B 213 3.31 12.64 -7.83
CA PHE B 213 2.74 12.31 -9.14
C PHE B 213 3.86 11.95 -10.11
N LYS B 214 3.61 10.96 -10.97
CA LYS B 214 4.47 10.65 -12.12
C LYS B 214 3.65 10.69 -13.41
N ASP B 215 4.14 11.46 -14.39
CA ASP B 215 3.51 11.60 -15.70
C ASP B 215 2.02 11.98 -15.56
N GLY B 216 1.74 12.81 -14.56
CA GLY B 216 0.38 13.26 -14.27
C GLY B 216 -0.41 12.36 -13.34
N PHE B 217 -0.02 11.09 -13.21
CA PHE B 217 -0.77 10.14 -12.40
C PHE B 217 -0.30 10.13 -10.94
N PRO B 218 -1.25 10.20 -9.99
CA PRO B 218 -0.85 10.15 -8.58
C PRO B 218 -0.26 8.81 -8.20
N LEU B 219 0.87 8.84 -7.49
CA LEU B 219 1.44 7.63 -6.93
C LEU B 219 0.55 7.13 -5.79
N ASP B 220 0.57 5.82 -5.55
CA ASP B 220 -0.24 5.26 -4.48
C ASP B 220 -0.06 6.01 -3.17
N LYS B 221 1.20 6.20 -2.78
CA LYS B 221 1.58 7.05 -1.67
C LYS B 221 2.81 7.85 -2.12
N PRO B 222 2.90 9.15 -1.77
CA PRO B 222 4.09 9.90 -2.13
C PRO B 222 5.38 9.24 -1.63
N ILE B 223 6.45 9.30 -2.42
CA ILE B 223 7.74 8.77 -2.02
C ILE B 223 8.55 9.90 -1.39
N LYS B 224 9.03 9.68 -0.18
CA LYS B 224 9.82 10.68 0.53
C LYS B 224 11.30 10.57 0.15
N GLY B 225 11.95 11.72 0.06
CA GLY B 225 13.39 11.76 -0.20
C GLY B 225 13.87 13.19 -0.31
N ASP B 226 15.02 13.37 -0.95
CA ASP B 226 15.56 14.71 -1.13
C ASP B 226 16.12 14.93 -2.53
N THR B 227 16.19 13.85 -3.32
CA THR B 227 16.69 13.92 -4.70
C THR B 227 15.77 13.15 -5.65
N VAL B 228 15.28 13.85 -6.68
CA VAL B 228 14.37 13.25 -7.65
C VAL B 228 15.10 13.03 -8.97
N LEU B 229 15.32 11.77 -9.33
CA LEU B 229 15.91 11.45 -10.63
C LEU B 229 14.82 11.44 -11.70
N ILE B 230 14.94 12.35 -12.66
CA ILE B 230 13.93 12.51 -13.71
C ILE B 230 14.57 12.42 -15.09
N GLY B 231 14.02 11.55 -15.94
CA GLY B 231 14.54 11.32 -17.28
C GLY B 231 13.75 12.01 -18.37
N PRO B 232 14.31 12.07 -19.59
CA PRO B 232 13.63 12.74 -20.70
C PRO B 232 12.22 12.22 -20.90
N GLY B 233 11.27 13.13 -21.05
CA GLY B 233 9.87 12.78 -21.30
C GLY B 233 9.04 12.63 -20.03
N GLU B 234 9.70 12.32 -18.90
CA GLU B 234 9.03 12.14 -17.60
C GLU B 234 8.59 13.45 -16.98
N ARG B 235 7.54 13.38 -16.16
CA ARG B 235 7.15 14.49 -15.30
C ARG B 235 6.96 13.95 -13.89
N TYR B 236 7.46 14.70 -12.92
CA TYR B 236 7.20 14.42 -11.51
C TYR B 236 6.72 15.68 -10.82
N ASP B 237 5.64 15.56 -10.05
CA ASP B 237 5.17 16.65 -9.21
C ASP B 237 5.68 16.39 -7.79
N VAL B 238 6.52 17.31 -7.30
CA VAL B 238 7.11 17.20 -5.97
C VAL B 238 6.41 18.21 -5.06
N ILE B 239 5.87 17.72 -3.94
CA ILE B 239 5.24 18.58 -2.93
C ILE B 239 6.18 18.77 -1.73
N LEU B 240 6.35 20.03 -1.33
CA LEU B 240 7.24 20.36 -0.23
C LEU B 240 6.51 21.23 0.77
N ASN B 241 6.49 20.79 2.03
CA ASN B 241 5.90 21.58 3.11
C ASN B 241 6.94 22.59 3.59
N MET B 242 6.59 23.88 3.51
CA MET B 242 7.53 24.94 3.84
C MET B 242 7.52 25.23 5.35
N ASP B 243 8.20 24.37 6.11
CA ASP B 243 8.16 24.41 7.57
C ASP B 243 9.50 24.77 8.20
N ASN B 244 10.43 25.33 7.41
CA ASN B 244 11.81 25.46 7.84
C ASN B 244 12.47 26.73 7.29
N PRO B 245 12.19 27.90 7.91
CA PRO B 245 12.73 29.17 7.43
C PRO B 245 14.25 29.23 7.25
N GLY B 246 14.66 29.65 6.06
CA GLY B 246 16.07 29.80 5.72
C GLY B 246 16.21 30.15 4.24
N LEU B 247 17.45 30.11 3.74
CA LEU B 247 17.73 30.24 2.32
C LEU B 247 18.26 28.89 1.84
N TRP B 248 17.59 28.30 0.85
CA TRP B 248 17.76 26.87 0.53
C TRP B 248 17.97 26.60 -0.96
N MET B 249 19.03 25.88 -1.29
CA MET B 249 19.31 25.52 -2.70
C MET B 249 18.34 24.49 -3.23
N ILE B 250 17.96 24.67 -4.50
CA ILE B 250 17.35 23.64 -5.32
C ILE B 250 18.25 23.55 -6.54
N HIS B 251 18.80 22.36 -6.82
CA HIS B 251 19.68 22.21 -7.97
C HIS B 251 19.76 20.78 -8.49
N ASP B 252 20.21 20.66 -9.72
CA ASP B 252 20.57 19.37 -10.29
C ASP B 252 21.82 18.90 -9.56
N HIS B 253 21.74 17.69 -9.01
CA HIS B 253 22.87 17.10 -8.30
C HIS B 253 23.86 16.40 -9.25
N VAL B 254 23.54 16.33 -10.54
CA VAL B 254 24.59 15.98 -11.51
C VAL B 254 25.46 17.22 -11.74
N ASP B 255 26.67 17.17 -11.19
CA ASP B 255 27.51 18.33 -11.03
C ASP B 255 27.89 19.01 -12.37
N THR B 256 27.94 18.23 -13.45
CA THR B 256 28.22 18.80 -14.78
C THR B 256 27.03 19.58 -15.35
N HIS B 257 25.90 19.58 -14.65
CA HIS B 257 24.75 20.40 -15.03
C HIS B 257 24.68 21.71 -14.25
N THR B 258 25.70 21.98 -13.43
CA THR B 258 25.75 23.22 -12.66
C THR B 258 26.86 24.17 -13.15
N THR B 259 27.21 24.05 -14.42
CA THR B 259 28.21 24.90 -15.06
C THR B 259 27.61 25.65 -16.24
N ASN B 260 28.14 26.85 -16.52
CA ASN B 260 27.80 27.63 -17.71
C ASN B 260 29.04 27.61 -18.60
N GLY B 261 29.04 26.78 -19.64
CA GLY B 261 30.25 26.56 -20.43
C GLY B 261 31.33 25.95 -19.54
N ASP B 262 32.48 26.60 -19.46
CA ASP B 262 33.56 26.10 -18.59
C ASP B 262 33.58 26.71 -17.17
N LYS B 263 32.57 27.52 -16.84
CA LYS B 263 32.51 28.18 -15.53
C LYS B 263 31.58 27.49 -14.55
N PRO B 264 32.02 27.35 -13.28
CA PRO B 264 31.17 26.74 -12.26
C PRO B 264 30.11 27.72 -11.77
N ASP B 265 29.21 27.25 -10.92
CA ASP B 265 28.15 28.06 -10.30
C ASP B 265 27.13 28.56 -11.31
N GLY B 266 26.65 27.64 -12.15
CA GLY B 266 25.64 27.97 -13.15
C GLY B 266 24.61 26.88 -13.34
N GLY B 267 24.02 26.83 -14.53
CA GLY B 267 23.11 25.76 -14.92
C GLY B 267 21.83 25.67 -14.12
N ILE B 268 21.43 24.44 -13.83
CA ILE B 268 20.13 24.14 -13.23
C ILE B 268 20.22 24.28 -11.72
N MET B 269 19.85 25.46 -11.25
CA MET B 269 20.02 25.84 -9.86
C MET B 269 19.17 27.08 -9.58
N THR B 270 18.47 27.07 -8.44
CA THR B 270 17.85 28.27 -7.91
C THR B 270 17.84 28.18 -6.38
N THR B 271 17.09 29.06 -5.72
CA THR B 271 16.94 29.03 -4.27
C THR B 271 15.50 29.19 -3.83
N ILE B 272 15.21 28.71 -2.62
CA ILE B 272 13.98 29.01 -1.92
C ILE B 272 14.29 30.05 -0.86
N GLU B 273 13.59 31.19 -0.93
CA GLU B 273 13.74 32.27 0.04
C GLU B 273 12.49 32.38 0.92
N TYR B 274 12.66 32.19 2.21
CA TYR B 274 11.58 32.46 3.17
C TYR B 274 11.61 33.93 3.55
N GLU B 275 10.45 34.57 3.57
CA GLU B 275 10.37 35.99 3.98
C GLU B 275 10.80 36.23 5.44
N GLU B 276 10.67 35.21 6.29
CA GLU B 276 11.06 35.28 7.71
C GLU B 276 12.55 35.60 7.93
N VAL B 277 13.42 35.10 7.06
CA VAL B 277 14.87 35.28 7.24
C VAL B 277 15.44 36.44 6.42
N GLY B 278 14.69 36.87 5.41
CA GLY B 278 15.11 37.93 4.50
C GLY B 278 16.27 37.55 3.60
N ILE B 279 16.64 38.48 2.72
CA ILE B 279 17.73 38.26 1.77
C ILE B 279 18.91 39.21 2.00
N ASP B 280 18.79 40.06 3.02
CA ASP B 280 19.84 41.03 3.32
C ASP B 280 20.96 40.37 4.11
N HIS B 281 21.73 39.51 3.43
CA HIS B 281 22.88 38.83 4.02
C HIS B 281 24.11 39.06 3.17
N PRO B 282 25.24 39.46 3.80
CA PRO B 282 26.44 39.84 3.04
C PRO B 282 26.98 38.73 2.14
N PHE B 283 26.75 37.47 2.52
CA PHE B 283 27.20 36.33 1.73
C PHE B 283 26.26 35.94 0.59
N TYR B 284 25.01 36.41 0.64
CA TYR B 284 23.97 35.89 -0.26
C TYR B 284 24.09 36.42 -1.70
N VAL B 285 24.28 35.50 -2.63
CA VAL B 285 24.41 35.80 -4.06
C VAL B 285 23.29 36.70 -4.59
N TRP B 286 22.06 36.50 -4.11
CA TRP B 286 20.92 37.23 -4.65
C TRP B 286 20.35 38.31 -3.73
N LYS B 287 21.21 38.87 -2.86
CA LYS B 287 20.78 39.95 -1.97
C LYS B 287 20.24 41.18 -2.70
N ASP B 288 20.76 41.45 -3.91
CA ASP B 288 20.37 42.63 -4.67
C ASP B 288 19.65 42.28 -5.98
N LYS B 289 19.09 41.07 -6.03
CA LYS B 289 18.49 40.56 -7.27
C LYS B 289 17.14 41.23 -7.52
N LYS B 290 16.93 41.67 -8.76
CA LYS B 290 15.63 42.18 -9.18
C LYS B 290 14.70 41.01 -9.49
N PHE B 291 13.68 40.83 -8.66
CA PHE B 291 12.80 39.67 -8.75
C PHE B 291 11.84 39.81 -9.94
N VAL B 292 11.72 38.74 -10.73
CA VAL B 292 10.75 38.70 -11.84
C VAL B 292 9.65 37.67 -11.53
N PRO B 293 8.43 38.15 -11.25
CA PRO B 293 7.29 37.25 -11.05
C PRO B 293 6.93 36.45 -12.31
N ASP B 294 6.35 35.27 -12.11
CA ASP B 294 5.86 34.40 -13.20
C ASP B 294 6.93 33.66 -14.00
N PHE B 295 8.16 33.62 -13.50
CA PHE B 295 9.23 32.87 -14.15
C PHE B 295 8.99 31.35 -14.13
N TYR B 296 8.14 30.89 -13.22
CA TYR B 296 7.73 29.49 -13.18
C TYR B 296 6.26 29.32 -13.50
N TYR B 297 5.69 30.31 -14.21
CA TYR B 297 4.25 30.37 -14.49
C TYR B 297 3.39 30.37 -13.22
N GLU B 298 4.01 30.68 -12.07
CA GLU B 298 3.32 30.59 -10.79
C GLU B 298 2.21 31.62 -10.61
N GLU B 299 2.26 32.70 -11.38
CA GLU B 299 1.16 33.68 -11.36
C GLU B 299 0.11 33.37 -12.43
N SER B 300 0.55 32.93 -13.61
CA SER B 300 -0.36 32.61 -14.70
C SER B 300 -1.26 31.41 -14.37
N LEU B 301 -0.75 30.49 -13.56
CA LEU B 301 -1.53 29.33 -13.12
C LEU B 301 -2.71 29.74 -12.22
N LYS B 302 -2.65 30.94 -11.66
CA LYS B 302 -3.73 31.49 -10.83
C LYS B 302 -4.81 32.22 -11.64
N LYS B 303 -4.53 32.46 -12.91
CA LYS B 303 -5.48 33.14 -13.79
C LYS B 303 -6.58 32.18 -14.24
N ASP B 304 -7.63 32.74 -14.84
CA ASP B 304 -8.69 31.90 -15.43
C ASP B 304 -8.08 30.93 -16.44
N LEU B 305 -8.68 29.76 -16.54
CA LEU B 305 -8.23 28.73 -17.47
C LEU B 305 -8.17 29.26 -18.90
N GLY B 306 -7.21 28.76 -19.66
CA GLY B 306 -7.00 29.17 -21.05
C GLY B 306 -5.53 29.12 -21.40
N MET B 307 -5.16 29.84 -22.45
CA MET B 307 -3.76 29.89 -22.85
C MET B 307 -3.16 31.22 -22.44
N HIS B 308 -1.97 31.16 -21.84
CA HIS B 308 -1.35 32.34 -21.28
C HIS B 308 0.03 32.57 -21.86
N ASN B 309 0.14 33.66 -22.63
CA ASN B 309 1.43 34.12 -23.09
C ASN B 309 2.19 34.77 -21.94
N SER B 310 3.50 34.90 -22.12
CA SER B 310 4.38 35.42 -21.08
C SER B 310 5.33 36.44 -21.65
N LYS B 311 5.35 37.63 -21.03
CA LYS B 311 6.37 38.62 -21.35
C LYS B 311 7.74 38.19 -20.85
N VAL B 312 7.75 37.40 -19.78
CA VAL B 312 9.00 36.90 -19.18
C VAL B 312 9.75 36.02 -20.17
N PHE B 313 9.01 35.19 -20.91
CA PHE B 313 9.61 34.22 -21.81
C PHE B 313 9.75 34.66 -23.27
N LYS B 314 9.25 35.84 -23.60
CA LYS B 314 9.29 36.32 -24.98
C LYS B 314 10.73 36.64 -25.41
N GLY B 315 11.11 36.11 -26.57
CA GLY B 315 12.42 36.41 -27.14
C GLY B 315 12.34 37.58 -28.12
N GLU B 316 13.34 37.67 -29.00
CA GLU B 316 13.39 38.71 -30.02
C GLU B 316 13.26 38.09 -31.40
N PRO B 317 12.38 38.64 -32.26
CA PRO B 317 12.22 38.09 -33.61
C PRO B 317 13.53 38.12 -34.38
N ILE B 318 13.77 37.09 -35.18
CA ILE B 318 14.96 37.02 -36.02
C ILE B 318 14.55 37.30 -37.48
N GLU C 1 10.34 -29.79 -15.32
CA GLU C 1 10.79 -30.68 -16.41
C GLU C 1 12.24 -30.41 -16.79
N LYS C 2 12.96 -31.46 -17.18
CA LYS C 2 14.34 -31.33 -17.66
C LYS C 2 14.36 -30.85 -19.10
N ARG C 3 15.17 -29.82 -19.37
CA ARG C 3 15.32 -29.28 -20.71
C ARG C 3 16.80 -29.09 -21.03
N GLU C 4 17.19 -29.43 -22.26
CA GLU C 4 18.57 -29.33 -22.70
C GLU C 4 18.69 -28.65 -24.04
N PHE C 5 19.53 -27.61 -24.09
CA PHE C 5 19.74 -26.82 -25.31
C PHE C 5 21.22 -26.72 -25.66
N ASP C 6 21.49 -26.53 -26.95
CA ASP C 6 22.84 -26.31 -27.45
C ASP C 6 22.97 -24.89 -27.99
N LEU C 7 24.08 -24.24 -27.69
CA LEU C 7 24.40 -22.95 -28.30
C LEU C 7 25.83 -22.94 -28.86
N SER C 8 25.96 -22.43 -30.07
CA SER C 8 27.28 -22.16 -30.64
C SER C 8 27.54 -20.67 -30.51
N ILE C 9 28.80 -20.27 -30.51
CA ILE C 9 29.16 -18.85 -30.56
C ILE C 9 29.97 -18.65 -31.84
N GLU C 10 29.45 -17.82 -32.74
CA GLU C 10 29.95 -17.73 -34.12
C GLU C 10 30.20 -16.30 -34.54
N ASP C 11 31.32 -16.06 -35.24
CA ASP C 11 31.57 -14.76 -35.85
C ASP C 11 30.55 -14.49 -36.93
N THR C 12 29.81 -13.40 -36.78
CA THR C 12 28.57 -13.19 -37.53
C THR C 12 28.44 -11.73 -37.93
N ARG C 13 28.02 -11.49 -39.16
CA ARG C 13 27.75 -10.14 -39.64
C ARG C 13 26.25 -9.84 -39.55
N ILE C 14 25.90 -8.74 -38.90
CA ILE C 14 24.52 -8.26 -38.88
C ILE C 14 24.44 -6.87 -39.49
N VAL C 15 23.24 -6.45 -39.84
CA VAL C 15 23.01 -5.10 -40.35
C VAL C 15 21.97 -4.42 -39.45
N LEU C 16 22.34 -3.29 -38.87
CA LEU C 16 21.48 -2.56 -37.94
C LEU C 16 20.40 -1.76 -38.69
N VAL C 17 20.82 -1.07 -39.74
CA VAL C 17 19.96 -0.27 -40.64
C VAL C 17 20.79 0.05 -41.87
N GLY C 18 20.11 0.23 -43.01
CA GLY C 18 20.77 0.65 -44.24
C GLY C 18 22.00 -0.17 -44.55
N LYS C 19 23.14 0.50 -44.69
CA LYS C 19 24.42 -0.14 -44.97
C LYS C 19 25.29 -0.34 -43.72
N ARG C 20 24.75 -0.04 -42.54
CA ARG C 20 25.52 -0.14 -41.29
C ARG C 20 25.58 -1.58 -40.75
N ASP C 21 26.63 -2.30 -41.14
CA ASP C 21 26.85 -3.66 -40.65
C ASP C 21 27.71 -3.67 -39.38
N PHE C 22 27.78 -4.84 -38.74
CA PHE C 22 28.53 -5.00 -37.51
C PHE C 22 29.00 -6.44 -37.38
N HIS C 23 30.23 -6.61 -36.90
CA HIS C 23 30.82 -7.91 -36.63
C HIS C 23 30.39 -8.29 -35.22
N THR C 24 29.71 -9.41 -35.08
CA THR C 24 29.21 -9.85 -33.78
C THR C 24 29.71 -11.26 -33.44
N PHE C 25 29.71 -11.58 -32.15
CA PHE C 25 29.98 -12.95 -31.70
C PHE C 25 28.64 -13.54 -31.28
N ALA C 26 27.89 -14.08 -32.24
CA ALA C 26 26.47 -14.37 -32.03
C ALA C 26 26.18 -15.79 -31.58
N PHE C 27 25.33 -15.93 -30.56
CA PHE C 27 24.86 -17.25 -30.13
C PHE C 27 23.96 -17.84 -31.23
N ASN C 28 24.29 -19.03 -31.70
CA ASN C 28 23.64 -19.64 -32.87
C ASN C 28 23.55 -18.72 -34.10
N GLY C 29 24.55 -17.86 -34.25
CA GLY C 29 24.66 -16.97 -35.40
C GLY C 29 23.55 -15.94 -35.58
N GLN C 30 22.86 -15.62 -34.49
CA GLN C 30 21.77 -14.64 -34.53
C GLN C 30 21.87 -13.62 -33.40
N VAL C 31 21.35 -12.41 -33.67
CA VAL C 31 21.29 -11.34 -32.67
C VAL C 31 19.91 -10.67 -32.79
N PRO C 32 19.13 -10.65 -31.68
CA PRO C 32 19.40 -11.28 -30.38
C PRO C 32 19.57 -12.80 -30.44
N ALA C 33 20.17 -13.35 -29.40
CA ALA C 33 20.33 -14.80 -29.26
C ALA C 33 18.97 -15.51 -29.20
N PRO C 34 18.98 -16.85 -29.37
CA PRO C 34 17.73 -17.62 -29.30
C PRO C 34 16.91 -17.36 -28.04
N LEU C 35 15.59 -17.31 -28.19
CA LEU C 35 14.69 -17.24 -27.04
C LEU C 35 14.72 -18.54 -26.29
N ILE C 36 14.97 -18.45 -24.98
CA ILE C 36 14.79 -19.57 -24.07
C ILE C 36 13.52 -19.28 -23.28
N HIS C 37 12.55 -20.17 -23.40
CA HIS C 37 11.23 -19.98 -22.84
C HIS C 37 10.89 -21.23 -22.07
N VAL C 38 10.91 -21.13 -20.74
CA VAL C 38 10.78 -22.29 -19.87
C VAL C 38 9.82 -21.99 -18.73
N MET C 39 9.50 -23.02 -17.95
CA MET C 39 8.60 -22.88 -16.82
C MET C 39 9.44 -22.75 -15.56
N GLU C 40 8.98 -21.91 -14.63
CA GLU C 40 9.57 -21.79 -13.30
C GLU C 40 9.76 -23.17 -12.68
N GLY C 41 10.99 -23.48 -12.30
CA GLY C 41 11.31 -24.77 -11.68
C GLY C 41 11.90 -25.81 -12.61
N ASP C 42 11.86 -25.54 -13.92
CA ASP C 42 12.47 -26.42 -14.91
C ASP C 42 13.97 -26.55 -14.66
N ASP C 43 14.51 -27.72 -14.93
CA ASP C 43 15.94 -27.95 -14.80
C ASP C 43 16.61 -27.84 -16.16
N VAL C 44 17.37 -26.76 -16.34
CA VAL C 44 17.91 -26.39 -17.64
C VAL C 44 19.38 -26.81 -17.76
N THR C 45 19.72 -27.39 -18.91
CA THR C 45 21.11 -27.65 -19.27
C THR C 45 21.40 -26.94 -20.58
N VAL C 46 22.51 -26.20 -20.62
CA VAL C 46 22.91 -25.53 -21.85
C VAL C 46 24.36 -25.87 -22.16
N ASN C 47 24.58 -26.48 -23.31
CA ASN C 47 25.92 -26.78 -23.80
C ASN C 47 26.34 -25.72 -24.78
N VAL C 48 27.41 -25.03 -24.43
CA VAL C 48 27.88 -23.85 -25.16
C VAL C 48 29.22 -24.15 -25.81
N THR C 49 29.25 -24.07 -27.14
CA THR C 49 30.46 -24.33 -27.91
C THR C 49 30.98 -23.04 -28.51
N ASN C 50 32.23 -22.71 -28.17
CA ASN C 50 32.88 -21.49 -28.66
C ASN C 50 33.55 -21.72 -30.01
N MET C 51 33.00 -21.12 -31.07
CA MET C 51 33.56 -21.24 -32.43
C MET C 51 34.19 -19.94 -32.93
N THR C 52 34.54 -19.06 -32.01
CA THR C 52 35.23 -17.80 -32.31
C THR C 52 36.69 -17.94 -31.88
N THR C 53 37.46 -16.87 -32.02
CA THR C 53 38.87 -16.87 -31.63
C THR C 53 39.13 -16.14 -30.31
N LEU C 54 38.07 -15.78 -29.60
CA LEU C 54 38.19 -15.12 -28.29
C LEU C 54 37.42 -15.88 -27.21
N PRO C 55 37.79 -15.70 -25.92
CA PRO C 55 37.06 -16.40 -24.86
C PRO C 55 35.72 -15.75 -24.53
N HIS C 56 34.77 -16.55 -24.08
CA HIS C 56 33.42 -16.11 -23.72
C HIS C 56 32.90 -16.90 -22.54
N THR C 57 31.82 -16.41 -21.94
CA THR C 57 30.99 -17.21 -21.01
C THR C 57 29.52 -16.91 -21.32
N ILE C 58 28.60 -17.57 -20.63
CA ILE C 58 27.21 -17.11 -20.57
C ILE C 58 26.80 -16.92 -19.12
N HIS C 59 26.44 -15.69 -18.77
CA HIS C 59 25.81 -15.41 -17.49
C HIS C 59 24.29 -15.33 -17.67
N TRP C 60 23.57 -15.96 -16.74
CA TRP C 60 22.11 -16.05 -16.77
C TRP C 60 21.56 -15.01 -15.78
N HIS C 61 21.31 -13.81 -16.32
CA HIS C 61 20.96 -12.65 -15.51
C HIS C 61 19.56 -12.76 -14.94
N GLY C 62 19.46 -12.82 -13.62
CA GLY C 62 18.19 -12.94 -12.92
C GLY C 62 17.95 -14.33 -12.37
N MET C 63 18.82 -15.27 -12.76
CA MET C 63 18.78 -16.62 -12.22
C MET C 63 19.53 -16.64 -10.90
N LEU C 64 18.84 -17.07 -9.85
CA LEU C 64 19.39 -17.10 -8.50
C LEU C 64 20.53 -18.09 -8.30
N GLN C 65 20.57 -19.14 -9.12
CA GLN C 65 21.63 -20.14 -9.09
C GLN C 65 21.80 -20.72 -7.67
N ARG C 66 20.68 -21.09 -7.06
CA ARG C 66 20.68 -21.62 -5.70
C ARG C 66 21.40 -22.97 -5.69
N GLY C 67 22.54 -23.01 -5.00
CA GLY C 67 23.38 -24.22 -4.98
C GLY C 67 24.20 -24.43 -6.25
N THR C 68 23.99 -23.62 -7.27
CA THR C 68 24.63 -23.84 -8.57
C THR C 68 25.52 -22.68 -9.02
N TRP C 69 26.24 -22.06 -8.08
CA TRP C 69 27.11 -20.91 -8.39
C TRP C 69 28.13 -21.17 -9.50
N GLN C 70 28.58 -22.42 -9.67
CA GLN C 70 29.56 -22.70 -10.71
C GLN C 70 28.99 -22.69 -12.13
N SER C 71 27.68 -22.45 -12.24
CA SER C 71 27.00 -22.22 -13.54
C SER C 71 26.57 -20.75 -13.72
N ASP C 72 27.08 -19.85 -12.88
CA ASP C 72 26.74 -18.42 -12.95
C ASP C 72 27.38 -17.70 -14.15
N GLY C 73 28.43 -18.27 -14.72
CA GLY C 73 29.01 -17.76 -15.96
C GLY C 73 29.88 -16.50 -15.85
N VAL C 74 30.60 -16.36 -14.74
CA VAL C 74 31.49 -15.21 -14.60
C VAL C 74 32.95 -15.66 -14.69
N PRO C 75 33.69 -15.14 -15.69
CA PRO C 75 35.08 -15.58 -15.82
C PRO C 75 35.89 -15.04 -14.65
N HIS C 76 36.83 -15.85 -14.15
CA HIS C 76 37.68 -15.48 -13.00
C HIS C 76 36.93 -15.38 -11.67
N ALA C 77 35.70 -15.87 -11.63
CA ALA C 77 34.91 -15.87 -10.40
C ALA C 77 34.21 -17.20 -10.16
N THR C 78 33.55 -17.72 -11.20
CA THR C 78 32.80 -18.98 -11.08
C THR C 78 33.29 -20.05 -12.06
N GLN C 79 34.16 -19.64 -13.00
CA GLN C 79 34.73 -20.57 -13.99
C GLN C 79 35.92 -19.95 -14.70
N HIS C 80 36.71 -20.81 -15.36
CA HIS C 80 37.60 -20.36 -16.42
C HIS C 80 36.71 -20.00 -17.62
N ALA C 81 37.06 -18.94 -18.35
CA ALA C 81 36.32 -18.61 -19.58
C ALA C 81 36.36 -19.78 -20.57
N ILE C 82 35.34 -19.87 -21.44
CA ILE C 82 35.29 -20.92 -22.46
C ILE C 82 36.25 -20.53 -23.59
N GLU C 83 37.30 -21.32 -23.77
CA GLU C 83 38.32 -21.02 -24.78
C GLU C 83 37.83 -21.39 -26.19
N PRO C 84 38.41 -20.78 -27.24
CA PRO C 84 38.06 -21.16 -28.62
C PRO C 84 38.13 -22.67 -28.83
N GLY C 85 37.13 -23.23 -29.48
CA GLY C 85 37.08 -24.67 -29.72
C GLY C 85 36.45 -25.49 -28.60
N ASP C 86 36.29 -24.89 -27.42
CA ASP C 86 35.85 -25.63 -26.24
C ASP C 86 34.34 -25.60 -26.01
N THR C 87 33.85 -26.57 -25.23
CA THR C 87 32.45 -26.65 -24.84
C THR C 87 32.32 -26.65 -23.30
N PHE C 88 31.44 -25.79 -22.81
CA PHE C 88 31.16 -25.68 -21.37
C PHE C 88 29.68 -25.94 -21.18
N THR C 89 29.34 -26.65 -20.11
CA THR C 89 27.96 -27.01 -19.81
C THR C 89 27.46 -26.27 -18.57
N TYR C 90 26.35 -25.54 -18.76
CA TYR C 90 25.64 -24.88 -17.65
C TYR C 90 24.44 -25.70 -17.22
N LYS C 91 24.25 -25.82 -15.90
CA LYS C 91 23.10 -26.50 -15.31
C LYS C 91 22.52 -25.69 -14.16
N PHE C 92 21.26 -25.29 -14.29
CA PHE C 92 20.57 -24.51 -13.27
C PHE C 92 19.06 -24.75 -13.27
N LYS C 93 18.42 -24.44 -12.14
CA LYS C 93 16.97 -24.42 -12.06
C LYS C 93 16.49 -23.06 -12.58
N ALA C 94 15.41 -23.06 -13.37
CA ALA C 94 14.81 -21.80 -13.83
C ALA C 94 14.01 -21.15 -12.72
N GLU C 95 14.66 -20.26 -11.97
CA GLU C 95 14.00 -19.52 -10.88
C GLU C 95 14.80 -18.25 -10.53
N PRO C 96 14.10 -17.16 -10.18
CA PRO C 96 12.63 -17.05 -10.12
C PRO C 96 12.01 -16.86 -11.51
N ALA C 97 10.69 -16.69 -11.55
CA ALA C 97 9.98 -16.42 -12.79
C ALA C 97 10.15 -14.97 -13.24
N GLY C 98 9.91 -14.71 -14.52
CA GLY C 98 9.91 -13.35 -15.04
C GLY C 98 10.74 -13.14 -16.28
N THR C 99 10.85 -11.88 -16.68
CA THR C 99 11.66 -11.46 -17.81
C THR C 99 13.12 -11.40 -17.37
N MET C 100 13.87 -12.46 -17.71
CA MET C 100 15.30 -12.50 -17.45
C MET C 100 16.02 -12.42 -18.80
N TRP C 101 17.35 -12.51 -18.79
CA TRP C 101 18.11 -12.53 -20.03
C TRP C 101 19.45 -13.19 -19.82
N TYR C 102 20.20 -13.39 -20.92
CA TYR C 102 21.51 -13.99 -20.81
C TYR C 102 22.50 -13.30 -21.72
N HIS C 103 23.74 -13.22 -21.26
CA HIS C 103 24.77 -12.50 -22.00
C HIS C 103 26.14 -12.97 -21.60
N CYS C 104 27.11 -12.76 -22.49
CA CYS C 104 28.49 -13.08 -22.18
C CYS C 104 28.94 -12.22 -21.01
N HIS C 105 29.78 -12.75 -20.14
CA HIS C 105 30.34 -11.94 -19.06
C HIS C 105 31.85 -11.66 -19.18
N VAL C 106 32.39 -11.81 -20.40
CA VAL C 106 33.80 -11.51 -20.70
C VAL C 106 33.89 -10.14 -21.38
N ASN C 107 34.82 -9.30 -20.93
CA ASN C 107 35.04 -7.97 -21.56
C ASN C 107 33.72 -7.32 -22.00
N VAL C 108 32.82 -7.12 -21.05
CA VAL C 108 31.43 -6.76 -21.35
C VAL C 108 31.32 -5.41 -22.09
N ASN C 109 32.24 -4.51 -21.77
CA ASN C 109 32.32 -3.20 -22.42
C ASN C 109 32.41 -3.30 -23.95
N GLU C 110 32.92 -4.44 -24.44
CA GLU C 110 32.89 -4.76 -25.87
C GLU C 110 31.85 -5.83 -26.21
N HIS C 111 31.96 -7.00 -25.58
CA HIS C 111 31.16 -8.17 -25.99
C HIS C 111 29.66 -7.98 -25.86
N VAL C 112 29.18 -7.41 -24.76
CA VAL C 112 27.74 -7.20 -24.59
C VAL C 112 27.29 -5.91 -25.27
N THR C 113 28.05 -4.84 -25.04
CA THR C 113 27.73 -3.52 -25.59
C THR C 113 27.63 -3.52 -27.13
N MET C 114 28.61 -4.12 -27.80
CA MET C 114 28.68 -4.03 -29.27
C MET C 114 28.97 -5.31 -30.07
N ARG C 115 28.91 -6.48 -29.44
CA ARG C 115 29.14 -7.73 -30.17
C ARG C 115 27.93 -8.67 -30.17
N GLY C 116 26.78 -8.13 -29.75
CA GLY C 116 25.50 -8.85 -29.83
C GLY C 116 25.34 -10.08 -28.98
N MET C 117 26.14 -10.20 -27.91
CA MET C 117 26.17 -11.40 -27.10
C MET C 117 25.11 -11.37 -26.00
N TRP C 118 23.84 -11.41 -26.40
CA TRP C 118 22.71 -11.32 -25.45
C TRP C 118 21.45 -11.89 -26.07
N GLY C 119 20.56 -12.39 -25.21
CA GLY C 119 19.27 -12.89 -25.64
C GLY C 119 18.32 -13.00 -24.47
N PRO C 120 17.02 -13.21 -24.74
CA PRO C 120 16.00 -13.24 -23.68
C PRO C 120 15.82 -14.61 -23.02
N LEU C 121 15.56 -14.60 -21.72
CA LEU C 121 15.31 -15.81 -20.96
C LEU C 121 14.00 -15.61 -20.20
N ILE C 122 12.91 -16.10 -20.78
CA ILE C 122 11.60 -15.85 -20.23
C ILE C 122 11.19 -17.08 -19.43
N VAL C 123 10.95 -16.87 -18.15
CA VAL C 123 10.56 -17.94 -17.24
C VAL C 123 9.11 -17.69 -16.83
N GLU C 124 8.22 -18.60 -17.25
CA GLU C 124 6.79 -18.48 -16.92
C GLU C 124 6.54 -18.86 -15.48
N PRO C 125 5.72 -18.07 -14.77
CA PRO C 125 5.37 -18.46 -13.40
C PRO C 125 4.39 -19.64 -13.38
N LYS C 126 4.50 -20.49 -12.36
CA LYS C 126 3.55 -21.61 -12.18
C LYS C 126 2.13 -21.09 -11.94
N ASN C 127 2.03 -20.02 -11.15
CA ASN C 127 0.76 -19.33 -10.89
C ASN C 127 0.84 -17.86 -11.28
N PRO C 128 0.46 -17.53 -12.52
CA PRO C 128 0.46 -16.14 -12.99
C PRO C 128 -0.50 -15.26 -12.20
N LEU C 129 -0.14 -13.99 -12.02
CA LEU C 129 -1.01 -13.03 -11.34
C LEU C 129 -2.20 -12.66 -12.25
N PRO C 130 -3.33 -12.20 -11.66
CA PRO C 130 -4.49 -11.81 -12.47
C PRO C 130 -4.16 -10.85 -13.63
N ILE C 131 -3.27 -9.90 -13.42
CA ILE C 131 -2.91 -8.97 -14.51
C ILE C 131 -2.22 -9.68 -15.70
N GLU C 132 -1.40 -10.70 -15.40
CA GLU C 132 -0.73 -11.49 -16.45
C GLU C 132 -1.74 -12.25 -17.31
N LYS C 133 -2.85 -12.66 -16.70
CA LYS C 133 -3.88 -13.43 -17.40
C LYS C 133 -4.73 -12.59 -18.35
N THR C 134 -4.66 -11.26 -18.22
CA THR C 134 -5.39 -10.36 -19.12
C THR C 134 -4.66 -10.16 -20.45
N VAL C 135 -3.36 -10.47 -20.46
CA VAL C 135 -2.49 -10.26 -21.62
C VAL C 135 -2.83 -11.18 -22.79
N THR C 136 -2.99 -10.58 -23.98
CA THR C 136 -3.30 -11.33 -25.20
C THR C 136 -2.09 -11.50 -26.11
N LYS C 137 -1.14 -10.57 -26.04
CA LYS C 137 0.04 -10.58 -26.89
C LYS C 137 1.26 -10.16 -26.06
N ASP C 138 2.38 -10.86 -26.27
CA ASP C 138 3.58 -10.70 -25.47
C ASP C 138 4.76 -10.35 -26.39
N TYR C 139 5.49 -9.29 -26.07
CA TYR C 139 6.56 -8.76 -26.93
C TYR C 139 7.85 -8.60 -26.14
N ILE C 140 8.99 -8.89 -26.76
CA ILE C 140 10.29 -8.69 -26.13
C ILE C 140 11.05 -7.59 -26.89
N LEU C 141 11.42 -6.52 -26.19
CA LEU C 141 12.22 -5.43 -26.77
C LEU C 141 13.54 -5.29 -26.02
N MET C 142 14.62 -5.71 -26.68
CA MET C 142 15.95 -5.61 -26.11
C MET C 142 16.64 -4.38 -26.70
N LEU C 143 17.04 -3.48 -25.81
CA LEU C 143 17.51 -2.15 -26.19
C LEU C 143 19.04 -2.09 -26.15
N SER C 144 19.64 -1.70 -27.27
CA SER C 144 21.10 -1.65 -27.37
C SER C 144 21.60 -0.35 -27.98
N ASP C 145 22.85 -0.02 -27.62
CA ASP C 145 23.55 1.17 -28.10
C ASP C 145 24.89 0.71 -28.69
N TRP C 146 25.23 1.22 -29.88
CA TRP C 146 26.39 0.75 -30.63
C TRP C 146 27.35 1.89 -31.00
N VAL C 147 28.65 1.56 -31.04
CA VAL C 147 29.71 2.49 -31.48
C VAL C 147 30.24 2.03 -32.86
N SER C 148 29.80 2.69 -33.92
CA SER C 148 30.10 2.23 -35.30
C SER C 148 31.60 2.20 -35.64
N SER C 149 32.40 3.00 -34.95
CA SER C 149 33.85 3.04 -35.23
C SER C 149 34.54 1.69 -34.98
N TRP C 150 33.89 0.84 -34.18
CA TRP C 150 34.44 -0.50 -33.91
C TRP C 150 33.70 -1.61 -34.66
N ALA C 151 32.80 -1.22 -35.57
CA ALA C 151 31.94 -2.16 -36.28
C ALA C 151 32.67 -3.40 -36.78
N ASN C 152 33.80 -3.18 -37.45
CA ASN C 152 34.55 -4.27 -38.04
C ASN C 152 35.94 -4.44 -37.44
N LYS C 153 36.04 -4.17 -36.14
CA LYS C 153 37.27 -4.37 -35.40
C LYS C 153 37.05 -5.28 -34.18
N PRO C 154 36.74 -6.56 -34.40
CA PRO C 154 36.49 -7.48 -33.28
C PRO C 154 37.71 -7.61 -32.36
N GLY C 155 37.47 -7.68 -31.06
CA GLY C 155 38.54 -7.73 -30.07
C GLY C 155 38.95 -6.35 -29.59
N GLU C 156 38.31 -5.33 -30.15
CA GLU C 156 38.57 -3.93 -29.81
C GLU C 156 37.25 -3.20 -29.53
N GLY C 157 37.33 -2.13 -28.74
CA GLY C 157 36.17 -1.28 -28.50
C GLY C 157 35.68 -1.24 -27.06
N GLY C 158 34.82 -0.26 -26.77
CA GLY C 158 34.24 -0.09 -25.44
C GLY C 158 35.19 0.63 -24.51
N ILE C 159 35.78 1.72 -24.99
CA ILE C 159 36.81 2.45 -24.24
C ILE C 159 36.49 3.95 -24.17
N PRO C 160 37.09 4.68 -23.22
CA PRO C 160 36.89 6.13 -23.19
C PRO C 160 37.17 6.77 -24.55
N GLY C 161 36.34 7.73 -24.94
CA GLY C 161 36.47 8.38 -26.24
C GLY C 161 35.44 7.92 -27.26
N ASP C 162 34.88 6.73 -27.05
CA ASP C 162 33.88 6.15 -27.96
C ASP C 162 32.69 7.07 -28.22
N VAL C 163 32.28 7.13 -29.49
CA VAL C 163 31.11 7.91 -29.88
C VAL C 163 29.98 6.97 -30.29
N PHE C 164 28.95 6.87 -29.44
CA PHE C 164 27.78 6.05 -29.74
C PHE C 164 26.98 6.71 -30.85
N ASP C 165 26.53 5.93 -31.83
CA ASP C 165 25.85 6.51 -32.99
C ASP C 165 24.71 5.68 -33.58
N TYR C 166 24.54 4.45 -33.09
CA TYR C 166 23.39 3.63 -33.49
C TYR C 166 22.70 3.01 -32.28
N TYR C 167 21.39 2.93 -32.38
CA TYR C 167 20.54 2.53 -31.26
C TYR C 167 19.46 1.64 -31.81
N THR C 168 19.25 0.51 -31.14
CA THR C 168 18.41 -0.56 -31.70
C THR C 168 17.40 -1.16 -30.74
N ILE C 169 16.32 -1.69 -31.31
CA ILE C 169 15.44 -2.66 -30.64
C ILE C 169 15.72 -3.99 -31.34
N ASN C 170 16.16 -4.99 -30.57
CA ASN C 170 16.46 -6.32 -31.12
C ASN C 170 17.35 -6.23 -32.36
N ALA C 171 18.39 -5.39 -32.23
CA ALA C 171 19.46 -5.23 -33.23
C ALA C 171 19.06 -4.58 -34.55
N LYS C 172 17.93 -3.90 -34.57
CA LYS C 172 17.54 -3.08 -35.72
C LYS C 172 17.17 -1.68 -35.29
N SER C 173 17.52 -0.69 -36.11
CA SER C 173 17.08 0.68 -35.89
C SER C 173 15.91 1.00 -36.81
N PHE C 174 15.04 1.89 -36.35
CA PHE C 174 14.04 2.49 -37.23
C PHE C 174 14.74 3.12 -38.45
N PRO C 175 14.15 3.01 -39.66
CA PRO C 175 12.86 2.42 -40.04
C PRO C 175 12.87 0.92 -40.34
N GLU C 176 13.84 0.19 -39.82
CA GLU C 176 13.95 -1.24 -40.09
C GLU C 176 13.49 -2.13 -38.93
N THR C 177 12.85 -1.51 -37.94
CA THR C 177 12.10 -2.24 -36.93
C THR C 177 10.76 -2.65 -37.54
N GLN C 178 9.92 -3.32 -36.74
CA GLN C 178 8.61 -3.77 -37.21
C GLN C 178 7.47 -3.18 -36.38
N PRO C 179 6.34 -2.85 -37.04
CA PRO C 179 5.21 -2.35 -36.27
C PRO C 179 4.65 -3.41 -35.35
N ILE C 180 4.06 -2.98 -34.24
CA ILE C 180 3.34 -3.84 -33.33
C ILE C 180 1.87 -3.75 -33.74
N ARG C 181 1.33 -4.88 -34.20
CA ARG C 181 -0.01 -4.91 -34.80
C ARG C 181 -1.03 -5.50 -33.85
N VAL C 182 -2.03 -4.69 -33.51
CA VAL C 182 -3.03 -5.03 -32.51
C VAL C 182 -4.44 -4.76 -33.04
N LYS C 183 -5.43 -5.22 -32.30
CA LYS C 183 -6.82 -4.84 -32.51
C LYS C 183 -7.39 -4.34 -31.19
N LYS C 184 -8.48 -3.58 -31.25
CA LYS C 184 -9.11 -3.05 -30.04
C LYS C 184 -9.53 -4.21 -29.12
N GLY C 185 -9.22 -4.07 -27.84
CA GLY C 185 -9.50 -5.11 -26.86
C GLY C 185 -8.28 -5.95 -26.51
N ASP C 186 -7.25 -5.91 -27.35
CA ASP C 186 -5.96 -6.53 -27.04
C ASP C 186 -5.36 -5.92 -25.76
N VAL C 187 -4.54 -6.71 -25.08
CA VAL C 187 -3.75 -6.24 -23.94
C VAL C 187 -2.35 -6.77 -24.21
N ILE C 188 -1.40 -5.85 -24.39
CA ILE C 188 -0.06 -6.26 -24.75
C ILE C 188 0.88 -6.13 -23.56
N ARG C 189 1.89 -6.99 -23.52
CA ARG C 189 2.92 -6.94 -22.49
C ARG C 189 4.23 -6.66 -23.23
N LEU C 190 4.83 -5.51 -22.95
CA LEU C 190 6.12 -5.15 -23.51
C LEU C 190 7.19 -5.48 -22.49
N ARG C 191 8.00 -6.48 -22.78
CA ARG C 191 9.10 -6.86 -21.89
C ARG C 191 10.35 -6.10 -22.33
N LEU C 192 10.65 -5.01 -21.61
CA LEU C 192 11.77 -4.13 -21.96
C LEU C 192 13.02 -4.60 -21.23
N ILE C 193 14.10 -4.83 -21.97
CA ILE C 193 15.34 -5.31 -21.38
C ILE C 193 16.45 -4.30 -21.69
N GLY C 194 17.12 -3.84 -20.65
CA GLY C 194 18.19 -2.84 -20.79
C GLY C 194 19.49 -3.55 -21.10
N ALA C 195 19.64 -3.94 -22.36
CA ALA C 195 20.81 -4.70 -22.79
C ALA C 195 21.99 -3.79 -23.15
N GLY C 196 21.76 -2.47 -23.16
CA GLY C 196 22.78 -1.51 -23.58
C GLY C 196 23.55 -0.79 -22.48
N ASP C 197 24.38 0.16 -22.89
CA ASP C 197 25.21 0.93 -21.96
C ASP C 197 24.48 2.16 -21.42
N HIS C 198 23.46 2.62 -22.13
CA HIS C 198 22.79 3.86 -21.80
C HIS C 198 21.47 3.60 -21.08
N VAL C 199 20.97 4.64 -20.40
CA VAL C 199 19.61 4.64 -19.90
C VAL C 199 18.69 4.95 -21.11
N HIS C 200 17.53 4.32 -21.17
CA HIS C 200 16.54 4.61 -22.21
C HIS C 200 15.24 5.07 -21.54
N ALA C 201 14.49 5.92 -22.23
CA ALA C 201 13.23 6.45 -21.72
C ALA C 201 12.08 6.10 -22.67
N ILE C 202 11.50 4.92 -22.48
CA ILE C 202 10.57 4.37 -23.47
C ILE C 202 9.18 4.95 -23.31
N HIS C 203 8.75 5.69 -24.33
CA HIS C 203 7.52 6.45 -24.32
C HIS C 203 6.53 5.88 -25.36
N THR C 204 5.30 5.63 -24.90
CA THR C 204 4.24 5.11 -25.77
C THR C 204 3.10 6.12 -25.89
N HIS C 205 2.78 6.51 -27.12
CA HIS C 205 1.68 7.44 -27.39
C HIS C 205 0.32 6.75 -27.25
N GLY C 206 -0.69 7.53 -26.85
CA GLY C 206 -2.10 7.15 -26.93
C GLY C 206 -2.62 6.14 -25.93
N HIS C 207 -1.77 5.76 -24.97
CA HIS C 207 -2.07 4.65 -24.07
C HIS C 207 -1.45 4.91 -22.70
N ILE C 208 -2.02 4.29 -21.68
CA ILE C 208 -1.45 4.36 -20.33
C ILE C 208 -0.50 3.18 -20.16
N SER C 209 0.76 3.48 -19.90
CA SER C 209 1.75 2.45 -19.60
C SER C 209 1.56 2.01 -18.16
N GLN C 210 1.30 0.72 -17.94
CA GLN C 210 1.24 0.19 -16.58
C GLN C 210 2.53 -0.57 -16.31
N ILE C 211 3.44 0.05 -15.58
CA ILE C 211 4.71 -0.60 -15.23
C ILE C 211 4.40 -1.63 -14.13
N ALA C 212 4.39 -2.90 -14.50
CA ALA C 212 3.85 -3.95 -13.63
C ALA C 212 4.89 -4.90 -13.01
N PHE C 213 6.06 -5.03 -13.64
CA PHE C 213 7.14 -5.90 -13.14
C PHE C 213 8.48 -5.20 -13.25
N LYS C 214 9.33 -5.36 -12.23
CA LYS C 214 10.73 -4.92 -12.32
C LYS C 214 11.62 -6.12 -12.06
N ASP C 215 12.55 -6.37 -12.98
CA ASP C 215 13.52 -7.45 -12.87
C ASP C 215 12.80 -8.78 -12.64
N GLY C 216 11.65 -8.94 -13.31
CA GLY C 216 10.86 -10.17 -13.18
C GLY C 216 9.90 -10.20 -12.01
N PHE C 217 10.16 -9.38 -10.98
CA PHE C 217 9.32 -9.34 -9.78
C PHE C 217 8.13 -8.39 -9.92
N PRO C 218 6.91 -8.84 -9.57
CA PRO C 218 5.73 -7.98 -9.62
C PRO C 218 5.84 -6.83 -8.62
N LEU C 219 5.52 -5.63 -9.09
CA LEU C 219 5.45 -4.48 -8.20
C LEU C 219 4.16 -4.57 -7.39
N ASP C 220 4.21 -4.12 -6.13
CA ASP C 220 3.05 -4.15 -5.24
C ASP C 220 1.75 -3.73 -5.93
N LYS C 221 1.81 -2.57 -6.58
CA LYS C 221 0.78 -2.15 -7.54
C LYS C 221 1.49 -1.55 -8.77
N PRO C 222 0.97 -1.82 -9.98
CA PRO C 222 1.54 -1.21 -11.18
C PRO C 222 1.63 0.32 -11.09
N ILE C 223 2.71 0.90 -11.62
CA ILE C 223 2.86 2.36 -11.68
C ILE C 223 2.37 2.87 -13.04
N LYS C 224 1.45 3.83 -13.01
CA LYS C 224 0.89 4.38 -14.24
C LYS C 224 1.68 5.61 -14.71
N GLY C 225 1.89 5.68 -16.02
CA GLY C 225 2.56 6.82 -16.65
C GLY C 225 2.52 6.70 -18.14
N ASP C 226 3.49 7.33 -18.81
CA ASP C 226 3.61 7.19 -20.26
C ASP C 226 5.05 7.05 -20.71
N THR C 227 5.98 7.16 -19.77
CA THR C 227 7.41 7.07 -20.07
C THR C 227 8.08 6.22 -18.99
N VAL C 228 8.85 5.23 -19.42
CA VAL C 228 9.51 4.31 -18.49
C VAL C 228 11.02 4.48 -18.58
N LEU C 229 11.64 4.94 -17.51
CA LEU C 229 13.08 5.08 -17.49
C LEU C 229 13.70 3.72 -17.14
N ILE C 230 14.47 3.18 -18.07
CA ILE C 230 15.07 1.84 -17.90
C ILE C 230 16.59 1.89 -18.07
N GLY C 231 17.30 1.45 -17.03
CA GLY C 231 18.77 1.46 -17.02
C GLY C 231 19.40 0.14 -17.41
N PRO C 232 20.72 0.16 -17.69
CA PRO C 232 21.44 -1.07 -18.05
C PRO C 232 21.24 -2.20 -17.03
N GLY C 233 20.93 -3.40 -17.52
CA GLY C 233 20.71 -4.55 -16.66
C GLY C 233 19.28 -4.74 -16.20
N GLU C 234 18.50 -3.66 -16.16
CA GLU C 234 17.12 -3.70 -15.65
C GLU C 234 16.17 -4.31 -16.67
N ARG C 235 15.06 -4.85 -16.16
CA ARG C 235 13.93 -5.26 -16.99
C ARG C 235 12.64 -4.68 -16.42
N TYR C 236 11.77 -4.20 -17.30
CA TYR C 236 10.47 -3.71 -16.92
C TYR C 236 9.46 -4.31 -17.88
N ASP C 237 8.38 -4.88 -17.32
CA ASP C 237 7.26 -5.34 -18.12
C ASP C 237 6.18 -4.29 -18.03
N VAL C 238 5.80 -3.76 -19.19
CA VAL C 238 4.79 -2.72 -19.29
C VAL C 238 3.55 -3.34 -19.91
N ILE C 239 2.42 -3.24 -19.23
CA ILE C 239 1.15 -3.75 -19.74
C ILE C 239 0.33 -2.58 -20.29
N LEU C 240 -0.15 -2.72 -21.52
CA LEU C 240 -0.91 -1.67 -22.19
C LEU C 240 -2.26 -2.22 -22.66
N ASN C 241 -3.35 -1.57 -22.23
CA ASN C 241 -4.69 -1.92 -22.70
C ASN C 241 -4.95 -1.24 -24.06
N MET C 242 -5.20 -2.04 -25.09
CA MET C 242 -5.34 -1.50 -26.45
C MET C 242 -6.77 -1.06 -26.71
N ASP C 243 -7.14 0.08 -26.15
CA ASP C 243 -8.52 0.55 -26.18
C ASP C 243 -8.73 1.81 -27.02
N ASN C 244 -7.77 2.13 -27.87
CA ASN C 244 -7.73 3.43 -28.54
C ASN C 244 -7.21 3.31 -29.98
N PRO C 245 -8.07 2.90 -30.93
CA PRO C 245 -7.62 2.74 -32.32
C PRO C 245 -6.92 3.96 -32.95
N GLY C 246 -5.76 3.70 -33.53
CA GLY C 246 -4.97 4.72 -34.22
C GLY C 246 -3.63 4.16 -34.66
N LEU C 247 -2.74 5.02 -35.14
CA LEU C 247 -1.35 4.64 -35.37
C LEU C 247 -0.49 5.42 -34.37
N TRP C 248 0.26 4.70 -33.55
CA TRP C 248 0.86 5.27 -32.34
C TRP C 248 2.35 5.00 -32.22
N MET C 249 3.12 6.05 -31.97
CA MET C 249 4.56 5.93 -31.79
C MET C 249 4.91 5.29 -30.46
N ILE C 250 5.91 4.41 -30.49
CA ILE C 250 6.65 4.00 -29.30
C ILE C 250 8.10 4.31 -29.63
N HIS C 251 8.76 5.04 -28.75
CA HIS C 251 10.13 5.43 -29.02
C HIS C 251 10.86 5.83 -27.75
N ASP C 252 12.18 5.86 -27.84
CA ASP C 252 13.01 6.34 -26.76
C ASP C 252 12.89 7.86 -26.76
N HIS C 253 12.52 8.42 -25.61
CA HIS C 253 12.37 9.87 -25.50
C HIS C 253 13.69 10.61 -25.28
N VAL C 254 14.79 9.89 -25.06
CA VAL C 254 16.08 10.58 -25.21
C VAL C 254 16.38 10.78 -26.70
N ASP C 255 16.32 12.05 -27.10
CA ASP C 255 16.21 12.41 -28.52
C ASP C 255 17.41 11.99 -29.34
N THR C 256 18.58 11.93 -28.70
CA THR C 256 19.80 11.47 -29.37
C THR C 256 19.83 9.95 -29.58
N HIS C 257 18.81 9.25 -29.08
CA HIS C 257 18.65 7.82 -29.36
C HIS C 257 17.72 7.55 -30.56
N THR C 258 17.29 8.61 -31.22
CA THR C 258 16.37 8.50 -32.38
C THR C 258 17.04 8.93 -33.68
N THR C 259 18.37 8.84 -33.72
CA THR C 259 19.14 9.17 -34.91
C THR C 259 19.91 7.95 -35.41
N ASN C 260 20.07 7.82 -36.72
CA ASN C 260 20.98 6.85 -37.33
C ASN C 260 22.20 7.61 -37.83
N GLY C 261 23.35 7.43 -37.18
CA GLY C 261 24.51 8.24 -37.46
C GLY C 261 24.16 9.70 -37.22
N ASP C 262 24.40 10.56 -38.20
CA ASP C 262 24.00 11.95 -38.05
C ASP C 262 22.62 12.30 -38.65
N LYS C 263 21.83 11.28 -39.00
CA LYS C 263 20.52 11.50 -39.64
C LYS C 263 19.36 11.30 -38.67
N PRO C 264 18.36 12.20 -38.69
CA PRO C 264 17.20 12.06 -37.80
C PRO C 264 16.23 10.97 -38.28
N ASP C 265 15.21 10.69 -37.46
CA ASP C 265 14.17 9.69 -37.77
C ASP C 265 14.73 8.26 -37.84
N GLY C 266 15.45 7.86 -36.80
CA GLY C 266 15.94 6.50 -36.71
C GLY C 266 15.93 6.00 -35.28
N GLY C 267 16.84 5.07 -35.00
CA GLY C 267 17.09 4.61 -33.65
C GLY C 267 15.97 3.76 -33.06
N ILE C 268 15.75 3.94 -31.76
CA ILE C 268 14.81 3.14 -30.97
C ILE C 268 13.41 3.70 -31.11
N MET C 269 12.67 3.14 -32.06
CA MET C 269 11.43 3.70 -32.51
C MET C 269 10.68 2.64 -33.31
N THR C 270 9.38 2.52 -33.03
CA THR C 270 8.45 1.77 -33.88
C THR C 270 7.05 2.37 -33.73
N THR C 271 6.05 1.71 -34.28
CA THR C 271 4.66 2.13 -34.13
C THR C 271 3.78 0.98 -33.67
N ILE C 272 2.64 1.33 -33.08
CA ILE C 272 1.54 0.41 -32.84
C ILE C 272 0.50 0.68 -33.93
N GLU C 273 0.10 -0.37 -34.65
CA GLU C 273 -0.93 -0.25 -35.68
C GLU C 273 -2.18 -1.02 -35.29
N TYR C 274 -3.30 -0.32 -35.20
CA TYR C 274 -4.59 -0.99 -35.00
C TYR C 274 -5.17 -1.35 -36.35
N GLU C 275 -5.65 -2.59 -36.46
CA GLU C 275 -6.26 -3.05 -37.70
C GLU C 275 -7.51 -2.25 -38.09
N GLU C 276 -8.18 -1.65 -37.11
CA GLU C 276 -9.39 -0.86 -37.34
C GLU C 276 -9.15 0.40 -38.18
N VAL C 277 -8.00 1.03 -38.04
CA VAL C 277 -7.73 2.29 -38.76
C VAL C 277 -6.94 2.09 -40.06
N GLY C 278 -6.33 0.91 -40.19
CA GLY C 278 -5.54 0.57 -41.37
C GLY C 278 -4.25 1.36 -41.51
N ILE C 279 -3.48 1.04 -42.54
CA ILE C 279 -2.19 1.69 -42.77
C ILE C 279 -2.14 2.45 -44.09
N ASP C 280 -3.27 2.43 -44.81
CA ASP C 280 -3.36 3.06 -46.12
C ASP C 280 -3.56 4.58 -46.00
N HIS C 281 -2.53 5.27 -45.52
CA HIS C 281 -2.58 6.73 -45.35
C HIS C 281 -1.40 7.37 -46.07
N PRO C 282 -1.67 8.42 -46.86
CA PRO C 282 -0.62 9.07 -47.68
C PRO C 282 0.58 9.57 -46.87
N PHE C 283 0.36 9.93 -45.61
CA PHE C 283 1.43 10.44 -44.73
C PHE C 283 2.21 9.35 -44.00
N TYR C 284 1.65 8.13 -43.95
CA TYR C 284 2.23 7.07 -43.13
C TYR C 284 3.50 6.46 -43.71
N VAL C 285 4.57 6.53 -42.93
CA VAL C 285 5.88 6.03 -43.31
C VAL C 285 5.85 4.54 -43.72
N TRP C 286 5.00 3.75 -43.05
CA TRP C 286 4.98 2.31 -43.26
C TRP C 286 3.75 1.81 -44.02
N LYS C 287 3.15 2.66 -44.84
CA LYS C 287 1.97 2.25 -45.62
C LYS C 287 2.28 1.07 -46.55
N ASP C 288 3.51 0.99 -47.04
CA ASP C 288 3.93 -0.05 -47.98
C ASP C 288 4.95 -1.04 -47.39
N LYS C 289 5.01 -1.10 -46.06
CA LYS C 289 6.05 -1.87 -45.38
C LYS C 289 5.80 -3.38 -45.48
N LYS C 290 6.85 -4.13 -45.77
CA LYS C 290 6.77 -5.59 -45.72
C LYS C 290 6.91 -6.05 -44.28
N PHE C 291 5.79 -6.52 -43.73
CA PHE C 291 5.76 -6.95 -42.35
C PHE C 291 6.53 -8.25 -42.17
N VAL C 292 7.34 -8.29 -41.12
CA VAL C 292 8.11 -9.47 -40.77
C VAL C 292 7.66 -9.94 -39.39
N PRO C 293 6.93 -11.07 -39.32
CA PRO C 293 6.50 -11.63 -38.04
C PRO C 293 7.67 -12.09 -37.17
N ASP C 294 7.43 -12.08 -35.85
CA ASP C 294 8.37 -12.60 -34.84
C ASP C 294 9.59 -11.73 -34.55
N PHE C 295 9.53 -10.47 -34.97
CA PHE C 295 10.61 -9.53 -34.70
C PHE C 295 10.75 -9.20 -33.20
N TYR C 296 9.70 -9.46 -32.43
CA TYR C 296 9.71 -9.25 -30.97
C TYR C 296 9.51 -10.59 -30.24
N TYR C 297 9.81 -11.68 -30.95
CA TYR C 297 9.57 -13.06 -30.47
C TYR C 297 8.10 -13.31 -30.13
N GLU C 298 7.20 -12.46 -30.65
CA GLU C 298 5.77 -12.51 -30.29
C GLU C 298 5.09 -13.81 -30.75
N GLU C 299 5.59 -14.39 -31.84
CA GLU C 299 5.09 -15.68 -32.32
C GLU C 299 5.77 -16.85 -31.61
N SER C 300 7.10 -16.77 -31.45
CA SER C 300 7.86 -17.83 -30.79
C SER C 300 7.41 -18.07 -29.35
N LEU C 301 6.99 -16.99 -28.67
CA LEU C 301 6.51 -17.08 -27.28
C LEU C 301 5.19 -17.86 -27.16
N LYS C 302 4.49 -18.03 -28.28
CA LYS C 302 3.25 -18.80 -28.32
C LYS C 302 3.49 -20.29 -28.56
N LYS C 303 4.69 -20.63 -29.04
CA LYS C 303 5.08 -22.01 -29.32
C LYS C 303 5.31 -22.79 -28.04
N ASP C 304 5.44 -24.12 -28.16
CA ASP C 304 5.79 -24.96 -27.03
C ASP C 304 7.04 -24.45 -26.36
N LEU C 305 7.11 -24.57 -25.03
CA LEU C 305 8.30 -24.19 -24.27
C LEU C 305 9.56 -24.87 -24.81
N GLY C 306 10.69 -24.19 -24.68
CA GLY C 306 11.97 -24.70 -25.16
C GLY C 306 12.84 -23.55 -25.65
N MET C 307 13.79 -23.86 -26.53
CA MET C 307 14.62 -22.83 -27.14
C MET C 307 14.16 -22.60 -28.58
N HIS C 308 14.12 -21.32 -28.98
CA HIS C 308 13.66 -20.95 -30.30
C HIS C 308 14.66 -20.08 -31.04
N ASN C 309 15.28 -20.70 -32.06
CA ASN C 309 16.04 -19.97 -33.05
C ASN C 309 15.11 -19.15 -33.92
N SER C 310 15.69 -18.16 -34.59
CA SER C 310 14.94 -17.24 -35.42
C SER C 310 15.70 -16.94 -36.70
N LYS C 311 14.99 -17.05 -37.82
CA LYS C 311 15.56 -16.67 -39.12
C LYS C 311 15.61 -15.15 -39.23
N VAL C 312 14.66 -14.49 -38.58
CA VAL C 312 14.59 -13.02 -38.60
C VAL C 312 15.86 -12.40 -38.03
N PHE C 313 16.42 -13.02 -36.99
CA PHE C 313 17.59 -12.49 -36.30
C PHE C 313 18.93 -13.06 -36.80
N LYS C 314 18.85 -14.04 -37.71
CA LYS C 314 20.05 -14.73 -38.20
C LYS C 314 20.91 -13.80 -39.06
N GLY C 315 22.20 -13.75 -38.74
CA GLY C 315 23.14 -12.95 -39.51
C GLY C 315 23.82 -13.77 -40.58
N GLU C 316 24.96 -13.29 -41.07
CA GLU C 316 25.75 -14.01 -42.05
C GLU C 316 27.09 -14.40 -41.45
N PRO C 317 27.52 -15.67 -41.66
CA PRO C 317 28.81 -16.10 -41.12
C PRO C 317 29.96 -15.27 -41.68
N ILE C 318 30.98 -15.04 -40.87
CA ILE C 318 32.16 -14.31 -41.32
C ILE C 318 33.34 -15.27 -41.52
N GLU D 1 2.06 22.83 25.76
CA GLU D 1 1.55 23.84 26.73
C GLU D 1 0.87 23.13 27.89
N LYS D 2 1.00 23.68 29.09
CA LYS D 2 0.35 23.09 30.27
C LYS D 2 -1.09 23.55 30.35
N ARG D 3 -1.99 22.61 30.62
CA ARG D 3 -3.41 22.89 30.75
C ARG D 3 -3.98 22.21 31.98
N GLU D 4 -4.78 22.92 32.75
CA GLU D 4 -5.39 22.34 33.95
C GLU D 4 -6.91 22.50 33.92
N PHE D 5 -7.62 21.38 34.11
CA PHE D 5 -9.08 21.36 34.12
C PHE D 5 -9.62 20.75 35.41
N ASP D 6 -10.79 21.20 35.83
CA ASP D 6 -11.48 20.64 36.99
C ASP D 6 -12.77 19.97 36.54
N LEU D 7 -13.01 18.75 37.00
CA LEU D 7 -14.27 18.06 36.74
C LEU D 7 -14.96 17.63 38.04
N SER D 8 -16.28 17.70 38.06
CA SER D 8 -17.04 17.14 39.17
C SER D 8 -17.82 15.95 38.66
N ILE D 9 -18.23 15.08 39.56
CA ILE D 9 -19.11 13.96 39.22
C ILE D 9 -20.39 14.14 40.02
N GLU D 10 -21.50 14.29 39.31
CA GLU D 10 -22.79 14.66 39.93
C GLU D 10 -23.93 13.72 39.55
N ASP D 11 -24.79 13.37 40.51
CA ASP D 11 -26.04 12.67 40.20
C ASP D 11 -26.91 13.61 39.35
N THR D 12 -27.28 13.15 38.15
CA THR D 12 -27.86 14.00 37.12
C THR D 12 -28.94 13.25 36.37
N ARG D 13 -30.07 13.90 36.14
CA ARG D 13 -31.15 13.34 35.32
C ARG D 13 -31.03 13.84 33.89
N ILE D 14 -31.08 12.92 32.93
CA ILE D 14 -31.09 13.28 31.52
C ILE D 14 -32.34 12.65 30.87
N VAL D 15 -32.69 13.12 29.68
CA VAL D 15 -33.82 12.56 28.92
C VAL D 15 -33.33 12.12 27.54
N LEU D 16 -33.43 10.83 27.26
CA LEU D 16 -32.94 10.27 25.99
C LEU D 16 -33.85 10.63 24.81
N VAL D 17 -35.15 10.40 25.02
CA VAL D 17 -36.24 10.72 24.07
C VAL D 17 -37.54 10.72 24.82
N GLY D 18 -38.50 11.51 24.35
CA GLY D 18 -39.84 11.56 24.94
C GLY D 18 -39.82 11.76 26.44
N LYS D 19 -40.39 10.81 27.16
CA LYS D 19 -40.42 10.85 28.62
C LYS D 19 -39.42 9.87 29.24
N ARG D 20 -38.53 9.32 28.40
CA ARG D 20 -37.55 8.36 28.89
C ARG D 20 -36.36 9.09 29.53
N ASP D 21 -36.43 9.28 30.83
CA ASP D 21 -35.35 9.87 31.61
C ASP D 21 -34.38 8.80 32.09
N PHE D 22 -33.21 9.21 32.57
CA PHE D 22 -32.22 8.29 33.10
C PHE D 22 -31.42 8.99 34.20
N HIS D 23 -31.12 8.26 35.26
CA HIS D 23 -30.26 8.71 36.35
C HIS D 23 -28.83 8.43 35.93
N THR D 24 -28.00 9.47 35.89
CA THR D 24 -26.61 9.35 35.46
C THR D 24 -25.64 9.90 36.52
N PHE D 25 -24.38 9.50 36.42
CA PHE D 25 -23.32 10.06 37.24
C PHE D 25 -22.44 10.91 36.32
N ALA D 26 -22.88 12.13 36.06
CA ALA D 26 -22.35 12.92 34.96
C ALA D 26 -21.18 13.84 35.32
N PHE D 27 -20.15 13.81 34.48
CA PHE D 27 -19.02 14.72 34.61
C PHE D 27 -19.49 16.14 34.29
N ASN D 28 -19.29 17.05 35.26
CA ASN D 28 -19.85 18.42 35.22
C ASN D 28 -21.36 18.49 34.94
N GLY D 29 -22.07 17.45 35.36
CA GLY D 29 -23.53 17.40 35.25
C GLY D 29 -24.05 17.37 33.82
N GLN D 30 -23.22 16.92 32.87
CA GLN D 30 -23.62 16.80 31.47
C GLN D 30 -23.26 15.42 30.89
N VAL D 31 -24.06 14.99 29.91
CA VAL D 31 -23.84 13.72 29.19
C VAL D 31 -24.12 13.97 27.70
N PRO D 32 -23.11 13.76 26.82
CA PRO D 32 -21.71 13.40 27.09
C PRO D 32 -20.99 14.40 27.97
N ALA D 33 -19.93 13.93 28.61
CA ALA D 33 -19.05 14.77 29.41
C ALA D 33 -18.42 15.89 28.58
N PRO D 34 -17.84 16.90 29.25
CA PRO D 34 -17.23 18.03 28.54
C PRO D 34 -16.17 17.62 27.51
N LEU D 35 -16.15 18.32 26.39
CA LEU D 35 -15.12 18.13 25.39
C LEU D 35 -13.77 18.59 25.93
N ILE D 36 -12.79 17.69 25.90
CA ILE D 36 -11.41 18.07 26.14
C ILE D 36 -10.70 18.08 24.79
N HIS D 37 -10.27 19.26 24.37
CA HIS D 37 -9.71 19.48 23.05
C HIS D 37 -8.33 20.12 23.21
N VAL D 38 -7.31 19.31 22.98
CA VAL D 38 -5.95 19.73 23.28
C VAL D 38 -5.02 19.40 22.11
N MET D 39 -3.79 19.92 22.19
CA MET D 39 -2.78 19.68 21.16
C MET D 39 -1.89 18.52 21.57
N GLU D 40 -1.53 17.67 20.61
CA GLU D 40 -0.52 16.63 20.79
C GLU D 40 0.67 17.21 21.55
N GLY D 41 1.03 16.59 22.65
CA GLY D 41 2.18 17.04 23.45
C GLY D 41 1.87 17.93 24.65
N ASP D 42 0.65 18.48 24.72
CA ASP D 42 0.22 19.26 25.89
C ASP D 42 0.32 18.45 27.18
N ASP D 43 0.75 19.11 28.26
CA ASP D 43 0.80 18.46 29.56
C ASP D 43 -0.47 18.79 30.33
N VAL D 44 -1.31 17.77 30.51
CA VAL D 44 -2.67 17.95 31.02
C VAL D 44 -2.77 17.55 32.50
N THR D 45 -3.43 18.41 33.29
CA THR D 45 -3.78 18.11 34.67
C THR D 45 -5.30 18.15 34.80
N VAL D 46 -5.88 17.09 35.34
CA VAL D 46 -7.33 17.06 35.58
C VAL D 46 -7.59 16.70 37.04
N ASN D 47 -8.28 17.59 37.74
CA ASN D 47 -8.70 17.35 39.12
C ASN D 47 -10.17 16.97 39.12
N VAL D 48 -10.45 15.79 39.67
CA VAL D 48 -11.77 15.19 39.59
C VAL D 48 -12.33 15.07 41.02
N THR D 49 -13.46 15.73 41.25
CA THR D 49 -14.13 15.71 42.55
C THR D 49 -15.42 14.90 42.49
N ASN D 50 -15.51 13.88 43.34
CA ASN D 50 -16.64 12.95 43.36
C ASN D 50 -17.75 13.45 44.29
N MET D 51 -18.85 13.91 43.71
CA MET D 51 -19.99 14.43 44.48
C MET D 51 -21.20 13.49 44.45
N THR D 52 -20.95 12.21 44.12
CA THR D 52 -21.97 11.16 44.18
C THR D 52 -21.71 10.31 45.42
N THR D 53 -22.53 9.28 45.61
CA THR D 53 -22.41 8.37 46.76
C THR D 53 -21.75 7.04 46.39
N LEU D 54 -21.17 6.97 45.20
CA LEU D 54 -20.48 5.77 44.73
C LEU D 54 -19.04 6.10 44.32
N PRO D 55 -18.12 5.11 44.37
CA PRO D 55 -16.76 5.38 43.90
C PRO D 55 -16.66 5.44 42.36
N HIS D 56 -15.70 6.22 41.87
CA HIS D 56 -15.44 6.36 40.44
C HIS D 56 -13.94 6.55 40.14
N THR D 57 -13.57 6.47 38.87
CA THR D 57 -12.28 6.91 38.37
C THR D 57 -12.53 7.61 37.01
N ILE D 58 -11.47 8.13 36.40
CA ILE D 58 -11.50 8.44 34.98
C ILE D 58 -10.34 7.76 34.30
N HIS D 59 -10.67 6.96 33.30
CA HIS D 59 -9.66 6.38 32.43
C HIS D 59 -9.64 7.16 31.12
N TRP D 60 -8.43 7.46 30.65
CA TRP D 60 -8.22 8.23 29.43
C TRP D 60 -7.90 7.28 28.29
N HIS D 61 -8.95 6.85 27.60
CA HIS D 61 -8.85 5.77 26.60
C HIS D 61 -8.14 6.24 25.35
N GLY D 62 -6.98 5.65 25.09
CA GLY D 62 -6.18 6.02 23.93
C GLY D 62 -4.95 6.80 24.33
N MET D 63 -4.86 7.21 25.59
CA MET D 63 -3.67 7.90 26.11
C MET D 63 -2.65 6.86 26.54
N LEU D 64 -1.46 6.92 25.93
CA LEU D 64 -0.38 5.98 26.22
C LEU D 64 0.12 6.01 27.67
N GLN D 65 0.01 7.18 28.32
CA GLN D 65 0.46 7.33 29.71
C GLN D 65 1.94 6.93 29.90
N ARG D 66 2.80 7.40 29.01
CA ARG D 66 4.24 7.05 29.06
C ARG D 66 4.89 7.58 30.33
N GLY D 67 5.21 6.65 31.24
CA GLY D 67 5.80 7.00 32.53
C GLY D 67 4.78 7.50 33.54
N THR D 68 3.50 7.49 33.16
CA THR D 68 2.44 8.04 34.01
C THR D 68 1.32 7.04 34.32
N TRP D 69 1.70 5.77 34.49
CA TRP D 69 0.72 4.70 34.71
C TRP D 69 -0.22 4.96 35.89
N GLN D 70 0.25 5.68 36.91
CA GLN D 70 -0.60 5.95 38.08
C GLN D 70 -1.68 7.01 37.82
N SER D 71 -1.71 7.52 36.58
CA SER D 71 -2.80 8.38 36.11
C SER D 71 -3.70 7.68 35.06
N ASP D 72 -3.54 6.37 34.91
CA ASP D 72 -4.31 5.59 33.92
C ASP D 72 -5.78 5.43 34.30
N GLY D 73 -6.08 5.55 35.59
CA GLY D 73 -7.46 5.61 36.06
C GLY D 73 -8.17 4.28 36.20
N VAL D 74 -7.44 3.25 36.61
CA VAL D 74 -8.05 1.92 36.81
C VAL D 74 -8.07 1.54 38.30
N PRO D 75 -9.26 1.38 38.88
CA PRO D 75 -9.31 1.08 40.31
C PRO D 75 -8.78 -0.33 40.54
N HIS D 76 -8.08 -0.54 41.65
CA HIS D 76 -7.48 -1.84 41.98
C HIS D 76 -6.32 -2.24 41.06
N ALA D 77 -5.88 -1.31 40.20
CA ALA D 77 -4.76 -1.57 39.31
C ALA D 77 -3.74 -0.44 39.29
N THR D 78 -4.21 0.81 39.17
CA THR D 78 -3.32 1.97 39.10
C THR D 78 -3.61 2.99 40.19
N GLN D 79 -4.73 2.81 40.90
CA GLN D 79 -5.14 3.71 42.00
C GLN D 79 -6.23 3.08 42.87
N HIS D 80 -6.41 3.63 44.07
CA HIS D 80 -7.67 3.44 44.81
C HIS D 80 -8.74 4.24 44.09
N ALA D 81 -9.96 3.70 44.00
CA ALA D 81 -11.09 4.45 43.42
C ALA D 81 -11.31 5.75 44.19
N ILE D 82 -11.85 6.76 43.51
CA ILE D 82 -12.16 8.05 44.14
C ILE D 82 -13.44 7.89 44.96
N GLU D 83 -13.29 7.89 46.28
CA GLU D 83 -14.42 7.75 47.20
C GLU D 83 -15.36 8.96 47.17
N PRO D 84 -16.64 8.78 47.56
CA PRO D 84 -17.56 9.91 47.67
C PRO D 84 -16.96 11.07 48.45
N GLY D 85 -17.02 12.26 47.88
CA GLY D 85 -16.51 13.46 48.52
C GLY D 85 -15.05 13.80 48.25
N ASP D 86 -14.31 12.83 47.70
CA ASP D 86 -12.86 12.98 47.49
C ASP D 86 -12.49 13.61 46.14
N THR D 87 -11.26 14.13 46.06
CA THR D 87 -10.70 14.68 44.82
C THR D 87 -9.42 13.90 44.44
N PHE D 88 -9.25 13.68 43.14
CA PHE D 88 -8.11 12.95 42.61
C PHE D 88 -7.51 13.71 41.45
N THR D 89 -6.18 13.74 41.38
CA THR D 89 -5.50 14.47 40.31
C THR D 89 -4.83 13.54 39.30
N TYR D 90 -5.22 13.71 38.03
CA TYR D 90 -4.61 13.01 36.90
C TYR D 90 -3.65 13.95 36.18
N LYS D 91 -2.44 13.46 35.90
CA LYS D 91 -1.44 14.21 35.13
C LYS D 91 -0.85 13.33 34.03
N PHE D 92 -1.03 13.78 32.79
CA PHE D 92 -0.52 13.03 31.64
C PHE D 92 -0.23 13.93 30.45
N LYS D 93 0.64 13.46 29.56
CA LYS D 93 0.89 14.14 28.30
C LYS D 93 -0.14 13.65 27.30
N ALA D 94 -0.71 14.58 26.54
CA ALA D 94 -1.69 14.23 25.52
C ALA D 94 -0.98 13.62 24.31
N GLU D 95 -0.93 12.28 24.28
CA GLU D 95 -0.35 11.53 23.17
C GLU D 95 -0.90 10.10 23.15
N PRO D 96 -1.11 9.53 21.96
CA PRO D 96 -0.88 10.13 20.64
C PRO D 96 -2.06 11.03 20.23
N ALA D 97 -2.01 11.57 19.02
CA ALA D 97 -3.08 12.42 18.50
C ALA D 97 -4.25 11.55 18.03
N GLY D 98 -5.42 12.17 17.86
CA GLY D 98 -6.58 11.49 17.30
C GLY D 98 -7.85 11.57 18.15
N THR D 99 -8.88 10.86 17.69
CA THR D 99 -10.15 10.73 18.40
C THR D 99 -10.01 9.76 19.57
N MET D 100 -9.83 10.31 20.76
CA MET D 100 -9.73 9.53 21.97
C MET D 100 -10.99 9.78 22.81
N TRP D 101 -11.10 9.13 23.95
CA TRP D 101 -12.23 9.40 24.83
C TRP D 101 -11.89 9.10 26.27
N TYR D 102 -12.77 9.48 27.18
CA TYR D 102 -12.55 9.21 28.59
C TYR D 102 -13.82 8.70 29.23
N HIS D 103 -13.66 7.82 30.21
CA HIS D 103 -14.81 7.21 30.88
C HIS D 103 -14.43 6.67 32.24
N CYS D 104 -15.44 6.47 33.09
CA CYS D 104 -15.19 5.83 34.39
C CYS D 104 -14.71 4.41 34.16
N HIS D 105 -13.85 3.90 35.04
CA HIS D 105 -13.42 2.51 34.96
C HIS D 105 -13.87 1.64 36.13
N VAL D 106 -14.83 2.15 36.89
CA VAL D 106 -15.45 1.40 37.99
C VAL D 106 -16.76 0.77 37.50
N ASN D 107 -16.96 -0.52 37.81
CA ASN D 107 -18.22 -1.22 37.51
C ASN D 107 -18.77 -0.82 36.15
N VAL D 108 -17.97 -1.02 35.11
CA VAL D 108 -18.26 -0.44 33.79
C VAL D 108 -19.56 -0.95 33.17
N ASN D 109 -19.90 -2.21 33.44
CA ASN D 109 -21.19 -2.78 33.02
C ASN D 109 -22.42 -1.93 33.40
N GLU D 110 -22.27 -1.12 34.45
CA GLU D 110 -23.29 -0.14 34.82
C GLU D 110 -22.88 1.29 34.49
N HIS D 111 -21.73 1.73 35.01
CA HIS D 111 -21.34 3.14 34.97
C HIS D 111 -21.13 3.68 33.56
N VAL D 112 -20.46 2.91 32.71
CA VAL D 112 -20.21 3.37 31.34
C VAL D 112 -21.42 3.05 30.46
N THR D 113 -21.91 1.81 30.55
CA THR D 113 -23.06 1.39 29.73
C THR D 113 -24.30 2.29 29.91
N MET D 114 -24.64 2.60 31.16
CA MET D 114 -25.94 3.23 31.44
C MET D 114 -25.97 4.38 32.46
N ARG D 115 -24.81 4.92 32.84
CA ARG D 115 -24.78 6.07 33.75
C ARG D 115 -24.05 7.28 33.16
N GLY D 116 -23.84 7.25 31.84
CA GLY D 116 -23.33 8.41 31.09
C GLY D 116 -21.93 8.89 31.43
N MET D 117 -21.11 8.01 31.99
CA MET D 117 -19.79 8.41 32.48
C MET D 117 -18.76 8.35 31.36
N TRP D 118 -18.92 9.24 30.38
CA TRP D 118 -18.07 9.25 29.17
C TRP D 118 -18.07 10.59 28.43
N GLY D 119 -16.96 10.91 27.78
CA GLY D 119 -16.88 12.10 26.96
C GLY D 119 -15.74 12.00 25.95
N PRO D 120 -15.67 12.96 25.00
CA PRO D 120 -14.64 12.92 23.96
C PRO D 120 -13.36 13.63 24.36
N LEU D 121 -12.23 13.04 23.97
CA LEU D 121 -10.92 13.64 24.19
C LEU D 121 -10.27 13.76 22.82
N ILE D 122 -10.31 14.96 22.25
CA ILE D 122 -9.76 15.16 20.91
C ILE D 122 -8.37 15.77 21.01
N VAL D 123 -7.39 15.01 20.51
CA VAL D 123 -6.00 15.46 20.52
C VAL D 123 -5.60 15.81 19.10
N GLU D 124 -5.33 17.09 18.88
CA GLU D 124 -4.93 17.59 17.57
C GLU D 124 -3.50 17.17 17.24
N PRO D 125 -3.29 16.68 16.01
CA PRO D 125 -1.91 16.40 15.58
C PRO D 125 -1.15 17.69 15.31
N LYS D 126 0.13 17.72 15.65
CA LYS D 126 0.97 18.87 15.32
C LYS D 126 1.04 19.03 13.81
N ASN D 127 1.20 17.91 13.11
CA ASN D 127 1.27 17.86 11.65
C ASN D 127 0.11 17.05 11.06
N PRO D 128 -1.03 17.70 10.81
CA PRO D 128 -2.21 17.02 10.24
C PRO D 128 -1.95 16.52 8.82
N LEU D 129 -2.59 15.40 8.48
CA LEU D 129 -2.49 14.82 7.14
C LEU D 129 -3.32 15.64 6.14
N PRO D 130 -2.96 15.59 4.84
CA PRO D 130 -3.73 16.29 3.82
C PRO D 130 -5.25 16.05 3.93
N ILE D 131 -5.67 14.81 4.14
CA ILE D 131 -7.11 14.54 4.21
C ILE D 131 -7.78 15.31 5.37
N GLU D 132 -7.06 15.44 6.49
CA GLU D 132 -7.55 16.20 7.64
C GLU D 132 -7.71 17.68 7.31
N LYS D 133 -6.80 18.20 6.49
CA LYS D 133 -6.83 19.62 6.10
C LYS D 133 -8.00 19.97 5.17
N THR D 134 -8.57 18.96 4.50
CA THR D 134 -9.72 19.18 3.61
C THR D 134 -11.03 19.35 4.38
N VAL D 135 -11.03 18.93 5.64
CA VAL D 135 -12.24 18.94 6.47
C VAL D 135 -12.70 20.37 6.77
N THR D 136 -13.97 20.64 6.50
CA THR D 136 -14.56 21.95 6.77
C THR D 136 -15.41 21.96 8.06
N LYS D 137 -15.96 20.79 8.43
CA LYS D 137 -16.84 20.66 9.58
C LYS D 137 -16.59 19.33 10.29
N ASP D 138 -16.41 19.40 11.62
CA ASP D 138 -15.94 18.26 12.42
C ASP D 138 -17.03 17.90 13.44
N TYR D 139 -17.44 16.63 13.48
CA TYR D 139 -18.55 16.17 14.33
C TYR D 139 -18.14 14.99 15.20
N ILE D 140 -18.62 14.97 16.44
CA ILE D 140 -18.38 13.84 17.35
C ILE D 140 -19.70 13.12 17.61
N LEU D 141 -19.73 11.81 17.33
CA LEU D 141 -20.91 10.99 17.57
C LEU D 141 -20.57 9.83 18.48
N MET D 142 -20.99 9.94 19.74
CA MET D 142 -20.78 8.91 20.74
C MET D 142 -22.01 8.02 20.78
N LEU D 143 -21.81 6.73 20.53
CA LEU D 143 -22.91 5.78 20.37
C LEU D 143 -23.10 4.97 21.64
N SER D 144 -24.32 4.96 22.16
CA SER D 144 -24.60 4.26 23.43
C SER D 144 -25.85 3.40 23.37
N ASP D 145 -25.90 2.40 24.25
CA ASP D 145 -27.02 1.46 24.35
C ASP D 145 -27.47 1.39 25.80
N TRP D 146 -28.78 1.55 26.03
CA TRP D 146 -29.33 1.74 27.37
C TRP D 146 -30.37 0.67 27.73
N VAL D 147 -30.39 0.27 29.00
CA VAL D 147 -31.36 -0.69 29.54
C VAL D 147 -32.32 0.07 30.47
N SER D 148 -33.51 0.37 29.98
CA SER D 148 -34.42 1.29 30.67
C SER D 148 -34.93 0.79 32.02
N SER D 149 -34.92 -0.54 32.22
CA SER D 149 -35.38 -1.11 33.49
C SER D 149 -34.58 -0.62 34.70
N TRP D 150 -33.35 -0.17 34.45
CA TRP D 150 -32.47 0.32 35.52
C TRP D 150 -32.40 1.85 35.55
N ALA D 151 -33.26 2.51 34.79
CA ALA D 151 -33.20 3.96 34.56
C ALA D 151 -33.07 4.76 35.86
N ASN D 152 -33.89 4.40 36.84
CA ASN D 152 -33.89 5.10 38.13
C ASN D 152 -33.51 4.19 39.30
N LYS D 153 -32.56 3.29 39.04
CA LYS D 153 -32.01 2.44 40.09
C LYS D 153 -30.48 2.53 40.11
N PRO D 154 -29.91 3.69 40.47
CA PRO D 154 -28.44 3.85 40.50
C PRO D 154 -27.78 2.88 41.48
N GLY D 155 -26.63 2.33 41.07
CA GLY D 155 -25.94 1.31 41.84
C GLY D 155 -26.36 -0.10 41.47
N GLU D 156 -27.28 -0.20 40.51
CA GLU D 156 -27.75 -1.48 39.98
C GLU D 156 -27.75 -1.47 38.44
N GLY D 157 -27.69 -2.67 37.87
CA GLY D 157 -27.82 -2.84 36.42
C GLY D 157 -26.56 -3.34 35.73
N GLY D 158 -26.71 -3.72 34.47
CA GLY D 158 -25.58 -4.23 33.68
C GLY D 158 -25.30 -5.69 34.02
N ILE D 159 -26.35 -6.50 34.01
CA ILE D 159 -26.27 -7.89 34.46
C ILE D 159 -27.00 -8.82 33.48
N PRO D 160 -26.64 -10.13 33.48
CA PRO D 160 -27.35 -11.08 32.61
C PRO D 160 -28.87 -10.95 32.70
N GLY D 161 -29.52 -11.02 31.55
CA GLY D 161 -30.98 -10.90 31.48
C GLY D 161 -31.47 -9.52 31.10
N ASP D 162 -30.57 -8.53 31.15
CA ASP D 162 -30.91 -7.15 30.78
C ASP D 162 -31.51 -7.08 29.38
N VAL D 163 -32.49 -6.19 29.21
CA VAL D 163 -33.09 -5.98 27.89
C VAL D 163 -32.79 -4.56 27.43
N PHE D 164 -31.89 -4.46 26.45
CA PHE D 164 -31.55 -3.16 25.89
C PHE D 164 -32.74 -2.67 25.07
N ASP D 165 -33.08 -1.39 25.21
CA ASP D 165 -34.27 -0.84 24.54
C ASP D 165 -34.16 0.62 24.09
N TYR D 166 -33.09 1.30 24.46
CA TYR D 166 -32.81 2.64 23.93
C TYR D 166 -31.39 2.77 23.40
N TYR D 167 -31.24 3.52 22.31
CA TYR D 167 -29.95 3.64 21.60
C TYR D 167 -29.79 5.09 21.19
N THR D 168 -28.61 5.66 21.46
CA THR D 168 -28.43 7.11 21.35
C THR D 168 -27.17 7.55 20.62
N ILE D 169 -27.25 8.71 19.97
CA ILE D 169 -26.06 9.47 19.57
C ILE D 169 -25.97 10.63 20.55
N ASN D 170 -24.84 10.76 21.22
CA ASN D 170 -24.65 11.78 22.27
C ASN D 170 -25.83 11.90 23.23
N ALA D 171 -26.29 10.75 23.71
CA ALA D 171 -27.37 10.63 24.72
C ALA D 171 -28.78 11.07 24.29
N LYS D 172 -29.00 11.21 22.98
CA LYS D 172 -30.36 11.39 22.44
C LYS D 172 -30.68 10.34 21.39
N SER D 173 -31.94 9.88 21.39
CA SER D 173 -32.43 9.03 20.31
C SER D 173 -33.20 9.87 19.28
N PHE D 174 -33.19 9.41 18.02
CA PHE D 174 -34.08 9.99 17.01
C PHE D 174 -35.53 9.84 17.50
N PRO D 175 -36.38 10.87 17.26
CA PRO D 175 -36.20 12.10 16.49
C PRO D 175 -35.65 13.32 17.23
N GLU D 176 -34.99 13.10 18.37
CA GLU D 176 -34.45 14.21 19.17
C GLU D 176 -32.94 14.41 19.02
N THR D 177 -32.37 13.75 18.02
CA THR D 177 -31.03 14.08 17.54
C THR D 177 -31.12 15.35 16.70
N GLN D 178 -29.99 15.82 16.17
CA GLN D 178 -29.98 17.02 15.33
C GLN D 178 -29.51 16.70 13.92
N PRO D 179 -30.06 17.39 12.91
CA PRO D 179 -29.54 17.19 11.56
C PRO D 179 -28.13 17.74 11.43
N ILE D 180 -27.37 17.14 10.50
CA ILE D 180 -26.05 17.62 10.15
C ILE D 180 -26.24 18.52 8.92
N ARG D 181 -25.90 19.79 9.06
CA ARG D 181 -26.26 20.78 8.05
C ARG D 181 -25.06 21.21 7.24
N VAL D 182 -25.16 21.02 5.92
CA VAL D 182 -24.02 21.24 5.03
C VAL D 182 -24.40 22.02 3.77
N LYS D 183 -23.39 22.38 2.99
CA LYS D 183 -23.59 22.82 1.62
C LYS D 183 -22.66 22.08 0.69
N LYS D 184 -23.00 22.04 -0.60
CA LYS D 184 -22.15 21.40 -1.61
C LYS D 184 -20.73 21.95 -1.54
N GLY D 185 -19.75 21.04 -1.48
CA GLY D 185 -18.35 21.43 -1.36
C GLY D 185 -17.79 21.29 0.04
N ASP D 186 -18.66 21.17 1.05
CA ASP D 186 -18.24 20.85 2.41
C ASP D 186 -17.54 19.49 2.44
N VAL D 187 -16.67 19.30 3.43
CA VAL D 187 -16.08 17.99 3.71
C VAL D 187 -16.26 17.77 5.20
N ILE D 188 -16.96 16.70 5.58
CA ILE D 188 -17.22 16.47 7.00
C ILE D 188 -16.46 15.28 7.55
N ARG D 189 -16.08 15.40 8.81
CA ARG D 189 -15.40 14.34 9.54
C ARG D 189 -16.34 13.88 10.65
N LEU D 190 -16.78 12.62 10.57
CA LEU D 190 -17.58 12.04 11.62
C LEU D 190 -16.68 11.20 12.52
N ARG D 191 -16.54 11.66 13.76
CA ARG D 191 -15.74 10.93 14.72
C ARG D 191 -16.66 10.01 15.49
N LEU D 192 -16.68 8.75 15.10
CA LEU D 192 -17.57 7.76 15.72
C LEU D 192 -16.86 7.10 16.88
N ILE D 193 -17.50 7.12 18.04
CA ILE D 193 -16.93 6.52 19.24
C ILE D 193 -17.87 5.43 19.76
N GLY D 194 -17.34 4.22 19.90
CA GLY D 194 -18.10 3.08 20.42
C GLY D 194 -18.18 3.10 21.94
N ALA D 195 -19.08 3.92 22.46
CA ALA D 195 -19.20 4.11 23.91
C ALA D 195 -20.09 3.04 24.55
N GLY D 196 -20.81 2.30 23.71
CA GLY D 196 -21.79 1.34 24.20
C GLY D 196 -21.31 -0.09 24.34
N ASP D 197 -22.26 -0.99 24.62
CA ASP D 197 -21.98 -2.41 24.82
C ASP D 197 -22.13 -3.20 23.51
N HIS D 198 -22.83 -2.61 22.55
CA HIS D 198 -23.13 -3.29 21.29
C HIS D 198 -22.23 -2.85 20.15
N VAL D 199 -22.15 -3.70 19.13
CA VAL D 199 -21.59 -3.32 17.83
C VAL D 199 -22.63 -2.47 17.09
N HIS D 200 -22.18 -1.41 16.41
CA HIS D 200 -23.05 -0.57 15.60
C HIS D 200 -22.55 -0.58 14.16
N ALA D 201 -23.48 -0.50 13.20
CA ALA D 201 -23.16 -0.47 11.78
C ALA D 201 -23.65 0.85 11.15
N ILE D 202 -22.79 1.86 11.17
CA ILE D 202 -23.20 3.22 10.77
C ILE D 202 -23.18 3.36 9.24
N HIS D 203 -24.36 3.57 8.68
CA HIS D 203 -24.56 3.65 7.24
C HIS D 203 -25.00 5.06 6.85
N THR D 204 -24.33 5.64 5.85
CA THR D 204 -24.65 6.99 5.36
C THR D 204 -25.15 6.93 3.91
N HIS D 205 -26.34 7.48 3.67
CA HIS D 205 -26.94 7.49 2.33
C HIS D 205 -26.28 8.52 1.41
N GLY D 206 -26.29 8.22 0.11
CA GLY D 206 -25.91 9.17 -0.94
C GLY D 206 -24.47 9.65 -1.03
N HIS D 207 -23.59 9.05 -0.23
CA HIS D 207 -22.20 9.48 -0.12
C HIS D 207 -21.27 8.28 0.03
N ILE D 208 -20.01 8.47 -0.32
CA ILE D 208 -18.99 7.46 -0.10
C ILE D 208 -18.33 7.71 1.26
N SER D 209 -18.43 6.74 2.16
CA SER D 209 -17.75 6.83 3.46
C SER D 209 -16.28 6.48 3.29
N GLN D 210 -15.40 7.42 3.63
CA GLN D 210 -13.97 7.13 3.63
C GLN D 210 -13.52 6.89 5.07
N ILE D 211 -13.31 5.62 5.42
CA ILE D 211 -12.83 5.27 6.77
C ILE D 211 -11.34 5.54 6.83
N ALA D 212 -10.97 6.66 7.47
CA ALA D 212 -9.61 7.18 7.36
C ALA D 212 -8.74 7.00 8.60
N PHE D 213 -9.36 6.86 9.78
CA PHE D 213 -8.63 6.67 11.04
C PHE D 213 -9.30 5.57 11.87
N LYS D 214 -8.48 4.75 12.53
CA LYS D 214 -8.98 3.81 13.54
C LYS D 214 -8.25 4.06 14.85
N ASP D 215 -9.01 4.19 15.94
CA ASP D 215 -8.47 4.45 17.27
C ASP D 215 -7.45 5.60 17.29
N GLY D 216 -7.69 6.61 16.45
CA GLY D 216 -6.82 7.78 16.37
C GLY D 216 -5.70 7.68 15.34
N PHE D 217 -5.35 6.47 14.92
CA PHE D 217 -4.25 6.28 13.97
C PHE D 217 -4.74 6.29 12.53
N PRO D 218 -4.05 7.03 11.64
CA PRO D 218 -4.42 7.02 10.24
C PRO D 218 -4.25 5.63 9.61
N LEU D 219 -5.26 5.19 8.86
CA LEU D 219 -5.11 3.99 8.06
C LEU D 219 -4.17 4.34 6.90
N ASP D 220 -3.42 3.35 6.43
CA ASP D 220 -2.45 3.61 5.35
C ASP D 220 -3.08 4.30 4.14
N LYS D 221 -4.23 3.77 3.72
CA LYS D 221 -5.10 4.44 2.75
C LYS D 221 -6.54 4.34 3.28
N PRO D 222 -7.35 5.41 3.13
CA PRO D 222 -8.73 5.29 3.61
C PRO D 222 -9.47 4.12 2.93
N ILE D 223 -10.40 3.50 3.64
CA ILE D 223 -11.20 2.41 3.09
C ILE D 223 -12.56 2.95 2.67
N LYS D 224 -12.91 2.75 1.40
CA LYS D 224 -14.17 3.25 0.86
C LYS D 224 -15.32 2.28 1.07
N GLY D 225 -16.50 2.82 1.36
CA GLY D 225 -17.67 2.00 1.56
C GLY D 225 -18.89 2.84 1.90
N ASP D 226 -19.90 2.21 2.49
CA ASP D 226 -21.08 2.98 2.90
C ASP D 226 -21.56 2.62 4.29
N THR D 227 -21.00 1.56 4.87
CA THR D 227 -21.38 1.10 6.21
C THR D 227 -20.13 0.78 7.02
N VAL D 228 -20.03 1.41 8.19
CA VAL D 228 -18.86 1.26 9.07
C VAL D 228 -19.27 0.42 10.29
N LEU D 229 -18.72 -0.79 10.39
CA LEU D 229 -18.96 -1.62 11.57
C LEU D 229 -18.01 -1.22 12.70
N ILE D 230 -18.58 -0.72 13.80
CA ILE D 230 -17.77 -0.21 14.92
C ILE D 230 -18.15 -0.89 16.23
N GLY D 231 -17.14 -1.37 16.95
CA GLY D 231 -17.34 -2.14 18.20
C GLY D 231 -17.01 -1.35 19.45
N PRO D 232 -17.45 -1.86 20.62
CA PRO D 232 -17.19 -1.17 21.88
C PRO D 232 -15.71 -0.85 22.06
N GLY D 233 -15.42 0.42 22.39
CA GLY D 233 -14.05 0.85 22.66
C GLY D 233 -13.35 1.43 21.43
N GLU D 234 -13.82 1.05 20.25
CA GLU D 234 -13.23 1.49 18.98
C GLU D 234 -13.61 2.93 18.64
N ARG D 235 -12.76 3.61 17.88
CA ARG D 235 -13.11 4.89 17.27
C ARG D 235 -12.78 4.83 15.80
N TYR D 236 -13.68 5.35 14.97
CA TYR D 236 -13.42 5.49 13.54
C TYR D 236 -13.74 6.90 13.08
N ASP D 237 -12.80 7.52 12.38
CA ASP D 237 -13.05 8.80 11.74
C ASP D 237 -13.41 8.56 10.29
N VAL D 238 -14.64 8.93 9.94
CA VAL D 238 -15.14 8.78 8.58
C VAL D 238 -15.19 10.16 7.94
N ILE D 239 -14.52 10.31 6.79
CA ILE D 239 -14.53 11.57 6.05
C ILE D 239 -15.48 11.44 4.86
N LEU D 240 -16.34 12.45 4.66
CA LEU D 240 -17.33 12.43 3.59
C LEU D 240 -17.29 13.73 2.80
N ASN D 241 -17.08 13.61 1.49
CA ASN D 241 -17.12 14.75 0.57
C ASN D 241 -18.58 15.07 0.24
N MET D 242 -19.01 16.28 0.59
CA MET D 242 -20.40 16.69 0.38
C MET D 242 -20.63 17.18 -1.06
N ASP D 243 -20.81 16.24 -1.98
CA ASP D 243 -20.85 16.53 -3.41
C ASP D 243 -22.20 16.17 -4.06
N ASN D 244 -23.24 16.02 -3.25
CA ASN D 244 -24.50 15.43 -3.70
C ASN D 244 -25.70 16.01 -2.94
N PRO D 245 -26.14 17.24 -3.31
CA PRO D 245 -27.26 17.88 -2.62
C PRO D 245 -28.52 17.04 -2.52
N GLY D 246 -29.06 16.97 -1.30
CA GLY D 246 -30.25 16.19 -1.00
C GLY D 246 -30.50 16.14 0.50
N LEU D 247 -31.47 15.33 0.92
CA LEU D 247 -31.68 15.00 2.32
C LEU D 247 -31.34 13.52 2.52
N TRP D 248 -30.41 13.25 3.43
CA TRP D 248 -29.73 11.95 3.46
C TRP D 248 -29.68 11.33 4.83
N MET D 249 -30.19 10.11 4.96
CA MET D 249 -30.14 9.39 6.23
C MET D 249 -28.71 9.00 6.60
N ILE D 250 -28.41 9.13 7.88
CA ILE D 250 -27.29 8.41 8.48
C ILE D 250 -27.85 7.67 9.68
N HIS D 251 -27.62 6.36 9.73
CA HIS D 251 -28.21 5.55 10.80
C HIS D 251 -27.47 4.24 11.05
N ASP D 252 -27.75 3.65 12.22
CA ASP D 252 -27.29 2.30 12.53
C ASP D 252 -28.08 1.35 11.66
N HIS D 253 -27.38 0.48 10.94
CA HIS D 253 -28.02 -0.50 10.08
C HIS D 253 -28.37 -1.80 10.81
N VAL D 254 -28.00 -1.92 12.08
CA VAL D 254 -28.61 -2.97 12.89
C VAL D 254 -30.01 -2.47 13.30
N ASP D 255 -31.01 -3.11 12.71
CA ASP D 255 -32.38 -2.61 12.73
C ASP D 255 -32.98 -2.46 14.12
N THR D 256 -32.57 -3.34 15.04
CA THR D 256 -33.02 -3.25 16.44
C THR D 256 -32.44 -2.03 17.18
N HIS D 257 -31.52 -1.31 16.54
CA HIS D 257 -30.99 -0.08 17.12
C HIS D 257 -31.71 1.17 16.62
N THR D 258 -32.78 0.99 15.85
CA THR D 258 -33.58 2.10 15.32
C THR D 258 -35.00 2.14 15.89
N THR D 259 -35.14 1.66 17.13
CA THR D 259 -36.41 1.64 17.83
C THR D 259 -36.26 2.34 19.18
N ASN D 260 -37.32 3.01 19.60
CA ASN D 260 -37.40 3.61 20.93
C ASN D 260 -38.35 2.74 21.75
N GLY D 261 -37.80 1.91 22.63
CA GLY D 261 -38.62 0.92 23.34
C GLY D 261 -39.18 -0.03 22.30
N ASP D 262 -40.51 -0.14 22.21
CA ASP D 262 -41.07 -0.96 21.14
C ASP D 262 -41.62 -0.18 19.93
N LYS D 263 -41.32 1.11 19.86
CA LYS D 263 -41.75 1.93 18.72
C LYS D 263 -40.67 2.04 17.65
N PRO D 264 -41.05 1.87 16.37
CA PRO D 264 -40.12 2.04 15.25
C PRO D 264 -39.74 3.51 15.02
N ASP D 265 -38.80 3.75 14.12
CA ASP D 265 -38.36 5.10 13.74
C ASP D 265 -37.75 5.87 14.90
N GLY D 266 -36.79 5.24 15.58
CA GLY D 266 -36.08 5.88 16.67
C GLY D 266 -34.60 5.54 16.68
N GLY D 267 -34.00 5.61 17.86
CA GLY D 267 -32.62 5.18 18.08
C GLY D 267 -31.55 5.97 17.36
N ILE D 268 -30.56 5.24 16.86
CA ILE D 268 -29.35 5.84 16.30
C ILE D 268 -29.58 6.18 14.84
N MET D 269 -29.92 7.46 14.62
CA MET D 269 -30.39 7.92 13.33
C MET D 269 -30.43 9.44 13.31
N THR D 270 -29.94 10.01 12.22
CA THR D 270 -30.12 11.43 11.95
C THR D 270 -30.13 11.66 10.44
N THR D 271 -30.06 12.93 10.03
CA THR D 271 -30.00 13.26 8.61
C THR D 271 -28.89 14.25 8.32
N ILE D 272 -28.49 14.26 7.05
CA ILE D 272 -27.66 15.32 6.51
C ILE D 272 -28.58 16.20 5.65
N GLU D 273 -28.56 17.50 5.89
CA GLU D 273 -29.36 18.47 5.13
C GLU D 273 -28.45 19.42 4.37
N TYR D 274 -28.59 19.42 3.04
CA TYR D 274 -27.89 20.39 2.21
C TYR D 274 -28.74 21.63 2.10
N GLU D 275 -28.13 22.80 2.23
CA GLU D 275 -28.89 24.04 2.12
C GLU D 275 -29.51 24.25 0.73
N GLU D 276 -28.87 23.69 -0.30
CA GLU D 276 -29.34 23.79 -1.69
C GLU D 276 -30.76 23.25 -1.89
N VAL D 277 -31.11 22.17 -1.21
CA VAL D 277 -32.42 21.53 -1.41
C VAL D 277 -33.49 22.02 -0.42
N GLY D 278 -33.04 22.58 0.70
CA GLY D 278 -33.93 23.06 1.75
C GLY D 278 -34.64 21.96 2.51
N ILE D 279 -35.38 22.35 3.54
CA ILE D 279 -36.11 21.40 4.39
C ILE D 279 -37.63 21.55 4.26
N ASP D 280 -38.05 22.50 3.43
CA ASP D 280 -39.46 22.78 3.20
C ASP D 280 -40.07 21.75 2.24
N HIS D 281 -40.28 20.53 2.74
CA HIS D 281 -40.87 19.44 1.96
C HIS D 281 -41.96 18.79 2.79
N PRO D 282 -43.15 18.59 2.20
CA PRO D 282 -44.28 18.09 3.00
C PRO D 282 -44.05 16.71 3.60
N PHE D 283 -43.18 15.91 2.98
CA PHE D 283 -42.88 14.57 3.48
C PHE D 283 -41.81 14.53 4.59
N TYR D 284 -41.05 15.62 4.72
CA TYR D 284 -39.87 15.62 5.58
C TYR D 284 -40.18 15.75 7.08
N VAL D 285 -39.71 14.76 7.85
CA VAL D 285 -39.94 14.68 9.30
C VAL D 285 -39.48 15.94 10.04
N TRP D 286 -38.40 16.56 9.58
CA TRP D 286 -37.79 17.67 10.28
C TRP D 286 -37.98 19.03 9.59
N LYS D 287 -39.07 19.17 8.85
CA LYS D 287 -39.35 20.44 8.16
C LYS D 287 -39.56 21.59 9.13
N ASP D 288 -40.11 21.28 10.30
CA ASP D 288 -40.43 22.29 11.32
C ASP D 288 -39.54 22.16 12.56
N LYS D 289 -38.38 21.53 12.40
CA LYS D 289 -37.53 21.21 13.53
C LYS D 289 -36.74 22.43 14.03
N LYS D 290 -36.69 22.59 15.34
CA LYS D 290 -35.87 23.62 15.99
C LYS D 290 -34.43 23.15 16.08
N PHE D 291 -33.55 23.71 15.24
CA PHE D 291 -32.16 23.31 15.18
C PHE D 291 -31.38 23.74 16.43
N VAL D 292 -30.62 22.81 16.99
CA VAL D 292 -29.77 23.08 18.15
C VAL D 292 -28.32 22.93 17.72
N PRO D 293 -27.58 24.06 17.65
CA PRO D 293 -26.14 23.99 17.34
C PRO D 293 -25.34 23.29 18.45
N ASP D 294 -24.21 22.70 18.06
CA ASP D 294 -23.22 22.09 18.98
C ASP D 294 -23.64 20.74 19.61
N PHE D 295 -24.68 20.11 19.04
CA PHE D 295 -25.10 18.78 19.49
C PHE D 295 -24.06 17.69 19.19
N TYR D 296 -23.14 17.97 18.27
CA TYR D 296 -22.04 17.07 17.93
C TYR D 296 -20.69 17.69 18.29
N TYR D 297 -20.73 18.66 19.20
CA TYR D 297 -19.58 19.50 19.56
C TYR D 297 -18.97 20.22 18.35
N GLU D 298 -19.73 20.35 17.26
CA GLU D 298 -19.17 20.90 16.02
C GLU D 298 -18.78 22.37 16.11
N GLU D 299 -19.42 23.11 17.01
CA GLU D 299 -19.08 24.51 17.25
C GLU D 299 -17.96 24.63 18.30
N SER D 300 -18.00 23.79 19.33
CA SER D 300 -17.01 23.84 20.39
C SER D 300 -15.61 23.44 19.90
N LEU D 301 -15.58 22.54 18.91
CA LEU D 301 -14.31 22.12 18.28
C LEU D 301 -13.58 23.29 17.59
N LYS D 302 -14.34 24.30 17.17
CA LYS D 302 -13.79 25.50 16.52
C LYS D 302 -13.24 26.53 17.51
N LYS D 303 -13.57 26.39 18.79
CA LYS D 303 -13.10 27.31 19.82
C LYS D 303 -11.65 27.03 20.19
N ASP D 304 -11.06 27.93 20.97
CA ASP D 304 -9.68 27.75 21.44
C ASP D 304 -9.56 26.43 22.20
N LEU D 305 -8.38 25.82 22.13
CA LEU D 305 -8.11 24.58 22.84
C LEU D 305 -8.39 24.73 24.34
N GLY D 306 -8.81 23.64 24.97
CA GLY D 306 -9.15 23.64 26.40
C GLY D 306 -10.27 22.67 26.68
N MET D 307 -10.95 22.85 27.81
CA MET D 307 -12.12 22.04 28.12
C MET D 307 -13.38 22.87 27.91
N HIS D 308 -14.36 22.27 27.24
CA HIS D 308 -15.60 22.96 26.87
C HIS D 308 -16.82 22.25 27.42
N ASN D 309 -17.51 22.93 28.35
CA ASN D 309 -18.81 22.48 28.82
C ASN D 309 -19.88 22.82 27.78
N SER D 310 -21.01 22.11 27.86
CA SER D 310 -22.12 22.31 26.93
C SER D 310 -23.46 22.45 27.65
N LYS D 311 -24.21 23.49 27.29
CA LYS D 311 -25.56 23.66 27.79
C LYS D 311 -26.52 22.70 27.12
N VAL D 312 -26.18 22.28 25.91
CA VAL D 312 -26.94 21.28 25.17
C VAL D 312 -26.99 19.95 25.92
N PHE D 313 -25.85 19.56 26.51
CA PHE D 313 -25.74 18.26 27.16
C PHE D 313 -26.02 18.28 28.66
N LYS D 314 -26.19 19.47 29.22
CA LYS D 314 -26.41 19.61 30.66
C LYS D 314 -27.74 18.98 31.07
N GLY D 315 -27.72 18.20 32.14
CA GLY D 315 -28.93 17.63 32.70
C GLY D 315 -29.43 18.38 33.92
N GLU D 316 -30.30 17.74 34.70
CA GLU D 316 -30.87 18.33 35.91
C GLU D 316 -30.31 17.63 37.14
N PRO D 317 -29.87 18.41 38.15
CA PRO D 317 -29.33 17.76 39.35
C PRO D 317 -30.40 16.91 40.04
N ILE D 318 -29.98 15.81 40.67
CA ILE D 318 -30.89 14.97 41.44
C ILE D 318 -30.58 15.12 42.93
N GLU E 1 -27.41 2.50 -20.98
CA GLU E 1 -28.68 2.01 -21.59
C GLU E 1 -29.86 2.21 -20.63
N LYS E 2 -31.03 2.50 -21.19
CA LYS E 2 -32.24 2.68 -20.40
C LYS E 2 -32.88 1.34 -20.10
N ARG E 3 -33.26 1.13 -18.84
CA ARG E 3 -33.88 -0.13 -18.42
C ARG E 3 -35.06 0.16 -17.51
N GLU E 4 -36.19 -0.49 -17.78
CA GLU E 4 -37.39 -0.29 -16.98
C GLU E 4 -37.93 -1.60 -16.45
N PHE E 5 -38.19 -1.63 -15.14
CA PHE E 5 -38.65 -2.82 -14.46
C PHE E 5 -39.91 -2.52 -13.66
N ASP E 6 -40.71 -3.55 -13.45
CA ASP E 6 -41.90 -3.44 -12.60
C ASP E 6 -41.78 -4.39 -11.42
N LEU E 7 -42.10 -3.87 -10.23
CA LEU E 7 -42.18 -4.71 -9.04
C LEU E 7 -43.54 -4.55 -8.33
N SER E 8 -44.09 -5.66 -7.88
CA SER E 8 -45.24 -5.66 -7.00
C SER E 8 -44.79 -6.03 -5.59
N ILE E 9 -45.52 -5.60 -4.59
CA ILE E 9 -45.30 -6.04 -3.21
C ILE E 9 -46.54 -6.84 -2.77
N GLU E 10 -46.34 -8.12 -2.49
CA GLU E 10 -47.45 -9.05 -2.24
C GLU E 10 -47.28 -9.77 -0.91
N ASP E 11 -48.39 -9.96 -0.19
CA ASP E 11 -48.39 -10.81 0.99
C ASP E 11 -48.11 -12.24 0.56
N THR E 12 -47.04 -12.83 1.10
CA THR E 12 -46.51 -14.09 0.59
C THR E 12 -46.07 -15.04 1.69
N ARG E 13 -46.46 -16.30 1.57
CA ARG E 13 -46.01 -17.34 2.48
C ARG E 13 -44.75 -18.00 1.91
N ILE E 14 -43.67 -17.97 2.69
CA ILE E 14 -42.45 -18.70 2.37
C ILE E 14 -42.18 -19.73 3.47
N VAL E 15 -41.36 -20.74 3.16
CA VAL E 15 -40.95 -21.75 4.15
C VAL E 15 -39.43 -21.75 4.30
N LEU E 16 -38.96 -21.44 5.50
CA LEU E 16 -37.52 -21.34 5.75
C LEU E 16 -36.84 -22.71 5.74
N VAL E 17 -37.40 -23.64 6.50
CA VAL E 17 -36.97 -25.04 6.59
C VAL E 17 -38.10 -25.85 7.19
N GLY E 18 -38.13 -27.14 6.88
CA GLY E 18 -39.12 -28.06 7.45
C GLY E 18 -40.51 -27.47 7.39
N LYS E 19 -41.13 -27.30 8.56
CA LYS E 19 -42.49 -26.75 8.61
C LYS E 19 -42.52 -25.29 9.08
N ARG E 20 -41.35 -24.68 9.18
CA ARG E 20 -41.26 -23.28 9.61
C ARG E 20 -41.56 -22.32 8.47
N ASP E 21 -42.81 -21.85 8.42
CA ASP E 21 -43.23 -20.86 7.43
C ASP E 21 -43.15 -19.45 7.98
N PHE E 22 -43.29 -18.47 7.10
CA PHE E 22 -43.24 -17.06 7.48
C PHE E 22 -44.07 -16.20 6.55
N HIS E 23 -44.77 -15.22 7.13
CA HIS E 23 -45.53 -14.24 6.36
C HIS E 23 -44.57 -13.13 5.94
N THR E 24 -44.49 -12.88 4.64
CA THR E 24 -43.59 -11.87 4.13
C THR E 24 -44.34 -10.89 3.24
N PHE E 25 -43.72 -9.74 3.02
CA PHE E 25 -44.22 -8.75 2.07
C PHE E 25 -43.23 -8.76 0.91
N ALA E 26 -43.40 -9.74 0.02
CA ALA E 26 -42.38 -10.07 -0.95
C ALA E 26 -42.49 -9.28 -2.26
N PHE E 27 -41.35 -8.76 -2.72
CA PHE E 27 -41.28 -8.13 -4.04
C PHE E 27 -41.46 -9.19 -5.14
N ASN E 28 -42.42 -8.96 -6.03
CA ASN E 28 -42.84 -9.97 -7.04
C ASN E 28 -43.17 -11.36 -6.47
N GLY E 29 -43.61 -11.38 -5.22
CA GLY E 29 -44.03 -12.63 -4.58
C GLY E 29 -42.93 -13.62 -4.27
N GLN E 30 -41.68 -13.14 -4.24
CA GLN E 30 -40.52 -13.99 -3.99
C GLN E 30 -39.54 -13.42 -2.97
N VAL E 31 -38.89 -14.31 -2.21
CA VAL E 31 -37.84 -13.93 -1.25
C VAL E 31 -36.64 -14.88 -1.41
N PRO E 32 -35.44 -14.33 -1.69
CA PRO E 32 -35.11 -12.93 -1.95
C PRO E 32 -35.84 -12.38 -3.17
N ALA E 33 -35.97 -11.05 -3.19
CA ALA E 33 -36.59 -10.33 -4.30
C ALA E 33 -35.84 -10.59 -5.62
N PRO E 34 -36.44 -10.21 -6.77
CA PRO E 34 -35.80 -10.41 -8.07
C PRO E 34 -34.40 -9.80 -8.20
N LEU E 35 -33.50 -10.55 -8.84
CA LEU E 35 -32.18 -10.04 -9.14
C LEU E 35 -32.27 -8.92 -10.15
N ILE E 36 -31.66 -7.78 -9.81
CA ILE E 36 -31.50 -6.68 -10.75
C ILE E 36 -30.02 -6.65 -11.13
N HIS E 37 -29.76 -6.99 -12.38
CA HIS E 37 -28.42 -7.11 -12.90
C HIS E 37 -28.25 -6.16 -14.08
N VAL E 38 -27.49 -5.10 -13.86
CA VAL E 38 -27.37 -4.00 -14.81
C VAL E 38 -25.92 -3.55 -14.98
N MET E 39 -25.65 -2.75 -16.01
CA MET E 39 -24.32 -2.21 -16.24
C MET E 39 -24.17 -0.85 -15.57
N GLU E 40 -22.99 -0.59 -15.01
CA GLU E 40 -22.63 0.73 -14.48
C GLU E 40 -22.99 1.81 -15.50
N GLY E 41 -23.75 2.80 -15.04
CA GLY E 41 -24.16 3.92 -15.90
C GLY E 41 -25.52 3.75 -16.56
N ASP E 42 -26.12 2.55 -16.45
CA ASP E 42 -27.46 2.32 -16.99
C ASP E 42 -28.46 3.23 -16.27
N ASP E 43 -29.47 3.69 -17.01
CA ASP E 43 -30.54 4.49 -16.44
C ASP E 43 -31.71 3.60 -16.09
N VAL E 44 -31.89 3.41 -14.79
CA VAL E 44 -32.83 2.44 -14.28
C VAL E 44 -34.12 3.14 -13.88
N THR E 45 -35.25 2.58 -14.32
CA THR E 45 -36.57 3.01 -13.89
C THR E 45 -37.27 1.80 -13.28
N VAL E 46 -37.78 1.95 -12.05
CA VAL E 46 -38.49 0.86 -11.39
C VAL E 46 -39.87 1.31 -10.93
N ASN E 47 -40.90 0.67 -11.48
CA ASN E 47 -42.28 0.93 -11.07
C ASN E 47 -42.70 -0.03 -9.99
N VAL E 48 -42.94 0.50 -8.80
CA VAL E 48 -43.28 -0.30 -7.62
C VAL E 48 -44.74 -0.12 -7.23
N THR E 49 -45.49 -1.22 -7.24
CA THR E 49 -46.91 -1.22 -6.88
C THR E 49 -47.14 -1.97 -5.58
N ASN E 50 -47.73 -1.27 -4.60
CA ASN E 50 -47.99 -1.86 -3.28
C ASN E 50 -49.32 -2.61 -3.24
N MET E 51 -49.27 -3.93 -3.17
CA MET E 51 -50.47 -4.77 -3.12
C MET E 51 -50.72 -5.38 -1.74
N THR E 52 -50.08 -4.82 -0.73
CA THR E 52 -50.31 -5.22 0.66
C THR E 52 -51.21 -4.18 1.34
N THR E 53 -51.36 -4.30 2.65
CA THR E 53 -52.21 -3.38 3.41
C THR E 53 -51.40 -2.43 4.29
N LEU E 54 -50.08 -2.49 4.15
CA LEU E 54 -49.17 -1.63 4.91
C LEU E 54 -48.31 -0.79 3.97
N PRO E 55 -47.81 0.37 4.43
CA PRO E 55 -46.97 1.19 3.55
C PRO E 55 -45.54 0.66 3.43
N HIS E 56 -44.92 0.90 2.28
CA HIS E 56 -43.56 0.44 1.99
C HIS E 56 -42.80 1.47 1.17
N THR E 57 -41.49 1.25 1.02
CA THR E 57 -40.66 1.96 0.04
C THR E 57 -39.66 0.95 -0.51
N ILE E 58 -38.85 1.36 -1.47
CA ILE E 58 -37.62 0.64 -1.79
C ILE E 58 -36.45 1.61 -1.72
N HIS E 59 -35.50 1.29 -0.85
CA HIS E 59 -34.24 1.99 -0.81
C HIS E 59 -33.19 1.17 -1.57
N TRP E 60 -32.37 1.86 -2.36
CA TRP E 60 -31.37 1.21 -3.19
C TRP E 60 -30.02 1.40 -2.53
N HIS E 61 -29.67 0.42 -1.70
CA HIS E 61 -28.50 0.50 -0.82
C HIS E 61 -27.20 0.37 -1.60
N GLY E 62 -26.42 1.44 -1.58
CA GLY E 62 -25.17 1.52 -2.33
C GLY E 62 -25.25 2.46 -3.53
N MET E 63 -26.48 2.74 -3.98
CA MET E 63 -26.69 3.71 -5.05
C MET E 63 -26.49 5.12 -4.51
N LEU E 64 -25.56 5.85 -5.11
CA LEU E 64 -25.21 7.20 -4.71
C LEU E 64 -26.34 8.21 -4.92
N GLN E 65 -27.21 7.93 -5.89
CA GLN E 65 -28.35 8.78 -6.19
C GLN E 65 -27.93 10.23 -6.45
N ARG E 66 -26.92 10.41 -7.31
CA ARG E 66 -26.37 11.72 -7.62
C ARG E 66 -27.39 12.57 -8.38
N GLY E 67 -27.88 13.61 -7.71
CA GLY E 67 -28.93 14.45 -8.25
C GLY E 67 -30.31 13.80 -8.24
N THR E 68 -30.41 12.58 -7.70
CA THR E 68 -31.69 11.87 -7.69
C THR E 68 -32.17 11.49 -6.28
N TRP E 69 -31.94 12.38 -5.32
CA TRP E 69 -32.28 12.10 -3.92
C TRP E 69 -33.72 11.70 -3.65
N GLN E 70 -34.66 12.19 -4.46
CA GLN E 70 -36.07 11.83 -4.27
C GLN E 70 -36.41 10.40 -4.74
N SER E 71 -35.40 9.69 -5.23
CA SER E 71 -35.52 8.27 -5.55
C SER E 71 -34.79 7.38 -4.52
N ASP E 72 -34.27 7.99 -3.46
CA ASP E 72 -33.50 7.26 -2.44
C ASP E 72 -34.33 6.28 -1.60
N GLY E 73 -35.64 6.50 -1.53
CA GLY E 73 -36.56 5.52 -0.95
C GLY E 73 -36.67 5.51 0.56
N VAL E 74 -36.53 6.67 1.19
CA VAL E 74 -36.67 6.77 2.63
C VAL E 74 -37.94 7.54 2.97
N PRO E 75 -38.87 6.88 3.69
CA PRO E 75 -40.13 7.52 4.04
C PRO E 75 -39.87 8.61 5.09
N HIS E 76 -40.55 9.75 4.92
CA HIS E 76 -40.39 10.92 5.81
C HIS E 76 -39.05 11.64 5.65
N ALA E 77 -38.32 11.33 4.59
CA ALA E 77 -37.07 12.03 4.28
C ALA E 77 -36.91 12.36 2.81
N THR E 78 -37.27 11.42 1.92
CA THR E 78 -37.14 11.63 0.47
C THR E 78 -38.46 11.43 -0.28
N GLN E 79 -39.46 10.89 0.40
CA GLN E 79 -40.79 10.67 -0.17
C GLN E 79 -41.81 10.41 0.91
N HIS E 80 -43.10 10.45 0.54
CA HIS E 80 -44.15 9.83 1.33
C HIS E 80 -44.08 8.33 1.03
N ALA E 81 -44.34 7.49 2.03
CA ALA E 81 -44.36 6.04 1.83
C ALA E 81 -45.37 5.63 0.77
N ILE E 82 -45.12 4.50 0.09
CA ILE E 82 -46.05 4.01 -0.92
C ILE E 82 -47.22 3.35 -0.21
N GLU E 83 -48.38 4.00 -0.28
CA GLU E 83 -49.57 3.50 0.40
C GLU E 83 -50.17 2.33 -0.39
N PRO E 84 -50.91 1.44 0.29
CA PRO E 84 -51.54 0.32 -0.40
C PRO E 84 -52.29 0.74 -1.66
N GLY E 85 -52.09 0.00 -2.74
CA GLY E 85 -52.76 0.26 -4.00
C GLY E 85 -52.04 1.23 -4.92
N ASP E 86 -51.08 1.97 -4.38
CA ASP E 86 -50.39 2.99 -5.16
C ASP E 86 -49.15 2.48 -5.90
N THR E 87 -48.74 3.23 -6.90
CA THR E 87 -47.55 2.92 -7.69
C THR E 87 -46.59 4.10 -7.60
N PHE E 88 -45.35 3.80 -7.22
CA PHE E 88 -44.32 4.82 -7.12
C PHE E 88 -43.18 4.43 -8.06
N THR E 89 -42.62 5.43 -8.74
CA THR E 89 -41.58 5.20 -9.73
C THR E 89 -40.22 5.75 -9.29
N TYR E 90 -39.25 4.83 -9.15
CA TYR E 90 -37.87 5.20 -8.88
C TYR E 90 -37.07 5.35 -10.18
N LYS E 91 -36.26 6.40 -10.25
CA LYS E 91 -35.41 6.65 -11.40
C LYS E 91 -34.02 7.03 -10.93
N PHE E 92 -33.03 6.22 -11.32
CA PHE E 92 -31.65 6.48 -10.92
C PHE E 92 -30.64 5.93 -11.92
N LYS E 93 -29.44 6.47 -11.91
CA LYS E 93 -28.32 5.91 -12.65
C LYS E 93 -27.68 4.82 -11.78
N ALA E 94 -27.38 3.69 -12.39
CA ALA E 94 -26.74 2.58 -11.68
C ALA E 94 -25.27 2.91 -11.46
N GLU E 95 -24.96 3.42 -10.28
CA GLU E 95 -23.58 3.75 -9.91
C GLU E 95 -23.45 3.91 -8.38
N PRO E 96 -22.30 3.50 -7.83
CA PRO E 96 -21.15 2.89 -8.50
C PRO E 96 -21.40 1.40 -8.79
N ALA E 97 -20.40 0.74 -9.38
CA ALA E 97 -20.42 -0.69 -9.63
C ALA E 97 -20.20 -1.48 -8.34
N GLY E 98 -20.64 -2.74 -8.33
CA GLY E 98 -20.39 -3.61 -7.19
C GLY E 98 -21.61 -4.40 -6.75
N THR E 99 -21.45 -5.11 -5.64
CA THR E 99 -22.52 -5.84 -4.99
C THR E 99 -23.34 -4.87 -4.16
N MET E 100 -24.51 -4.51 -4.68
CA MET E 100 -25.43 -3.64 -3.96
C MET E 100 -26.69 -4.44 -3.63
N TRP E 101 -27.63 -3.82 -2.94
CA TRP E 101 -28.90 -4.48 -2.65
C TRP E 101 -30.01 -3.46 -2.48
N TYR E 102 -31.23 -3.96 -2.41
CA TYR E 102 -32.37 -3.10 -2.21
C TYR E 102 -33.31 -3.71 -1.21
N HIS E 103 -33.94 -2.84 -0.42
CA HIS E 103 -34.81 -3.27 0.65
C HIS E 103 -35.79 -2.16 1.01
N CYS E 104 -36.90 -2.53 1.65
CA CYS E 104 -37.85 -1.56 2.18
C CYS E 104 -37.18 -0.72 3.27
N HIS E 105 -37.57 0.55 3.37
CA HIS E 105 -37.04 1.41 4.43
C HIS E 105 -38.12 1.86 5.43
N VAL E 106 -39.25 1.17 5.42
CA VAL E 106 -40.33 1.42 6.39
C VAL E 106 -40.24 0.39 7.51
N ASN E 107 -40.30 0.85 8.77
CA ASN E 107 -40.30 -0.05 9.93
C ASN E 107 -39.32 -1.21 9.78
N VAL E 108 -38.07 -0.89 9.47
CA VAL E 108 -37.09 -1.88 9.07
C VAL E 108 -36.89 -3.01 10.09
N ASN E 109 -37.01 -2.67 11.37
CA ASN E 109 -36.96 -3.64 12.47
C ASN E 109 -37.92 -4.82 12.27
N GLU E 110 -39.00 -4.59 11.52
CA GLU E 110 -39.89 -5.67 11.13
C GLU E 110 -39.74 -6.03 9.65
N HIS E 111 -39.88 -5.04 8.77
CA HIS E 111 -40.02 -5.29 7.33
C HIS E 111 -38.79 -5.96 6.70
N VAL E 112 -37.61 -5.46 7.03
CA VAL E 112 -36.38 -6.03 6.47
C VAL E 112 -35.97 -7.26 7.26
N THR E 113 -35.91 -7.13 8.59
CA THR E 113 -35.48 -8.22 9.45
C THR E 113 -36.28 -9.50 9.24
N MET E 114 -37.61 -9.40 9.23
CA MET E 114 -38.43 -10.62 9.20
C MET E 114 -39.59 -10.67 8.20
N ARG E 115 -39.64 -9.73 7.25
CA ARG E 115 -40.71 -9.79 6.23
C ARG E 115 -40.18 -9.94 4.80
N GLY E 116 -38.89 -10.29 4.69
CA GLY E 116 -38.29 -10.66 3.40
C GLY E 116 -38.21 -9.57 2.34
N MET E 117 -38.21 -8.31 2.77
CA MET E 117 -38.25 -7.19 1.82
C MET E 117 -36.84 -6.76 1.40
N TRP E 118 -36.17 -7.64 0.66
CA TRP E 118 -34.79 -7.40 0.22
C TRP E 118 -34.44 -8.27 -0.97
N GLY E 119 -33.56 -7.75 -1.83
CA GLY E 119 -33.04 -8.50 -2.97
C GLY E 119 -31.73 -7.90 -3.43
N PRO E 120 -31.01 -8.59 -4.33
CA PRO E 120 -29.69 -8.14 -4.79
C PRO E 120 -29.73 -7.17 -5.97
N LEU E 121 -28.82 -6.20 -5.95
CA LEU E 121 -28.66 -5.28 -7.07
C LEU E 121 -27.20 -5.31 -7.51
N ILE E 122 -26.94 -6.06 -8.57
CA ILE E 122 -25.56 -6.27 -9.01
C ILE E 122 -25.28 -5.34 -10.17
N VAL E 123 -24.35 -4.43 -9.95
CA VAL E 123 -23.97 -3.47 -10.97
C VAL E 123 -22.61 -3.87 -11.51
N GLU E 124 -22.58 -4.23 -12.80
CA GLU E 124 -21.34 -4.66 -13.45
C GLU E 124 -20.48 -3.45 -13.76
N PRO E 125 -19.17 -3.53 -13.47
CA PRO E 125 -18.24 -2.47 -13.85
C PRO E 125 -18.01 -2.44 -15.36
N LYS E 126 -17.92 -1.25 -15.94
CA LYS E 126 -17.59 -1.11 -17.36
C LYS E 126 -16.21 -1.67 -17.67
N ASN E 127 -15.29 -1.48 -16.73
CA ASN E 127 -13.93 -2.01 -16.83
C ASN E 127 -13.55 -2.83 -15.58
N PRO E 128 -13.84 -4.14 -15.61
CA PRO E 128 -13.55 -4.97 -14.43
C PRO E 128 -12.05 -5.07 -14.16
N LEU E 129 -11.69 -5.13 -12.88
CA LEU E 129 -10.30 -5.34 -12.46
C LEU E 129 -9.83 -6.74 -12.85
N PRO E 130 -8.51 -6.93 -13.06
CA PRO E 130 -7.98 -8.25 -13.42
C PRO E 130 -8.48 -9.43 -12.56
N ILE E 131 -8.54 -9.24 -11.24
CA ILE E 131 -9.05 -10.29 -10.34
C ILE E 131 -10.49 -10.72 -10.68
N GLU E 132 -11.34 -9.76 -11.02
CA GLU E 132 -12.71 -10.03 -11.46
C GLU E 132 -12.76 -10.88 -12.72
N LYS E 133 -11.80 -10.67 -13.62
CA LYS E 133 -11.76 -11.41 -14.88
C LYS E 133 -11.39 -12.89 -14.71
N THR E 134 -10.75 -13.23 -13.60
CA THR E 134 -10.40 -14.64 -13.33
C THR E 134 -11.60 -15.47 -12.87
N VAL E 135 -12.64 -14.79 -12.39
CA VAL E 135 -13.81 -15.45 -11.82
C VAL E 135 -14.57 -16.24 -12.87
N THR E 136 -14.87 -17.51 -12.58
CA THR E 136 -15.59 -18.39 -13.49
C THR E 136 -17.06 -18.57 -13.11
N LYS E 137 -17.35 -18.47 -11.81
CA LYS E 137 -18.72 -18.64 -11.29
C LYS E 137 -19.03 -17.60 -10.21
N ASP E 138 -20.20 -16.99 -10.30
CA ASP E 138 -20.58 -15.88 -9.43
C ASP E 138 -21.82 -16.26 -8.60
N TYR E 139 -21.75 -16.08 -7.29
CA TYR E 139 -22.82 -16.50 -6.35
C TYR E 139 -23.25 -15.38 -5.41
N ILE E 140 -24.56 -15.27 -5.17
CA ILE E 140 -25.08 -14.27 -4.22
C ILE E 140 -25.60 -15.01 -2.98
N LEU E 141 -25.08 -14.63 -1.80
CA LEU E 141 -25.59 -15.15 -0.53
C LEU E 141 -26.08 -14.02 0.36
N MET E 142 -27.39 -13.96 0.56
CA MET E 142 -28.00 -12.96 1.42
C MET E 142 -28.32 -13.57 2.78
N LEU E 143 -27.74 -12.99 3.83
CA LEU E 143 -27.81 -13.58 5.16
C LEU E 143 -28.87 -12.88 6.01
N SER E 144 -29.76 -13.67 6.62
CA SER E 144 -30.89 -13.14 7.39
C SER E 144 -31.12 -13.89 8.69
N ASP E 145 -31.69 -13.19 9.66
CA ASP E 145 -31.99 -13.72 10.99
C ASP E 145 -33.47 -13.47 11.29
N TRP E 146 -34.18 -14.51 11.76
CA TRP E 146 -35.64 -14.46 11.89
C TRP E 146 -36.10 -14.78 13.31
N VAL E 147 -37.19 -14.13 13.71
CA VAL E 147 -37.84 -14.38 15.01
C VAL E 147 -39.16 -15.09 14.75
N SER E 148 -39.20 -16.41 15.00
CA SER E 148 -40.36 -17.23 14.65
C SER E 148 -41.66 -16.86 15.38
N SER E 149 -41.56 -16.23 16.54
CA SER E 149 -42.75 -15.84 17.30
C SER E 149 -43.65 -14.85 16.54
N TRP E 150 -43.08 -14.14 15.57
CA TRP E 150 -43.84 -13.16 14.77
C TRP E 150 -44.15 -13.67 13.37
N ALA E 151 -43.90 -14.95 13.12
CA ALA E 151 -44.01 -15.52 11.77
C ALA E 151 -45.33 -15.20 11.09
N ASN E 152 -46.43 -15.39 11.80
CA ASN E 152 -47.76 -15.18 11.25
C ASN E 152 -48.51 -14.02 11.90
N LYS E 153 -47.76 -12.99 12.24
CA LYS E 153 -48.31 -11.77 12.83
C LYS E 153 -47.77 -10.54 12.08
N PRO E 154 -48.18 -10.35 10.81
CA PRO E 154 -47.69 -9.21 10.03
C PRO E 154 -48.12 -7.87 10.65
N GLY E 155 -47.26 -6.86 10.52
CA GLY E 155 -47.50 -5.57 11.18
C GLY E 155 -47.05 -5.56 12.63
N GLU E 156 -46.42 -6.66 13.05
CA GLU E 156 -45.88 -6.79 14.41
C GLU E 156 -44.48 -7.38 14.39
N GLY E 157 -43.69 -7.09 15.42
CA GLY E 157 -42.38 -7.71 15.60
C GLY E 157 -41.19 -6.79 15.51
N GLY E 158 -40.03 -7.29 15.96
CA GLY E 158 -38.79 -6.54 15.90
C GLY E 158 -38.64 -5.61 17.08
N ILE E 159 -38.97 -6.12 18.26
CA ILE E 159 -39.02 -5.31 19.48
C ILE E 159 -38.20 -5.98 20.59
N PRO E 160 -37.78 -5.22 21.61
CA PRO E 160 -37.01 -5.79 22.72
C PRO E 160 -37.68 -7.03 23.30
N GLY E 161 -36.88 -8.05 23.60
CA GLY E 161 -37.38 -9.31 24.14
C GLY E 161 -37.46 -10.41 23.10
N ASP E 162 -37.45 -10.02 21.82
CA ASP E 162 -37.48 -10.95 20.71
C ASP E 162 -36.40 -12.02 20.84
N VAL E 163 -36.76 -13.24 20.45
CA VAL E 163 -35.82 -14.36 20.46
C VAL E 163 -35.60 -14.83 19.02
N PHE E 164 -34.41 -14.53 18.49
CA PHE E 164 -34.05 -15.01 17.16
C PHE E 164 -33.83 -16.52 17.23
N ASP E 165 -34.38 -17.25 16.26
CA ASP E 165 -34.28 -18.71 16.28
C ASP E 165 -34.12 -19.40 14.93
N TYR E 166 -34.20 -18.64 13.84
CA TYR E 166 -33.93 -19.17 12.49
C TYR E 166 -33.00 -18.25 11.71
N TYR E 167 -32.12 -18.86 10.91
CA TYR E 167 -31.03 -18.16 10.21
C TYR E 167 -30.90 -18.74 8.81
N THR E 168 -30.84 -17.86 7.81
CA THR E 168 -30.95 -18.31 6.43
C THR E 168 -29.90 -17.75 5.49
N ILE E 169 -29.61 -18.49 4.42
CA ILE E 169 -28.99 -17.98 3.20
C ILE E 169 -30.10 -17.95 2.15
N ASN E 170 -30.37 -16.78 1.59
CA ASN E 170 -31.43 -16.59 0.58
C ASN E 170 -32.77 -17.21 1.01
N ALA E 171 -33.12 -16.97 2.28
CA ALA E 171 -34.38 -17.41 2.90
C ALA E 171 -34.57 -18.93 3.08
N LYS E 172 -33.48 -19.69 3.01
CA LYS E 172 -33.50 -21.10 3.42
C LYS E 172 -32.42 -21.38 4.46
N SER E 173 -32.74 -22.23 5.43
CA SER E 173 -31.77 -22.75 6.38
C SER E 173 -31.31 -24.13 5.94
N PHE E 174 -30.08 -24.49 6.32
CA PHE E 174 -29.59 -25.86 6.15
C PHE E 174 -30.54 -26.79 6.91
N PRO E 175 -30.81 -27.99 6.37
CA PRO E 175 -30.27 -28.62 5.16
C PRO E 175 -31.03 -28.35 3.85
N GLU E 176 -31.83 -27.28 3.83
CA GLU E 176 -32.60 -26.94 2.64
C GLU E 176 -31.96 -25.82 1.80
N THR E 177 -30.72 -25.45 2.14
CA THR E 177 -29.85 -24.69 1.23
C THR E 177 -29.38 -25.60 0.09
N GLN E 178 -28.55 -25.08 -0.81
CA GLN E 178 -28.06 -25.86 -1.95
C GLN E 178 -26.53 -25.90 -1.97
N PRO E 179 -25.93 -27.03 -2.38
CA PRO E 179 -24.47 -27.06 -2.43
C PRO E 179 -23.97 -26.18 -3.56
N ILE E 180 -22.76 -25.65 -3.40
CA ILE E 180 -22.07 -24.89 -4.43
C ILE E 180 -21.22 -25.89 -5.20
N ARG E 181 -21.53 -26.08 -6.49
CA ARG E 181 -20.91 -27.14 -7.29
C ARG E 181 -19.82 -26.59 -8.21
N VAL E 182 -18.62 -27.17 -8.07
CA VAL E 182 -17.43 -26.66 -8.75
C VAL E 182 -16.60 -27.82 -9.31
N LYS E 183 -15.58 -27.46 -10.07
CA LYS E 183 -14.51 -28.40 -10.45
C LYS E 183 -13.17 -27.69 -10.30
N LYS E 184 -12.09 -28.46 -10.26
CA LYS E 184 -10.76 -27.91 -10.03
C LYS E 184 -10.42 -26.92 -11.16
N GLY E 185 -9.86 -25.78 -10.79
CA GLY E 185 -9.58 -24.72 -11.75
C GLY E 185 -10.60 -23.58 -11.74
N ASP E 186 -11.79 -23.85 -11.20
CA ASP E 186 -12.80 -22.81 -11.03
C ASP E 186 -12.29 -21.71 -10.10
N VAL E 187 -12.81 -20.51 -10.29
CA VAL E 187 -12.57 -19.40 -9.36
C VAL E 187 -13.94 -18.83 -9.07
N ILE E 188 -14.38 -18.92 -7.82
CA ILE E 188 -15.72 -18.45 -7.47
C ILE E 188 -15.69 -17.10 -6.74
N ARG E 189 -16.74 -16.32 -6.96
CA ARG E 189 -16.94 -15.06 -6.28
C ARG E 189 -18.21 -15.20 -5.46
N LEU E 190 -18.04 -15.15 -4.14
CA LEU E 190 -19.16 -15.17 -3.21
C LEU E 190 -19.51 -13.76 -2.78
N ARG E 191 -20.69 -13.31 -3.20
CA ARG E 191 -21.15 -11.97 -2.87
C ARG E 191 -22.01 -12.04 -1.61
N LEU E 192 -21.39 -11.73 -0.48
CA LEU E 192 -22.04 -11.85 0.82
C LEU E 192 -22.75 -10.54 1.16
N ILE E 193 -24.04 -10.64 1.47
CA ILE E 193 -24.85 -9.48 1.82
C ILE E 193 -25.44 -9.64 3.20
N GLY E 194 -25.13 -8.69 4.09
CA GLY E 194 -25.64 -8.69 5.46
C GLY E 194 -27.02 -8.07 5.53
N ALA E 195 -28.02 -8.87 5.17
CA ALA E 195 -29.40 -8.41 5.11
C ALA E 195 -30.08 -8.49 6.48
N GLY E 196 -29.40 -9.13 7.44
CA GLY E 196 -29.97 -9.41 8.74
C GLY E 196 -29.67 -8.42 9.85
N ASP E 197 -30.06 -8.78 11.07
CA ASP E 197 -29.89 -7.93 12.25
C ASP E 197 -28.59 -8.22 12.99
N HIS E 198 -28.04 -9.40 12.73
CA HIS E 198 -26.86 -9.90 13.44
C HIS E 198 -25.59 -9.81 12.58
N VAL E 199 -24.44 -9.82 13.25
CA VAL E 199 -23.15 -10.00 12.60
C VAL E 199 -23.02 -11.50 12.30
N HIS E 200 -22.43 -11.83 11.15
CA HIS E 200 -22.19 -13.22 10.78
C HIS E 200 -20.69 -13.38 10.53
N ALA E 201 -20.18 -14.57 10.80
CA ALA E 201 -18.77 -14.88 10.60
C ALA E 201 -18.65 -16.05 9.63
N ILE E 202 -18.58 -15.73 8.34
CA ILE E 202 -18.66 -16.74 7.29
C ILE E 202 -17.32 -17.40 7.10
N HIS E 203 -17.30 -18.71 7.37
CA HIS E 203 -16.08 -19.47 7.35
C HIS E 203 -16.13 -20.53 6.26
N THR E 204 -15.09 -20.59 5.41
CA THR E 204 -15.01 -21.59 4.35
C THR E 204 -13.84 -22.57 4.58
N HIS E 205 -14.15 -23.85 4.64
CA HIS E 205 -13.14 -24.90 4.80
C HIS E 205 -12.32 -25.13 3.52
N GLY E 206 -11.06 -25.52 3.71
CA GLY E 206 -10.23 -26.03 2.63
C GLY E 206 -9.66 -25.05 1.62
N HIS E 207 -9.94 -23.77 1.79
CA HIS E 207 -9.59 -22.75 0.80
C HIS E 207 -9.18 -21.46 1.48
N ILE E 208 -8.48 -20.60 0.75
CA ILE E 208 -8.13 -19.28 1.23
C ILE E 208 -9.22 -18.33 0.76
N SER E 209 -9.88 -17.64 1.70
CA SER E 209 -10.83 -16.60 1.38
C SER E 209 -10.05 -15.33 1.08
N GLN E 210 -10.22 -14.83 -0.14
CA GLN E 210 -9.61 -13.56 -0.50
C GLN E 210 -10.71 -12.52 -0.48
N ILE E 211 -10.77 -11.76 0.60
CA ILE E 211 -11.76 -10.69 0.74
C ILE E 211 -11.31 -9.55 -0.18
N ALA E 212 -11.98 -9.40 -1.31
CA ALA E 212 -11.50 -8.51 -2.37
C ALA E 212 -12.29 -7.21 -2.54
N PHE E 213 -13.55 -7.20 -2.11
CA PHE E 213 -14.42 -6.03 -2.21
C PHE E 213 -15.18 -5.80 -0.93
N LYS E 214 -15.27 -4.53 -0.51
CA LYS E 214 -16.17 -4.14 0.57
C LYS E 214 -17.15 -3.10 0.05
N ASP E 215 -18.43 -3.33 0.32
CA ASP E 215 -19.50 -2.41 -0.06
C ASP E 215 -19.41 -2.00 -1.53
N GLY E 216 -18.99 -2.96 -2.38
CA GLY E 216 -18.90 -2.71 -3.82
C GLY E 216 -17.54 -2.22 -4.26
N PHE E 217 -16.78 -1.64 -3.33
CA PHE E 217 -15.48 -1.06 -3.67
C PHE E 217 -14.34 -2.04 -3.46
N PRO E 218 -13.41 -2.10 -4.45
CA PRO E 218 -12.25 -2.99 -4.35
C PRO E 218 -11.33 -2.54 -3.23
N LEU E 219 -10.90 -3.50 -2.41
CA LEU E 219 -9.90 -3.22 -1.40
C LEU E 219 -8.55 -3.04 -2.08
N ASP E 220 -7.69 -2.16 -1.54
CA ASP E 220 -6.37 -1.92 -2.13
C ASP E 220 -5.61 -3.20 -2.50
N LYS E 221 -5.59 -4.16 -1.56
CA LYS E 221 -5.15 -5.52 -1.81
C LYS E 221 -6.10 -6.46 -1.06
N PRO E 222 -6.50 -7.59 -1.69
CA PRO E 222 -7.38 -8.53 -0.97
C PRO E 222 -6.80 -8.99 0.36
N ILE E 223 -7.65 -9.07 1.38
CA ILE E 223 -7.25 -9.60 2.69
C ILE E 223 -7.45 -11.12 2.70
N LYS E 224 -6.38 -11.85 3.01
CA LYS E 224 -6.42 -13.30 3.03
C LYS E 224 -6.80 -13.84 4.42
N GLY E 225 -7.65 -14.84 4.44
CA GLY E 225 -8.06 -15.47 5.68
C GLY E 225 -8.95 -16.67 5.44
N ASP E 226 -9.73 -17.04 6.45
CA ASP E 226 -10.69 -18.12 6.29
C ASP E 226 -12.06 -17.79 6.89
N THR E 227 -12.16 -16.67 7.61
CA THR E 227 -13.42 -16.23 8.23
C THR E 227 -13.68 -14.75 7.95
N VAL E 228 -14.84 -14.44 7.40
CA VAL E 228 -15.22 -13.07 7.08
C VAL E 228 -16.32 -12.60 8.02
N LEU E 229 -15.98 -11.66 8.90
CA LEU E 229 -16.94 -11.06 9.80
C LEU E 229 -17.71 -9.96 9.06
N ILE E 230 -19.02 -10.16 8.92
CA ILE E 230 -19.86 -9.25 8.12
C ILE E 230 -21.06 -8.76 8.93
N GLY E 231 -21.17 -7.45 9.04
CA GLY E 231 -22.23 -6.81 9.81
C GLY E 231 -23.40 -6.37 8.95
N PRO E 232 -24.55 -6.04 9.59
CA PRO E 232 -25.75 -5.59 8.88
C PRO E 232 -25.47 -4.41 7.93
N GLY E 233 -25.97 -4.50 6.70
CA GLY E 233 -25.75 -3.45 5.71
C GLY E 233 -24.50 -3.61 4.85
N GLU E 234 -23.49 -4.31 5.37
CA GLU E 234 -22.22 -4.51 4.64
C GLU E 234 -22.35 -5.54 3.53
N ARG E 235 -21.50 -5.40 2.51
CA ARG E 235 -21.32 -6.44 1.51
C ARG E 235 -19.84 -6.73 1.40
N TYR E 236 -19.49 -8.00 1.30
CA TYR E 236 -18.13 -8.42 0.99
C TYR E 236 -18.15 -9.40 -0.15
N ASP E 237 -17.29 -9.18 -1.14
CA ASP E 237 -17.05 -10.16 -2.19
C ASP E 237 -15.80 -10.96 -1.83
N VAL E 238 -15.97 -12.27 -1.72
CA VAL E 238 -14.90 -13.18 -1.38
C VAL E 238 -14.60 -14.01 -2.62
N ILE E 239 -13.33 -13.98 -3.05
CA ILE E 239 -12.90 -14.77 -4.19
C ILE E 239 -12.12 -15.99 -3.70
N LEU E 240 -12.52 -17.16 -4.19
CA LEU E 240 -11.90 -18.42 -3.78
C LEU E 240 -11.39 -19.16 -5.00
N ASN E 241 -10.11 -19.50 -5.00
CA ASN E 241 -9.53 -20.36 -6.02
C ASN E 241 -9.83 -21.81 -5.69
N MET E 242 -10.53 -22.50 -6.58
CA MET E 242 -10.97 -23.88 -6.35
C MET E 242 -9.87 -24.86 -6.77
N ASP E 243 -8.87 -25.02 -5.92
CA ASP E 243 -7.69 -25.81 -6.27
C ASP E 243 -7.52 -27.05 -5.40
N ASN E 244 -8.58 -27.44 -4.71
CA ASN E 244 -8.46 -28.43 -3.64
C ASN E 244 -9.70 -29.35 -3.59
N PRO E 245 -9.80 -30.32 -4.51
CA PRO E 245 -10.94 -31.23 -4.58
C PRO E 245 -11.32 -31.92 -3.28
N GLY E 246 -12.59 -31.82 -2.93
CA GLY E 246 -13.14 -32.41 -1.72
C GLY E 246 -14.57 -31.94 -1.51
N LEU E 247 -15.09 -32.23 -0.32
CA LEU E 247 -16.40 -31.73 0.12
C LEU E 247 -16.15 -30.82 1.32
N TRP E 248 -16.53 -29.56 1.17
CA TRP E 248 -16.09 -28.50 2.07
C TRP E 248 -17.24 -27.70 2.64
N MET E 249 -17.24 -27.53 3.95
CA MET E 249 -18.25 -26.73 4.62
C MET E 249 -18.02 -25.24 4.38
N ILE E 250 -19.12 -24.52 4.17
CA ILE E 250 -19.18 -23.06 4.30
C ILE E 250 -20.30 -22.82 5.31
N HIS E 251 -20.01 -22.07 6.36
CA HIS E 251 -21.00 -21.84 7.42
C HIS E 251 -20.70 -20.60 8.22
N ASP E 252 -21.71 -20.11 8.96
CA ASP E 252 -21.52 -19.08 9.96
C ASP E 252 -20.81 -19.71 11.15
N HIS E 253 -19.74 -19.07 11.61
CA HIS E 253 -18.99 -19.60 12.74
C HIS E 253 -19.52 -19.08 14.10
N VAL E 254 -20.52 -18.21 14.09
CA VAL E 254 -21.27 -18.01 15.34
C VAL E 254 -22.20 -19.22 15.49
N ASP E 255 -21.89 -20.04 16.48
CA ASP E 255 -22.48 -21.38 16.59
C ASP E 255 -23.99 -21.33 16.82
N THR E 256 -24.50 -20.24 17.40
CA THR E 256 -25.94 -20.09 17.62
C THR E 256 -26.70 -19.78 16.32
N HIS E 257 -25.96 -19.53 15.23
CA HIS E 257 -26.54 -19.36 13.90
C HIS E 257 -26.57 -20.66 13.09
N THR E 258 -26.21 -21.77 13.72
CA THR E 258 -26.19 -23.07 13.05
C THR E 258 -27.28 -24.02 13.59
N THR E 259 -28.34 -23.43 14.12
CA THR E 259 -29.47 -24.18 14.66
C THR E 259 -30.78 -23.79 14.00
N ASN E 260 -31.68 -24.76 13.88
CA ASN E 260 -33.08 -24.52 13.51
C ASN E 260 -33.93 -24.69 14.78
N GLY E 261 -34.43 -23.59 15.34
CA GLY E 261 -35.09 -23.64 16.65
C GLY E 261 -34.09 -24.15 17.68
N ASP E 262 -34.45 -25.20 18.42
CA ASP E 262 -33.46 -25.79 19.34
C ASP E 262 -32.72 -27.02 18.80
N LYS E 263 -32.83 -27.27 17.50
CA LYS E 263 -32.11 -28.40 16.89
C LYS E 263 -30.79 -27.97 16.25
N PRO E 264 -29.70 -28.70 16.52
CA PRO E 264 -28.42 -28.42 15.88
C PRO E 264 -28.42 -28.83 14.40
N ASP E 265 -27.35 -28.44 13.69
CA ASP E 265 -27.14 -28.80 12.27
C ASP E 265 -28.15 -28.14 11.34
N GLY E 266 -28.34 -26.84 11.53
CA GLY E 266 -29.24 -26.06 10.68
C GLY E 266 -28.64 -24.70 10.36
N GLY E 267 -29.50 -23.72 10.10
CA GLY E 267 -29.07 -22.34 9.96
C GLY E 267 -28.22 -22.03 8.74
N ILE E 268 -27.27 -21.13 8.93
CA ILE E 268 -26.45 -20.61 7.83
C ILE E 268 -25.30 -21.56 7.54
N MET E 269 -25.54 -22.47 6.61
CA MET E 269 -24.61 -23.55 6.30
C MET E 269 -24.90 -24.14 4.93
N THR E 270 -23.83 -24.40 4.18
CA THR E 270 -23.91 -25.21 2.98
C THR E 270 -22.57 -25.93 2.74
N THR E 271 -22.44 -26.56 1.58
CA THR E 271 -21.18 -27.22 1.21
C THR E 271 -20.74 -26.80 -0.17
N ILE E 272 -19.42 -26.88 -0.39
CA ILE E 272 -18.82 -26.85 -1.72
C ILE E 272 -18.51 -28.27 -2.16
N GLU E 273 -19.06 -28.67 -3.30
CA GLU E 273 -18.85 -30.01 -3.87
C GLU E 273 -18.02 -29.93 -5.16
N TYR E 274 -16.85 -30.57 -5.16
CA TYR E 274 -16.07 -30.72 -6.39
C TYR E 274 -16.54 -31.95 -7.16
N GLU E 275 -16.72 -31.80 -8.47
CA GLU E 275 -17.18 -32.94 -9.26
C GLU E 275 -16.17 -34.10 -9.29
N GLU E 276 -14.89 -33.78 -9.09
CA GLU E 276 -13.81 -34.77 -9.05
C GLU E 276 -13.98 -35.84 -7.95
N VAL E 277 -14.48 -35.44 -6.78
CA VAL E 277 -14.61 -36.39 -5.67
C VAL E 277 -15.99 -37.06 -5.57
N GLY E 278 -16.97 -36.49 -6.26
CA GLY E 278 -18.32 -37.03 -6.27
C GLY E 278 -19.05 -36.86 -4.94
N ILE E 279 -20.30 -37.27 -4.89
CA ILE E 279 -21.11 -37.13 -3.68
C ILE E 279 -21.54 -38.49 -3.11
N ASP E 280 -21.06 -39.57 -3.71
CA ASP E 280 -21.43 -40.93 -3.32
C ASP E 280 -20.56 -41.43 -2.16
N HIS E 281 -20.85 -40.91 -0.97
CA HIS E 281 -20.11 -41.25 0.24
C HIS E 281 -21.13 -41.57 1.32
N PRO E 282 -20.94 -42.69 2.04
CA PRO E 282 -21.95 -43.17 2.98
C PRO E 282 -22.25 -42.18 4.11
N PHE E 283 -21.25 -41.38 4.49
CA PHE E 283 -21.40 -40.41 5.57
C PHE E 283 -22.02 -39.07 5.14
N TYR E 284 -22.10 -38.82 3.83
CA TYR E 284 -22.43 -37.48 3.33
C TYR E 284 -23.92 -37.14 3.37
N VAL E 285 -24.25 -36.09 4.12
CA VAL E 285 -25.63 -35.64 4.34
C VAL E 285 -26.42 -35.46 3.04
N TRP E 286 -25.72 -35.04 1.98
CA TRP E 286 -26.36 -34.65 0.74
C TRP E 286 -26.08 -35.61 -0.43
N LYS E 287 -25.75 -36.86 -0.10
CA LYS E 287 -25.48 -37.85 -1.15
C LYS E 287 -26.69 -38.06 -2.06
N ASP E 288 -27.89 -37.88 -1.51
CA ASP E 288 -29.13 -38.05 -2.27
C ASP E 288 -29.90 -36.73 -2.46
N LYS E 289 -29.18 -35.62 -2.44
CA LYS E 289 -29.79 -34.30 -2.52
C LYS E 289 -30.38 -34.02 -3.90
N LYS E 290 -31.59 -33.49 -3.92
CA LYS E 290 -32.22 -33.01 -5.15
C LYS E 290 -31.72 -31.59 -5.43
N PHE E 291 -30.81 -31.46 -6.39
CA PHE E 291 -30.17 -30.18 -6.68
C PHE E 291 -31.10 -29.19 -7.37
N VAL E 292 -31.08 -27.94 -6.87
CA VAL E 292 -31.87 -26.86 -7.44
C VAL E 292 -30.92 -25.79 -7.98
N PRO E 293 -30.80 -25.67 -9.33
CA PRO E 293 -29.98 -24.59 -9.90
C PRO E 293 -30.56 -23.21 -9.63
N ASP E 294 -29.68 -22.20 -9.62
CA ASP E 294 -30.04 -20.79 -9.48
C ASP E 294 -30.46 -20.39 -8.05
N PHE E 295 -30.09 -21.19 -7.06
CA PHE E 295 -30.41 -20.85 -5.66
C PHE E 295 -29.55 -19.67 -5.14
N TYR E 296 -28.43 -19.42 -5.81
CA TYR E 296 -27.57 -18.28 -5.47
C TYR E 296 -27.56 -17.27 -6.62
N TYR E 297 -28.58 -17.36 -7.47
CA TYR E 297 -28.68 -16.57 -8.71
C TYR E 297 -27.51 -16.81 -9.67
N GLU E 298 -26.83 -17.94 -9.51
CA GLU E 298 -25.61 -18.22 -10.30
C GLU E 298 -25.91 -18.46 -11.79
N GLU E 299 -27.10 -18.98 -12.08
CA GLU E 299 -27.54 -19.18 -13.47
C GLU E 299 -28.09 -17.87 -14.06
N SER E 300 -28.90 -17.16 -13.28
CA SER E 300 -29.46 -15.87 -13.75
C SER E 300 -28.40 -14.81 -14.01
N LEU E 301 -27.32 -14.80 -13.20
CA LEU E 301 -26.21 -13.86 -13.40
C LEU E 301 -25.48 -14.02 -14.73
N LYS E 302 -25.64 -15.18 -15.37
CA LYS E 302 -25.03 -15.46 -16.67
C LYS E 302 -25.91 -15.06 -17.86
N LYS E 303 -27.19 -14.77 -17.60
CA LYS E 303 -28.14 -14.37 -18.64
C LYS E 303 -27.98 -12.89 -19.03
N ASP E 304 -28.70 -12.48 -20.06
CA ASP E 304 -28.71 -11.07 -20.46
C ASP E 304 -29.08 -10.19 -19.28
N LEU E 305 -28.46 -9.01 -19.22
CA LEU E 305 -28.73 -8.02 -18.17
C LEU E 305 -30.22 -7.65 -18.10
N GLY E 306 -30.66 -7.25 -16.91
CA GLY E 306 -32.07 -6.90 -16.68
C GLY E 306 -32.54 -7.38 -15.32
N MET E 307 -33.84 -7.60 -15.19
CA MET E 307 -34.41 -8.14 -13.96
C MET E 307 -34.76 -9.61 -14.15
N HIS E 308 -34.39 -10.43 -13.16
CA HIS E 308 -34.66 -11.85 -13.20
C HIS E 308 -35.52 -12.30 -12.02
N ASN E 309 -36.76 -12.68 -12.32
CA ASN E 309 -37.61 -13.38 -11.36
C ASN E 309 -37.17 -14.82 -11.31
N SER E 310 -37.49 -15.52 -10.22
CA SER E 310 -37.13 -16.92 -10.08
C SER E 310 -38.21 -17.68 -9.34
N LYS E 311 -38.65 -18.79 -9.94
CA LYS E 311 -39.61 -19.70 -9.31
C LYS E 311 -38.99 -20.39 -8.10
N VAL E 312 -37.67 -20.45 -8.07
CA VAL E 312 -36.93 -21.00 -6.92
C VAL E 312 -37.27 -20.24 -5.63
N PHE E 313 -37.44 -18.93 -5.75
CA PHE E 313 -37.68 -18.06 -4.59
C PHE E 313 -39.15 -17.67 -4.38
N LYS E 314 -40.01 -18.01 -5.33
CA LYS E 314 -41.41 -17.64 -5.27
C LYS E 314 -42.15 -18.37 -4.13
N GLY E 315 -42.92 -17.63 -3.37
CA GLY E 315 -43.72 -18.20 -2.29
C GLY E 315 -45.16 -18.37 -2.73
N GLU E 316 -46.07 -18.54 -1.77
CA GLU E 316 -47.50 -18.69 -2.04
C GLU E 316 -48.23 -17.41 -1.64
N PRO E 317 -49.15 -16.93 -2.49
CA PRO E 317 -49.98 -15.78 -2.10
C PRO E 317 -50.78 -16.07 -0.83
N ILE E 318 -50.94 -15.07 0.02
CA ILE E 318 -51.73 -15.21 1.24
C ILE E 318 -53.07 -14.49 1.11
N GLU F 1 8.93 -32.91 8.76
CA GLU F 1 9.09 -34.00 9.77
C GLU F 1 7.75 -34.67 10.08
N LYS F 2 7.79 -35.99 10.26
CA LYS F 2 6.61 -36.75 10.71
C LYS F 2 6.41 -36.59 12.21
N ARG F 3 5.18 -36.25 12.59
CA ARG F 3 4.83 -36.13 14.01
C ARG F 3 3.51 -36.85 14.30
N GLU F 4 3.48 -37.64 15.37
CA GLU F 4 2.29 -38.41 15.73
C GLU F 4 1.86 -38.15 17.16
N PHE F 5 0.59 -37.76 17.32
CA PHE F 5 0.04 -37.41 18.64
C PHE F 5 -1.20 -38.22 18.96
N ASP F 6 -1.43 -38.42 20.26
CA ASP F 6 -2.61 -39.11 20.77
C ASP F 6 -3.47 -38.14 21.57
N LEU F 7 -4.77 -38.14 21.28
CA LEU F 7 -5.72 -37.40 22.09
C LEU F 7 -6.88 -38.29 22.49
N SER F 8 -7.26 -38.22 23.75
CA SER F 8 -8.48 -38.84 24.23
C SER F 8 -9.51 -37.73 24.46
N ILE F 9 -10.78 -38.11 24.50
CA ILE F 9 -11.83 -37.17 24.85
C ILE F 9 -12.48 -37.70 26.12
N GLU F 10 -12.44 -36.89 27.17
CA GLU F 10 -12.80 -37.35 28.51
C GLU F 10 -13.79 -36.39 29.17
N ASP F 11 -14.81 -36.95 29.84
CA ASP F 11 -15.71 -36.16 30.67
C ASP F 11 -14.92 -35.57 31.83
N THR F 12 -14.88 -34.24 31.90
CA THR F 12 -13.96 -33.51 32.77
C THR F 12 -14.65 -32.33 33.43
N ARG F 13 -14.39 -32.14 34.72
CA ARG F 13 -14.91 -30.99 35.44
C ARG F 13 -13.83 -29.91 35.49
N ILE F 14 -14.21 -28.70 35.09
CA ILE F 14 -13.31 -27.55 35.20
C ILE F 14 -14.01 -26.49 36.03
N VAL F 15 -13.24 -25.57 36.60
CA VAL F 15 -13.77 -24.45 37.37
C VAL F 15 -13.36 -23.17 36.64
N LEU F 16 -14.32 -22.33 36.27
CA LEU F 16 -14.05 -21.09 35.55
C LEU F 16 -13.57 -20.00 36.50
N VAL F 17 -14.31 -19.83 37.59
CA VAL F 17 -13.99 -18.93 38.69
C VAL F 17 -14.79 -19.33 39.92
N GLY F 18 -14.24 -19.03 41.09
CA GLY F 18 -14.95 -19.23 42.35
C GLY F 18 -15.51 -20.63 42.44
N LYS F 19 -16.83 -20.74 42.55
CA LYS F 19 -17.49 -22.03 42.67
C LYS F 19 -18.17 -22.45 41.36
N ARG F 20 -17.97 -21.66 40.30
CA ARG F 20 -18.60 -21.95 39.01
C ARG F 20 -17.83 -23.04 38.25
N ASP F 21 -18.31 -24.27 38.39
CA ASP F 21 -17.73 -25.41 37.68
C ASP F 21 -18.51 -25.68 36.39
N PHE F 22 -17.92 -26.49 35.50
CA PHE F 22 -18.57 -26.83 34.24
C PHE F 22 -18.19 -28.24 33.80
N HIS F 23 -19.17 -28.97 33.27
CA HIS F 23 -18.96 -30.29 32.69
C HIS F 23 -18.48 -30.10 31.26
N THR F 24 -17.31 -30.65 30.95
CA THR F 24 -16.71 -30.50 29.63
C THR F 24 -16.32 -31.85 29.02
N PHE F 25 -16.18 -31.87 27.69
CA PHE F 25 -15.67 -33.05 26.99
C PHE F 25 -14.26 -32.68 26.54
N ALA F 26 -13.31 -32.82 27.45
CA ALA F 26 -11.98 -32.24 27.25
C ALA F 26 -11.01 -33.18 26.54
N PHE F 27 -10.30 -32.64 25.56
CA PHE F 27 -9.21 -33.35 24.91
C PHE F 27 -8.07 -33.53 25.91
N ASN F 28 -7.71 -34.78 26.17
CA ASN F 28 -6.73 -35.14 27.22
C ASN F 28 -7.06 -34.60 28.62
N GLY F 29 -8.34 -34.41 28.89
CA GLY F 29 -8.82 -34.00 30.21
C GLY F 29 -8.47 -32.58 30.62
N GLN F 30 -8.13 -31.75 29.64
CA GLN F 30 -7.78 -30.35 29.89
C GLN F 30 -8.51 -29.37 28.97
N VAL F 31 -8.80 -28.17 29.50
CA VAL F 31 -9.41 -27.09 28.73
C VAL F 31 -8.61 -25.81 29.04
N PRO F 32 -7.98 -25.18 28.02
CA PRO F 32 -7.93 -25.60 26.61
C PRO F 32 -7.24 -26.93 26.37
N ALA F 33 -7.48 -27.49 25.19
CA ALA F 33 -6.88 -28.75 24.79
C ALA F 33 -5.36 -28.59 24.65
N PRO F 34 -4.61 -29.70 24.57
CA PRO F 34 -3.16 -29.58 24.46
C PRO F 34 -2.70 -28.72 23.29
N LEU F 35 -1.60 -28.01 23.50
CA LEU F 35 -0.99 -27.22 22.45
C LEU F 35 -0.31 -28.13 21.44
N ILE F 36 -0.65 -27.95 20.17
CA ILE F 36 0.07 -28.57 19.08
C ILE F 36 0.92 -27.49 18.42
N HIS F 37 2.23 -27.63 18.54
CA HIS F 37 3.19 -26.63 18.06
C HIS F 37 4.12 -27.32 17.06
N VAL F 38 3.94 -26.99 15.79
CA VAL F 38 4.64 -27.69 14.70
C VAL F 38 5.19 -26.72 13.67
N MET F 39 6.03 -27.22 12.77
CA MET F 39 6.62 -26.43 11.69
C MET F 39 5.77 -26.56 10.44
N GLU F 40 5.67 -25.47 9.68
CA GLU F 40 5.05 -25.46 8.35
C GLU F 40 5.62 -26.58 7.50
N GLY F 41 4.73 -27.42 6.96
CA GLY F 41 5.13 -28.52 6.09
C GLY F 41 5.30 -29.85 6.80
N ASP F 42 5.23 -29.85 8.14
CA ASP F 42 5.26 -31.09 8.93
C ASP F 42 4.07 -31.98 8.59
N ASP F 43 4.30 -33.29 8.60
CA ASP F 43 3.23 -34.25 8.37
C ASP F 43 2.73 -34.79 9.70
N VAL F 44 1.50 -34.41 10.03
CA VAL F 44 0.93 -34.64 11.35
C VAL F 44 -0.05 -35.81 11.32
N THR F 45 0.08 -36.70 12.30
CA THR F 45 -0.89 -37.76 12.53
C THR F 45 -1.46 -37.62 13.93
N VAL F 46 -2.78 -37.56 14.04
CA VAL F 46 -3.43 -37.49 15.34
C VAL F 46 -4.43 -38.63 15.52
N ASN F 47 -4.22 -39.45 16.53
CA ASN F 47 -5.13 -40.54 16.88
C ASN F 47 -6.03 -40.11 18.01
N VAL F 48 -7.33 -40.08 17.71
CA VAL F 48 -8.32 -39.55 18.64
C VAL F 48 -9.23 -40.66 19.17
N THR F 49 -9.20 -40.87 20.49
CA THR F 49 -10.04 -41.88 21.15
C THR F 49 -11.18 -41.24 21.95
N ASN F 50 -12.42 -41.61 21.63
CA ASN F 50 -13.60 -41.07 22.28
C ASN F 50 -13.94 -41.86 23.56
N MET F 51 -13.77 -41.23 24.73
CA MET F 51 -14.05 -41.86 26.03
C MET F 51 -15.27 -41.26 26.73
N THR F 52 -16.11 -40.57 25.95
CA THR F 52 -17.34 -39.98 26.45
C THR F 52 -18.53 -40.78 25.93
N THR F 53 -19.74 -40.36 26.25
CA THR F 53 -20.93 -41.09 25.82
C THR F 53 -21.60 -40.45 24.60
N LEU F 54 -20.93 -39.46 24.02
CA LEU F 54 -21.46 -38.74 22.85
C LEU F 54 -20.47 -38.75 21.67
N PRO F 55 -20.98 -38.61 20.43
CA PRO F 55 -20.08 -38.57 19.27
C PRO F 55 -19.34 -37.23 19.12
N HIS F 56 -18.12 -37.28 18.59
CA HIS F 56 -17.28 -36.10 18.43
C HIS F 56 -16.47 -36.18 17.13
N THR F 57 -15.86 -35.07 16.73
CA THR F 57 -14.83 -35.06 15.68
C THR F 57 -13.72 -34.11 16.13
N ILE F 58 -12.67 -33.99 15.32
CA ILE F 58 -11.78 -32.83 15.40
C ILE F 58 -11.63 -32.18 14.04
N HIS F 59 -12.02 -30.91 13.97
CA HIS F 59 -11.76 -30.09 12.82
C HIS F 59 -10.54 -29.22 13.07
N TRP F 60 -9.66 -29.15 12.07
CA TRP F 60 -8.39 -28.41 12.17
C TRP F 60 -8.55 -27.08 11.42
N HIS F 61 -8.96 -26.07 12.19
CA HIS F 61 -9.40 -24.78 11.64
C HIS F 61 -8.21 -23.99 11.14
N GLY F 62 -8.14 -23.79 9.84
CA GLY F 62 -7.05 -23.06 9.21
C GLY F 62 -6.16 -23.96 8.39
N MET F 63 -6.32 -25.28 8.57
CA MET F 63 -5.58 -26.25 7.76
C MET F 63 -6.29 -26.41 6.44
N LEU F 64 -5.56 -26.12 5.36
CA LEU F 64 -6.07 -26.21 3.99
C LEU F 64 -6.49 -27.63 3.59
N GLN F 65 -5.89 -28.63 4.24
CA GLN F 65 -6.18 -30.05 3.95
C GLN F 65 -6.07 -30.35 2.46
N ARG F 66 -4.97 -29.91 1.85
CA ARG F 66 -4.78 -30.08 0.42
C ARG F 66 -4.67 -31.57 0.09
N GLY F 67 -5.67 -32.08 -0.62
CA GLY F 67 -5.75 -33.50 -0.95
C GLY F 67 -6.04 -34.40 0.24
N THR F 68 -6.39 -33.81 1.38
CA THR F 68 -6.68 -34.58 2.58
C THR F 68 -8.04 -34.23 3.21
N TRP F 69 -9.04 -33.94 2.36
CA TRP F 69 -10.37 -33.58 2.84
C TRP F 69 -11.00 -34.57 3.83
N GLN F 70 -10.68 -35.86 3.69
CA GLN F 70 -11.24 -36.84 4.62
C GLN F 70 -10.69 -36.75 6.05
N SER F 71 -9.71 -35.88 6.27
CA SER F 71 -9.23 -35.55 7.61
C SER F 71 -9.68 -34.15 8.11
N ASP F 72 -10.61 -33.52 7.39
CA ASP F 72 -11.11 -32.18 7.73
C ASP F 72 -11.97 -32.19 9.01
N GLY F 73 -12.50 -33.35 9.38
CA GLY F 73 -13.17 -33.50 10.66
C GLY F 73 -14.59 -32.97 10.77
N VAL F 74 -15.36 -33.02 9.70
CA VAL F 74 -16.76 -32.60 9.75
C VAL F 74 -17.70 -33.80 9.66
N PRO F 75 -18.52 -34.03 10.69
CA PRO F 75 -19.41 -35.19 10.65
C PRO F 75 -20.47 -34.99 9.56
N HIS F 76 -20.83 -36.09 8.89
CA HIS F 76 -21.82 -36.08 7.80
C HIS F 76 -21.38 -35.28 6.58
N ALA F 77 -20.09 -34.97 6.49
CA ALA F 77 -19.55 -34.29 5.32
C ALA F 77 -18.21 -34.87 4.87
N THR F 78 -17.32 -35.15 5.83
CA THR F 78 -16.00 -35.71 5.50
C THR F 78 -15.73 -37.04 6.22
N GLN F 79 -16.59 -37.38 7.19
CA GLN F 79 -16.47 -38.63 7.94
C GLN F 79 -17.77 -38.92 8.68
N HIS F 80 -17.92 -40.15 9.15
CA HIS F 80 -18.87 -40.45 10.21
C HIS F 80 -18.26 -39.93 11.51
N ALA F 81 -19.10 -39.38 12.39
CA ALA F 81 -18.65 -38.97 13.72
C ALA F 81 -17.92 -40.10 14.46
N ILE F 82 -17.01 -39.73 15.36
CA ILE F 82 -16.32 -40.71 16.19
C ILE F 82 -17.27 -41.15 17.31
N GLU F 83 -17.70 -42.40 17.27
CA GLU F 83 -18.61 -42.95 18.26
C GLU F 83 -17.89 -43.23 19.59
N PRO F 84 -18.66 -43.29 20.70
CA PRO F 84 -18.05 -43.64 21.99
C PRO F 84 -17.26 -44.95 21.92
N GLY F 85 -16.06 -44.95 22.50
CA GLY F 85 -15.20 -46.12 22.51
C GLY F 85 -14.33 -46.26 21.27
N ASP F 86 -14.66 -45.54 20.20
CA ASP F 86 -13.93 -45.66 18.93
C ASP F 86 -12.73 -44.73 18.83
N THR F 87 -11.82 -45.07 17.91
CA THR F 87 -10.63 -44.28 17.62
C THR F 87 -10.57 -43.93 16.14
N PHE F 88 -10.33 -42.65 15.84
CA PHE F 88 -10.23 -42.15 14.47
C PHE F 88 -8.87 -41.47 14.27
N THR F 89 -8.27 -41.66 13.10
CA THR F 89 -6.94 -41.12 12.82
C THR F 89 -6.96 -40.01 11.77
N TYR F 90 -6.44 -38.83 12.13
CA TYR F 90 -6.31 -37.71 11.19
C TYR F 90 -4.88 -37.60 10.68
N LYS F 91 -4.75 -37.40 9.37
CA LYS F 91 -3.45 -37.18 8.72
C LYS F 91 -3.53 -35.97 7.81
N PHE F 92 -2.63 -35.02 8.01
CA PHE F 92 -2.59 -33.79 7.21
C PHE F 92 -1.23 -33.10 7.30
N LYS F 93 -0.90 -32.34 6.27
CA LYS F 93 0.29 -31.49 6.28
C LYS F 93 -0.03 -30.20 7.04
N ALA F 94 0.90 -29.77 7.88
CA ALA F 94 0.75 -28.51 8.59
C ALA F 94 0.97 -27.34 7.63
N GLU F 95 -0.13 -26.83 7.08
CA GLU F 95 -0.09 -25.68 6.16
C GLU F 95 -1.48 -25.00 6.06
N PRO F 96 -1.52 -23.66 5.95
CA PRO F 96 -0.37 -22.76 5.97
C PRO F 96 0.11 -22.50 7.39
N ALA F 97 1.11 -21.63 7.52
CA ALA F 97 1.67 -21.29 8.83
C ALA F 97 0.76 -20.29 9.54
N GLY F 98 0.90 -20.17 10.86
CA GLY F 98 0.17 -19.18 11.63
C GLY F 98 -0.59 -19.70 12.84
N THR F 99 -1.37 -18.80 13.45
CA THR F 99 -2.19 -19.13 14.60
C THR F 99 -3.45 -19.82 14.10
N MET F 100 -3.47 -21.14 14.26
CA MET F 100 -4.65 -21.94 13.90
C MET F 100 -5.23 -22.50 15.19
N TRP F 101 -6.30 -23.26 15.09
CA TRP F 101 -6.88 -23.92 16.24
C TRP F 101 -7.64 -25.16 15.85
N TYR F 102 -8.05 -25.93 16.84
CA TYR F 102 -8.78 -27.13 16.57
C TYR F 102 -9.93 -27.27 17.54
N HIS F 103 -11.03 -27.83 17.04
CA HIS F 103 -12.23 -27.97 17.85
C HIS F 103 -13.14 -29.06 17.30
N CYS F 104 -14.04 -29.56 18.15
CA CYS F 104 -15.02 -30.55 17.70
C CYS F 104 -15.96 -29.89 16.70
N HIS F 105 -16.45 -30.66 15.73
CA HIS F 105 -17.40 -30.10 14.76
C HIS F 105 -18.78 -30.77 14.83
N VAL F 106 -19.05 -31.43 15.94
CA VAL F 106 -20.38 -32.01 16.23
C VAL F 106 -21.16 -31.05 17.12
N ASN F 107 -22.42 -30.80 16.78
CA ASN F 107 -23.30 -29.98 17.63
C ASN F 107 -22.58 -28.80 18.28
N VAL F 108 -21.99 -27.95 17.44
CA VAL F 108 -21.04 -26.94 17.89
C VAL F 108 -21.63 -25.94 18.90
N ASN F 109 -22.91 -25.63 18.73
CA ASN F 109 -23.65 -24.75 19.65
C ASN F 109 -23.58 -25.18 21.11
N GLU F 110 -23.33 -26.48 21.34
CA GLU F 110 -23.06 -26.99 22.68
C GLU F 110 -21.58 -27.32 22.89
N HIS F 111 -21.03 -28.18 22.03
CA HIS F 111 -19.71 -28.77 22.25
C HIS F 111 -18.55 -27.77 22.25
N VAL F 112 -18.55 -26.86 21.28
CA VAL F 112 -17.50 -25.83 21.20
C VAL F 112 -17.81 -24.66 22.14
N THR F 113 -19.05 -24.18 22.08
CA THR F 113 -19.49 -23.05 22.89
C THR F 113 -19.30 -23.29 24.39
N MET F 114 -19.77 -24.44 24.89
CA MET F 114 -19.79 -24.65 26.34
C MET F 114 -19.29 -26.00 26.87
N ARG F 115 -18.64 -26.80 26.03
CA ARG F 115 -18.06 -28.06 26.50
C ARG F 115 -16.54 -28.14 26.34
N GLY F 116 -15.90 -26.99 26.11
CA GLY F 116 -14.44 -26.87 26.11
C GLY F 116 -13.68 -27.67 25.07
N MET F 117 -14.34 -27.99 23.96
CA MET F 117 -13.74 -28.84 22.95
C MET F 117 -12.92 -28.04 21.94
N TRP F 118 -11.83 -27.44 22.41
CA TRP F 118 -11.01 -26.56 21.59
C TRP F 118 -9.60 -26.38 22.17
N GLY F 119 -8.65 -26.15 21.27
CA GLY F 119 -7.27 -25.87 21.64
C GLY F 119 -6.50 -25.25 20.49
N PRO F 120 -5.29 -24.75 20.76
CA PRO F 120 -4.49 -24.03 19.77
C PRO F 120 -3.60 -24.91 18.89
N LEU F 121 -3.50 -24.53 17.62
CA LEU F 121 -2.61 -25.21 16.69
C LEU F 121 -1.69 -24.15 16.09
N ILE F 122 -0.47 -24.07 16.62
CA ILE F 122 0.47 -23.05 16.19
C ILE F 122 1.44 -23.65 15.18
N VAL F 123 1.39 -23.12 13.96
CA VAL F 123 2.25 -23.58 12.87
C VAL F 123 3.30 -22.50 12.58
N GLU F 124 4.56 -22.82 12.86
CA GLU F 124 5.66 -21.88 12.64
C GLU F 124 6.01 -21.79 11.17
N PRO F 125 6.20 -20.57 10.65
CA PRO F 125 6.66 -20.41 9.27
C PRO F 125 8.10 -20.88 9.11
N LYS F 126 8.41 -21.43 7.93
CA LYS F 126 9.78 -21.80 7.60
C LYS F 126 10.66 -20.55 7.53
N ASN F 127 10.09 -19.47 6.99
CA ASN F 127 10.78 -18.18 6.90
C ASN F 127 9.96 -17.06 7.55
N PRO F 128 10.15 -16.84 8.86
CA PRO F 128 9.38 -15.83 9.59
C PRO F 128 9.66 -14.42 9.08
N LEU F 129 8.64 -13.56 9.14
CA LEU F 129 8.80 -12.17 8.70
C LEU F 129 9.60 -11.36 9.73
N PRO F 130 10.23 -10.24 9.31
CA PRO F 130 11.00 -9.39 10.22
C PRO F 130 10.27 -9.05 11.53
N ILE F 131 8.99 -8.71 11.47
CA ILE F 131 8.24 -8.38 12.69
C ILE F 131 8.15 -9.58 13.66
N GLU F 132 7.99 -10.78 13.12
CA GLU F 132 7.95 -11.99 13.93
C GLU F 132 9.28 -12.21 14.68
N LYS F 133 10.38 -11.85 14.03
CA LYS F 133 11.71 -12.03 14.61
C LYS F 133 12.00 -11.05 15.76
N THR F 134 11.24 -9.97 15.82
CA THR F 134 11.37 -9.01 16.94
C THR F 134 10.73 -9.51 18.23
N VAL F 135 9.88 -10.54 18.13
CA VAL F 135 9.09 -11.02 19.27
C VAL F 135 9.95 -11.77 20.28
N THR F 136 9.81 -11.41 21.56
CA THR F 136 10.57 -12.06 22.64
C THR F 136 9.75 -13.10 23.44
N LYS F 137 8.43 -12.89 23.50
CA LYS F 137 7.52 -13.75 24.27
C LYS F 137 6.20 -13.89 23.52
N ASP F 138 5.66 -15.11 23.50
CA ASP F 138 4.51 -15.46 22.66
C ASP F 138 3.39 -15.98 23.57
N TYR F 139 2.19 -15.43 23.40
CA TYR F 139 1.04 -15.76 24.28
C TYR F 139 -0.18 -16.17 23.46
N ILE F 140 -0.91 -17.17 23.95
CA ILE F 140 -2.16 -17.62 23.33
C ILE F 140 -3.33 -17.27 24.24
N LEU F 141 -4.29 -16.52 23.71
CA LEU F 141 -5.51 -16.19 24.46
C LEU F 141 -6.74 -16.67 23.70
N MET F 142 -7.34 -17.73 24.22
CA MET F 142 -8.55 -18.30 23.64
C MET F 142 -9.74 -17.76 24.39
N LEU F 143 -10.64 -17.09 23.65
CA LEU F 143 -11.75 -16.35 24.24
C LEU F 143 -13.05 -17.14 24.12
N SER F 144 -13.73 -17.34 25.25
CA SER F 144 -14.95 -18.16 25.30
C SER F 144 -16.07 -17.53 26.12
N ASP F 145 -17.30 -17.88 25.76
CA ASP F 145 -18.50 -17.39 26.43
C ASP F 145 -19.31 -18.61 26.87
N TRP F 146 -19.78 -18.61 28.12
CA TRP F 146 -20.44 -19.79 28.72
C TRP F 146 -21.84 -19.45 29.22
N VAL F 147 -22.73 -20.46 29.18
CA VAL F 147 -24.11 -20.36 29.69
C VAL F 147 -24.25 -21.29 30.91
N SER F 148 -24.14 -20.74 32.11
CA SER F 148 -24.03 -21.56 33.34
C SER F 148 -25.25 -22.45 33.65
N SER F 149 -26.40 -22.15 33.04
CA SER F 149 -27.60 -22.97 33.25
C SER F 149 -27.43 -24.40 32.70
N TRP F 150 -26.47 -24.59 31.79
CA TRP F 150 -26.19 -25.91 31.22
C TRP F 150 -24.90 -26.53 31.78
N ALA F 151 -24.36 -25.94 32.85
CA ALA F 151 -23.05 -26.33 33.40
C ALA F 151 -22.94 -27.82 33.68
N ASN F 152 -23.99 -28.39 34.26
CA ASN F 152 -23.98 -29.80 34.63
C ASN F 152 -25.07 -30.61 33.91
N LYS F 153 -25.42 -30.16 32.71
CA LYS F 153 -26.36 -30.87 31.86
C LYS F 153 -25.73 -31.27 30.53
N PRO F 154 -24.74 -32.21 30.56
CA PRO F 154 -24.08 -32.59 29.30
C PRO F 154 -25.05 -33.16 28.28
N GLY F 155 -24.81 -32.87 27.00
CA GLY F 155 -25.71 -33.32 25.94
C GLY F 155 -26.87 -32.36 25.71
N GLU F 156 -26.85 -31.23 26.41
CA GLU F 156 -27.86 -30.20 26.28
C GLU F 156 -27.24 -28.81 26.25
N GLY F 157 -27.97 -27.85 25.69
CA GLY F 157 -27.56 -26.45 25.69
C GLY F 157 -27.28 -25.84 24.34
N GLY F 158 -27.13 -24.51 24.32
CA GLY F 158 -26.84 -23.77 23.09
C GLY F 158 -28.07 -23.57 22.24
N ILE F 159 -29.15 -23.13 22.88
CA ILE F 159 -30.45 -22.99 22.22
C ILE F 159 -31.04 -21.59 22.47
N PRO F 160 -32.00 -21.14 21.63
CA PRO F 160 -32.60 -19.83 21.84
C PRO F 160 -33.09 -19.65 23.29
N GLY F 161 -32.85 -18.48 23.86
CA GLY F 161 -33.23 -18.19 25.24
C GLY F 161 -32.10 -18.32 26.24
N ASP F 162 -30.99 -18.93 25.84
CA ASP F 162 -29.80 -19.06 26.69
C ASP F 162 -29.31 -17.72 27.20
N VAL F 163 -28.92 -17.69 28.47
CA VAL F 163 -28.34 -16.51 29.08
C VAL F 163 -26.86 -16.72 29.34
N PHE F 164 -26.01 -16.09 28.52
CA PHE F 164 -24.58 -16.15 28.72
C PHE F 164 -24.23 -15.36 29.97
N ASP F 165 -23.35 -15.91 30.80
CA ASP F 165 -23.07 -15.27 32.10
C ASP F 165 -21.63 -15.41 32.61
N TYR F 166 -20.82 -16.20 31.92
CA TYR F 166 -19.40 -16.28 32.23
C TYR F 166 -18.58 -16.17 30.96
N TYR F 167 -17.42 -15.55 31.08
CA TYR F 167 -16.55 -15.25 29.96
C TYR F 167 -15.12 -15.46 30.38
N THR F 168 -14.34 -16.11 29.52
CA THR F 168 -13.04 -16.62 29.93
C THR F 168 -11.92 -16.38 28.94
N ILE F 169 -10.71 -16.28 29.47
CA ILE F 169 -9.49 -16.44 28.70
C ILE F 169 -8.91 -17.79 29.14
N ASN F 170 -8.74 -18.69 28.18
CA ASN F 170 -8.23 -20.04 28.45
C ASN F 170 -8.97 -20.71 29.61
N ALA F 171 -10.29 -20.62 29.55
CA ALA F 171 -11.21 -21.28 30.53
C ALA F 171 -11.20 -20.72 31.96
N LYS F 172 -10.58 -19.57 32.18
CA LYS F 172 -10.66 -18.89 33.49
C LYS F 172 -11.20 -17.47 33.34
N SER F 173 -12.02 -17.04 34.30
CA SER F 173 -12.43 -15.64 34.39
C SER F 173 -11.57 -14.91 35.41
N PHE F 174 -11.38 -13.61 35.19
CA PHE F 174 -10.79 -12.74 36.20
C PHE F 174 -11.63 -12.86 37.47
N PRO F 175 -10.99 -12.87 38.66
CA PRO F 175 -9.59 -12.63 38.98
C PRO F 175 -8.69 -13.87 39.00
N GLU F 176 -9.14 -14.94 38.36
CA GLU F 176 -8.41 -16.20 38.36
C GLU F 176 -7.67 -16.46 37.04
N THR F 177 -7.53 -15.40 36.23
CA THR F 177 -6.58 -15.42 35.12
C THR F 177 -5.20 -15.13 35.71
N GLN F 178 -4.18 -15.05 34.85
CA GLN F 178 -2.81 -14.77 35.28
C GLN F 178 -2.29 -13.49 34.63
N PRO F 179 -1.48 -12.71 35.37
CA PRO F 179 -0.90 -11.51 34.76
C PRO F 179 0.11 -11.90 33.69
N ILE F 180 0.27 -11.03 32.70
CA ILE F 180 1.32 -11.17 31.70
C ILE F 180 2.53 -10.38 32.20
N ARG F 181 3.62 -11.09 32.47
CA ARG F 181 4.80 -10.49 33.11
C ARG F 181 5.90 -10.20 32.10
N VAL F 182 6.34 -8.95 32.06
CA VAL F 182 7.27 -8.47 31.04
C VAL F 182 8.36 -7.59 31.67
N LYS F 183 9.35 -7.22 30.86
CA LYS F 183 10.28 -6.15 31.23
C LYS F 183 10.43 -5.19 30.07
N LYS F 184 10.90 -3.98 30.36
CA LYS F 184 11.09 -2.97 29.31
C LYS F 184 12.01 -3.52 28.21
N GLY F 185 11.58 -3.41 26.97
CA GLY F 185 12.34 -3.91 25.83
C GLY F 185 11.79 -5.20 25.26
N ASP F 186 10.96 -5.90 26.04
CA ASP F 186 10.22 -7.06 25.53
C ASP F 186 9.31 -6.65 24.38
N VAL F 187 9.05 -7.61 23.49
CA VAL F 187 8.05 -7.46 22.42
C VAL F 187 7.19 -8.70 22.54
N ILE F 188 5.91 -8.51 22.80
CA ILE F 188 5.04 -9.66 22.99
C ILE F 188 4.09 -9.84 21.81
N ARG F 189 3.71 -11.08 21.58
CA ARG F 189 2.77 -11.45 20.53
C ARG F 189 1.60 -12.09 21.23
N LEU F 190 0.43 -11.46 21.12
CA LEU F 190 -0.80 -12.00 21.66
C LEU F 190 -1.58 -12.67 20.55
N ARG F 191 -1.68 -13.98 20.60
CA ARG F 191 -2.42 -14.73 19.60
C ARG F 191 -3.87 -14.87 20.10
N LEU F 192 -4.74 -14.03 19.56
CA LEU F 192 -6.13 -13.98 19.99
C LEU F 192 -6.97 -14.95 19.17
N ILE F 193 -7.73 -15.82 19.84
CA ILE F 193 -8.54 -16.81 19.15
C ILE F 193 -10.01 -16.70 19.55
N GLY F 194 -10.88 -16.45 18.57
CA GLY F 194 -12.32 -16.30 18.82
C GLY F 194 -12.99 -17.66 18.91
N ALA F 195 -12.82 -18.31 20.07
CA ALA F 195 -13.35 -19.65 20.28
C ALA F 195 -14.81 -19.62 20.72
N GLY F 196 -15.32 -18.42 20.99
CA GLY F 196 -16.65 -18.26 21.57
C GLY F 196 -17.75 -17.94 20.58
N ASP F 197 -18.95 -17.71 21.11
CA ASP F 197 -20.11 -17.40 20.28
C ASP F 197 -20.25 -15.90 20.03
N HIS F 198 -19.53 -15.10 20.83
CA HIS F 198 -19.70 -13.65 20.79
C HIS F 198 -18.51 -12.97 20.10
N VAL F 199 -18.74 -11.72 19.68
CA VAL F 199 -17.65 -10.86 19.26
C VAL F 199 -16.99 -10.33 20.54
N HIS F 200 -15.67 -10.21 20.54
CA HIS F 200 -14.94 -9.63 21.67
C HIS F 200 -14.18 -8.41 21.17
N ALA F 201 -13.96 -7.44 22.06
CA ALA F 201 -13.25 -6.22 21.70
C ALA F 201 -12.07 -6.05 22.66
N ILE F 202 -10.94 -6.60 22.27
CA ILE F 202 -9.79 -6.71 23.18
C ILE F 202 -8.98 -5.42 23.20
N HIS F 203 -8.99 -4.76 24.36
CA HIS F 203 -8.39 -3.46 24.55
C HIS F 203 -7.19 -3.57 25.49
N THR F 204 -6.06 -2.99 25.09
CA THR F 204 -4.84 -3.00 25.90
C THR F 204 -4.42 -1.58 26.27
N HIS F 205 -4.32 -1.32 27.58
CA HIS F 205 -3.89 -0.02 28.10
C HIS F 205 -2.40 0.21 27.92
N GLY F 206 -2.03 1.48 27.73
CA GLY F 206 -0.64 1.92 27.80
C GLY F 206 0.29 1.57 26.65
N HIS F 207 -0.25 0.95 25.60
CA HIS F 207 0.55 0.41 24.51
C HIS F 207 -0.19 0.53 23.20
N ILE F 208 0.57 0.49 22.11
CA ILE F 208 0.00 0.45 20.78
C ILE F 208 -0.14 -1.00 20.32
N SER F 209 -1.37 -1.40 20.02
CA SER F 209 -1.66 -2.70 19.46
C SER F 209 -1.38 -2.65 17.97
N GLN F 210 -0.45 -3.49 17.52
CA GLN F 210 -0.18 -3.62 16.09
C GLN F 210 -0.82 -4.91 15.63
N ILE F 211 -1.98 -4.79 14.98
CA ILE F 211 -2.66 -5.96 14.43
C ILE F 211 -1.89 -6.40 13.18
N ALA F 212 -1.18 -7.51 13.28
CA ALA F 212 -0.19 -7.89 12.26
C ALA F 212 -0.57 -9.11 11.40
N PHE F 213 -1.43 -9.98 11.95
CA PHE F 213 -1.86 -11.20 11.26
C PHE F 213 -3.34 -11.39 11.44
N LYS F 214 -4.04 -11.82 10.40
CA LYS F 214 -5.43 -12.27 10.51
C LYS F 214 -5.54 -13.69 9.98
N ASP F 215 -6.17 -14.57 10.75
CA ASP F 215 -6.34 -16.00 10.39
C ASP F 215 -5.03 -16.65 9.94
N GLY F 216 -3.93 -16.27 10.59
CA GLY F 216 -2.61 -16.82 10.27
C GLY F 216 -1.84 -16.08 9.18
N PHE F 217 -2.54 -15.32 8.34
CA PHE F 217 -1.91 -14.61 7.22
C PHE F 217 -1.47 -13.21 7.61
N PRO F 218 -0.22 -12.84 7.25
CA PRO F 218 0.25 -11.48 7.55
C PRO F 218 -0.57 -10.43 6.81
N LEU F 219 -0.91 -9.36 7.53
CA LEU F 219 -1.52 -8.21 6.90
C LEU F 219 -0.45 -7.43 6.14
N ASP F 220 -0.80 -6.96 4.94
CA ASP F 220 0.10 -6.14 4.12
C ASP F 220 0.96 -5.19 4.97
N LYS F 221 0.30 -4.44 5.86
CA LYS F 221 0.97 -3.68 6.93
C LYS F 221 0.13 -3.80 8.18
N PRO F 222 0.77 -3.88 9.36
CA PRO F 222 0.02 -3.92 10.62
C PRO F 222 -0.91 -2.71 10.79
N ILE F 223 -2.09 -2.95 11.35
CA ILE F 223 -3.04 -1.89 11.67
C ILE F 223 -2.80 -1.46 13.12
N LYS F 224 -2.51 -0.16 13.32
CA LYS F 224 -2.29 0.38 14.66
C LYS F 224 -3.61 0.82 15.30
N GLY F 225 -3.73 0.56 16.60
CA GLY F 225 -4.91 0.95 17.35
C GLY F 225 -4.76 0.57 18.81
N ASP F 226 -5.87 0.46 19.52
CA ASP F 226 -5.80 0.03 20.92
C ASP F 226 -6.89 -0.99 21.27
N THR F 227 -7.81 -1.21 20.34
CA THR F 227 -8.90 -2.18 20.54
C THR F 227 -9.02 -3.04 19.29
N VAL F 228 -9.09 -4.35 19.48
CA VAL F 228 -9.15 -5.30 18.38
C VAL F 228 -10.50 -6.01 18.42
N LEU F 229 -11.34 -5.76 17.41
CA LEU F 229 -12.63 -6.42 17.34
C LEU F 229 -12.45 -7.79 16.70
N ILE F 230 -12.71 -8.84 17.46
CA ILE F 230 -12.48 -10.23 17.01
C ILE F 230 -13.75 -11.06 17.12
N GLY F 231 -14.15 -11.67 15.99
CA GLY F 231 -15.37 -12.45 15.91
C GLY F 231 -15.11 -13.95 15.99
N PRO F 232 -16.17 -14.75 16.23
CA PRO F 232 -16.08 -16.21 16.29
C PRO F 232 -15.36 -16.79 15.09
N GLY F 233 -14.37 -17.64 15.35
CA GLY F 233 -13.60 -18.30 14.29
C GLY F 233 -12.34 -17.58 13.85
N GLU F 234 -12.31 -16.26 14.05
CA GLU F 234 -11.18 -15.42 13.64
C GLU F 234 -9.98 -15.59 14.57
N ARG F 235 -8.79 -15.33 14.04
CA ARG F 235 -7.58 -15.18 14.85
C ARG F 235 -6.91 -13.89 14.45
N TYR F 236 -6.43 -13.15 15.44
CA TYR F 236 -5.61 -11.97 15.22
C TYR F 236 -4.37 -12.07 16.08
N ASP F 237 -3.20 -11.86 15.47
CA ASP F 237 -1.96 -11.74 16.22
C ASP F 237 -1.65 -10.28 16.43
N VAL F 238 -1.57 -9.88 17.69
CA VAL F 238 -1.31 -8.50 18.03
C VAL F 238 0.07 -8.40 18.62
N ILE F 239 0.92 -7.60 18.00
CA ILE F 239 2.27 -7.39 18.49
C ILE F 239 2.36 -6.07 19.26
N LEU F 240 2.95 -6.14 20.46
CA LEU F 240 3.01 -5.00 21.36
C LEU F 240 4.45 -4.79 21.82
N ASN F 241 4.95 -3.59 21.61
CA ASN F 241 6.29 -3.21 22.08
C ASN F 241 6.21 -2.76 23.54
N MET F 242 6.91 -3.48 24.43
CA MET F 242 6.84 -3.19 25.86
C MET F 242 7.84 -2.10 26.25
N ASP F 243 7.48 -0.85 25.95
CA ASP F 243 8.35 0.30 26.13
C ASP F 243 7.84 1.28 27.20
N ASN F 244 6.95 0.80 28.05
CA ASN F 244 6.20 1.69 28.96
C ASN F 244 5.91 1.05 30.34
N PRO F 245 6.92 1.05 31.24
CA PRO F 245 6.71 0.41 32.56
C PRO F 245 5.52 0.91 33.40
N GLY F 246 4.73 -0.06 33.88
CA GLY F 246 3.56 0.18 34.70
C GLY F 246 2.78 -1.11 34.92
N LEU F 247 1.59 -0.98 35.51
CA LEU F 247 0.63 -2.09 35.58
C LEU F 247 -0.57 -1.76 34.68
N TRP F 248 -0.80 -2.60 33.67
CA TRP F 248 -1.68 -2.25 32.56
C TRP F 248 -2.79 -3.26 32.30
N MET F 249 -4.03 -2.78 32.27
CA MET F 249 -5.19 -3.61 31.97
C MET F 249 -5.20 -4.08 30.53
N ILE F 250 -5.54 -5.35 30.35
CA ILE F 250 -6.01 -5.84 29.07
C ILE F 250 -7.35 -6.53 29.34
N HIS F 251 -8.38 -6.17 28.57
CA HIS F 251 -9.71 -6.66 28.83
C HIS F 251 -10.61 -6.52 27.62
N ASP F 252 -11.73 -7.24 27.65
CA ASP F 252 -12.76 -7.11 26.63
C ASP F 252 -13.45 -5.79 26.93
N HIS F 253 -13.58 -4.93 25.92
CA HIS F 253 -14.25 -3.64 26.09
C HIS F 253 -15.78 -3.75 25.93
N VAL F 254 -16.29 -4.94 25.61
CA VAL F 254 -17.72 -5.15 25.82
C VAL F 254 -17.98 -5.39 27.31
N ASP F 255 -18.62 -4.39 27.92
CA ASP F 255 -18.71 -4.29 29.37
C ASP F 255 -19.40 -5.48 30.03
N THR F 256 -20.38 -6.06 29.33
CA THR F 256 -21.09 -7.23 29.85
C THR F 256 -20.26 -8.52 29.76
N HIS F 257 -19.07 -8.45 29.17
CA HIS F 257 -18.13 -9.56 29.21
C HIS F 257 -17.13 -9.46 30.37
N THR F 258 -17.30 -8.46 31.22
CA THR F 258 -16.42 -8.24 32.37
C THR F 258 -17.12 -8.50 33.71
N THR F 259 -18.14 -9.36 33.67
CA THR F 259 -18.87 -9.75 34.86
C THR F 259 -18.81 -11.27 35.06
N ASN F 260 -18.79 -11.70 36.32
CA ASN F 260 -18.94 -13.11 36.68
C ASN F 260 -20.34 -13.28 37.22
N GLY F 261 -21.22 -13.93 36.46
CA GLY F 261 -22.63 -13.98 36.81
C GLY F 261 -23.14 -12.54 36.90
N ASP F 262 -23.72 -12.17 38.04
CA ASP F 262 -24.21 -10.79 38.17
C ASP F 262 -23.25 -9.87 38.94
N LYS F 263 -22.01 -10.31 39.14
CA LYS F 263 -21.00 -9.51 39.86
C LYS F 263 -20.02 -8.84 38.91
N PRO F 264 -19.73 -7.54 39.13
CA PRO F 264 -18.75 -6.81 38.32
C PRO F 264 -17.30 -7.25 38.60
N ASP F 265 -16.35 -6.72 37.83
CA ASP F 265 -14.91 -7.01 38.00
C ASP F 265 -14.54 -8.47 37.76
N GLY F 266 -14.98 -9.02 36.63
CA GLY F 266 -14.67 -10.39 36.28
C GLY F 266 -14.46 -10.57 34.78
N GLY F 267 -14.75 -11.78 34.31
CA GLY F 267 -14.73 -12.08 32.88
C GLY F 267 -13.38 -12.01 32.20
N ILE F 268 -13.40 -11.53 30.96
CA ILE F 268 -12.23 -11.47 30.09
C ILE F 268 -11.38 -10.25 30.44
N MET F 269 -10.39 -10.48 31.29
CA MET F 269 -9.63 -9.42 31.91
C MET F 269 -8.35 -10.01 32.50
N THR F 270 -7.23 -9.33 32.25
CA THR F 270 -5.98 -9.57 32.98
C THR F 270 -5.15 -8.29 33.02
N THR F 271 -3.92 -8.39 33.50
CA THR F 271 -3.01 -7.25 33.55
C THR F 271 -1.69 -7.59 32.91
N ILE F 272 -0.98 -6.55 32.48
CA ILE F 272 0.43 -6.65 32.12
C ILE F 272 1.23 -6.05 33.28
N GLU F 273 2.20 -6.82 33.78
CA GLU F 273 3.03 -6.37 34.89
C GLU F 273 4.48 -6.23 34.43
N TYR F 274 5.00 -5.01 34.50
CA TYR F 274 6.42 -4.79 34.22
C TYR F 274 7.20 -5.00 35.52
N GLU F 275 8.32 -5.72 35.44
CA GLU F 275 9.11 -5.98 36.64
C GLU F 275 9.71 -4.71 37.26
N GLU F 276 9.97 -3.71 36.43
CA GLU F 276 10.53 -2.42 36.87
C GLU F 276 9.67 -1.66 37.88
N VAL F 277 8.35 -1.88 37.84
CA VAL F 277 7.45 -1.16 38.77
C VAL F 277 7.02 -2.01 39.96
N GLY F 278 7.12 -3.34 39.83
CA GLY F 278 6.75 -4.27 40.90
C GLY F 278 5.26 -4.35 41.16
N ILE F 279 4.86 -5.23 42.07
CA ILE F 279 3.44 -5.45 42.36
C ILE F 279 3.06 -5.08 43.79
N ASP F 280 4.02 -4.55 44.53
CA ASP F 280 3.82 -4.21 45.93
C ASP F 280 3.14 -2.83 46.07
N HIS F 281 1.86 -2.78 45.70
CA HIS F 281 1.08 -1.54 45.78
C HIS F 281 -0.20 -1.81 46.55
N PRO F 282 -0.53 -0.94 47.54
CA PRO F 282 -1.70 -1.17 48.39
C PRO F 282 -3.01 -1.36 47.61
N PHE F 283 -3.14 -0.64 46.50
CA PHE F 283 -4.36 -0.69 45.68
C PHE F 283 -4.43 -1.88 44.72
N TYR F 284 -3.30 -2.55 44.47
CA TYR F 284 -3.24 -3.57 43.41
C TYR F 284 -3.91 -4.89 43.79
N VAL F 285 -4.90 -5.27 42.97
CA VAL F 285 -5.70 -6.48 43.18
C VAL F 285 -4.83 -7.74 43.32
N TRP F 286 -3.73 -7.78 42.56
CA TRP F 286 -2.90 -8.98 42.50
C TRP F 286 -1.55 -8.83 43.24
N LYS F 287 -1.53 -7.98 44.27
CA LYS F 287 -0.29 -7.77 45.02
C LYS F 287 0.22 -9.06 45.68
N ASP F 288 -0.70 -9.93 46.11
CA ASP F 288 -0.38 -11.17 46.79
C ASP F 288 -0.73 -12.40 45.96
N LYS F 289 -0.83 -12.22 44.65
CA LYS F 289 -1.27 -13.27 43.74
C LYS F 289 -0.25 -14.39 43.61
N LYS F 290 -0.73 -15.64 43.72
CA LYS F 290 0.08 -16.81 43.42
C LYS F 290 0.20 -16.95 41.90
N PHE F 291 1.36 -16.61 41.37
CA PHE F 291 1.59 -16.71 39.93
C PHE F 291 1.64 -18.16 39.47
N VAL F 292 1.04 -18.42 38.32
CA VAL F 292 1.03 -19.76 37.71
C VAL F 292 1.57 -19.64 36.29
N PRO F 293 2.82 -20.13 36.06
CA PRO F 293 3.40 -20.12 34.71
C PRO F 293 2.62 -20.98 33.70
N ASP F 294 2.74 -20.62 32.41
CA ASP F 294 2.19 -21.36 31.28
C ASP F 294 0.65 -21.26 31.12
N PHE F 295 0.03 -20.26 31.75
CA PHE F 295 -1.41 -20.07 31.59
C PHE F 295 -1.79 -19.59 30.18
N TYR F 296 -0.81 -19.06 29.45
CA TYR F 296 -1.02 -18.64 28.06
C TYR F 296 -0.18 -19.50 27.12
N TYR F 297 0.23 -20.67 27.61
CA TYR F 297 1.16 -21.56 26.88
C TYR F 297 2.50 -20.87 26.55
N GLU F 298 2.81 -19.79 27.29
CA GLU F 298 4.00 -18.98 26.97
C GLU F 298 5.32 -19.71 27.21
N GLU F 299 5.32 -20.67 28.13
CA GLU F 299 6.50 -21.52 28.37
C GLU F 299 6.54 -22.70 27.40
N SER F 300 5.41 -23.36 27.24
CA SER F 300 5.29 -24.51 26.32
C SER F 300 5.68 -24.18 24.89
N LEU F 301 5.38 -22.95 24.45
CA LEU F 301 5.76 -22.48 23.11
C LEU F 301 7.27 -22.37 22.92
N LYS F 302 8.00 -22.30 24.03
CA LYS F 302 9.48 -22.23 23.99
C LYS F 302 10.12 -23.63 23.97
N LYS F 303 9.37 -24.65 24.41
CA LYS F 303 9.84 -26.03 24.39
C LYS F 303 9.98 -26.54 22.96
N ASP F 304 10.58 -27.72 22.80
CA ASP F 304 10.73 -28.34 21.49
C ASP F 304 9.35 -28.56 20.84
N LEU F 305 9.30 -28.45 19.51
CA LEU F 305 8.07 -28.68 18.75
C LEU F 305 7.44 -30.04 19.08
N GLY F 306 6.11 -30.07 19.10
CA GLY F 306 5.36 -31.29 19.41
C GLY F 306 4.01 -30.95 20.02
N MET F 307 3.46 -31.91 20.76
CA MET F 307 2.24 -31.67 21.51
C MET F 307 2.58 -31.48 22.97
N HIS F 308 1.98 -30.45 23.57
CA HIS F 308 2.22 -30.17 24.97
C HIS F 308 0.95 -30.19 25.80
N ASN F 309 0.87 -31.19 26.69
CA ASN F 309 -0.13 -31.23 27.73
C ASN F 309 0.22 -30.21 28.80
N SER F 310 -0.77 -29.87 29.61
CA SER F 310 -0.59 -28.85 30.63
C SER F 310 -1.27 -29.28 31.92
N LYS F 311 -0.57 -29.07 33.02
CA LYS F 311 -1.13 -29.33 34.34
C LYS F 311 -2.02 -28.17 34.77
N VAL F 312 -1.73 -26.99 34.24
CA VAL F 312 -2.51 -25.79 34.52
C VAL F 312 -3.96 -25.95 34.04
N PHE F 313 -4.13 -26.51 32.84
CA PHE F 313 -5.45 -26.61 32.22
C PHE F 313 -6.19 -27.91 32.55
N LYS F 314 -5.51 -28.81 33.25
CA LYS F 314 -6.07 -30.11 33.58
C LYS F 314 -7.24 -30.00 34.56
N GLY F 315 -8.35 -30.64 34.23
CA GLY F 315 -9.50 -30.69 35.13
C GLY F 315 -9.55 -32.00 35.94
N GLU F 316 -10.71 -32.29 36.50
CA GLU F 316 -10.94 -33.53 37.24
C GLU F 316 -11.83 -34.47 36.42
N PRO F 317 -11.43 -35.75 36.29
CA PRO F 317 -12.28 -36.74 35.64
C PRO F 317 -13.68 -36.79 36.26
N ILE F 318 -14.70 -37.02 35.44
CA ILE F 318 -16.07 -37.16 35.93
C ILE F 318 -16.53 -38.62 35.83
#